data_6E56
#
_entry.id   6E56
#
_cell.length_a   77.550
_cell.length_b   98.710
_cell.length_c   224.870
_cell.angle_alpha   90.00
_cell.angle_beta   90.00
_cell.angle_gamma   90.00
#
_symmetry.space_group_name_H-M   'P 21 2 21'
#
loop_
_entity.id
_entity.type
_entity.pdbx_description
1 polymer Hemagglutinin
2 polymer 'antibody H2214 heavy chain'
3 polymer 'antibody H2214 light chain, K1642'
4 branched 2-acetamido-2-deoxy-beta-D-glucopyranose-(1-4)-2-acetamido-2-deoxy-beta-D-glucopyranose
5 non-polymer 2-acetamido-2-deoxy-beta-D-glucopyranose
6 non-polymer 'ACETATE ION'
7 water water
#
loop_
_entity_poly.entity_id
_entity_poly.type
_entity_poly.pdbx_seq_one_letter_code
_entity_poly.pdbx_strand_id
1 'polypeptide(L)'
;TNATELVQSSSTGKICNNPHRILDGIDCTLIDALLGDPHCDVFQNETWDLFVERSKAFSNCYPYDVPDYASLRSLVASSG
TLEFITEGFTWTGVTQNGGSNACKRGPGSGFFSRLNWLTKSGSTYPVLNVTMPNNDNFDKLYIWGIHHPSTDQEQTSLYV
QASGRVTVSTRRSQQTIIPNIGSRPWVRGLSSRISIYWTIVKPGDVLVINSNGNLIAPRGYFKMRTGKSSIMRSDAPIDT
CISECITPNGSIPNDKPFQNVNKITYGACPKYVKQNTLKLATGGLEVLFQ
;
D,A
2 'polypeptide(L)'
;EVQLLESGGGLVQPGGSLRLSCAASGFTFNHYAMTWVRQAPGKGLEWVASSSGSGRSTYYTDSVKGRFSVSRDNSKNTLY
LQMNSLRAEDTAVYYCAKSSNYYGSGSYSPDDYYHMDVWGQGTTVTVSGASTKGPSVFPLAPSSKSTSGGTAALGCLVKD
YFPEPVTVSWNSGALTSGVHTFPAVLQSSGLYSLSSVVTVPSSSLGTQTYICNVNHKPSNTKVDKRVEPKSCDKGSSLEV
LFQGPLGHHHHHH
;
H,G
3 'polypeptide(L)'
;EIVMTQSPDTLSVSPGERATLSCRASESISSNLAWYQQKPGQVPRLLIYGASTRATGVPARFTGSGSGTEFTLTISSLQS
EDFAVYYCQQYNNRLPYTFGQGTKLEIKRTVAAPSVFIFPPSDEQLKSGTASVVCLLNNFYPREAKVQWKVDNALQSGNS
QESVTEQDSKDSTYSLSSTLTLSKADYEKHKVYACEVTHQGLSSPVTKSFNRGEC
;
I,J
#
loop_
_chem_comp.id
_chem_comp.type
_chem_comp.name
_chem_comp.formula
ACT non-polymer 'ACETATE ION' 'C2 H3 O2 -1'
NAG D-saccharide, beta linking 2-acetamido-2-deoxy-beta-D-glucopyranose 'C8 H15 N O6'
#
# COMPACT_ATOMS: atom_id res chain seq x y z
N THR A 4 45.79 -7.72 10.37
CA THR A 4 47.01 -7.92 9.59
C THR A 4 48.24 -7.63 10.45
N GLU A 5 49.42 -7.94 9.93
CA GLU A 5 50.68 -7.66 10.61
C GLU A 5 50.94 -6.16 10.75
N LEU A 6 50.20 -5.33 10.03
CA LEU A 6 50.34 -3.88 10.13
C LEU A 6 49.34 -3.25 11.09
N VAL A 7 48.44 -4.05 11.66
CA VAL A 7 47.40 -3.54 12.54
C VAL A 7 47.62 -4.09 13.94
N GLN A 8 47.75 -3.20 14.92
CA GLN A 8 47.83 -3.59 16.32
C GLN A 8 46.43 -3.95 16.81
N SER A 9 46.24 -5.22 17.20
CA SER A 9 44.93 -5.71 17.58
C SER A 9 44.83 -6.10 19.06
N SER A 10 45.92 -6.07 19.80
CA SER A 10 45.94 -6.50 21.19
C SER A 10 46.39 -5.37 22.09
N SER A 11 45.91 -5.40 23.33
CA SER A 11 46.25 -4.40 24.33
C SER A 11 46.78 -5.09 25.57
N THR A 12 47.46 -4.32 26.42
CA THR A 12 47.97 -4.87 27.68
C THR A 12 46.87 -5.01 28.73
N GLY A 13 45.76 -4.29 28.59
CA GLY A 13 44.74 -4.28 29.61
C GLY A 13 45.04 -3.39 30.79
N LYS A 14 46.17 -2.69 30.78
CA LYS A 14 46.56 -1.78 31.85
C LYS A 14 47.03 -0.48 31.25
N ILE A 15 46.92 0.60 32.01
CA ILE A 15 47.31 1.94 31.57
C ILE A 15 48.67 2.26 32.19
N CYS A 16 49.66 2.54 31.34
CA CYS A 16 51.02 2.81 31.81
C CYS A 16 51.18 4.27 32.21
N ASN A 17 51.78 4.50 33.37
CA ASN A 17 51.95 5.86 33.90
C ASN A 17 53.27 6.50 33.50
N ASN A 18 53.95 5.96 32.49
CA ASN A 18 55.22 6.48 32.01
C ASN A 18 55.18 6.48 30.49
N PRO A 19 55.37 7.63 29.82
CA PRO A 19 55.75 8.94 30.36
C PRO A 19 54.58 9.87 30.71
N HIS A 20 53.34 9.43 30.50
CA HIS A 20 52.19 10.29 30.74
C HIS A 20 51.80 10.26 32.20
N ARG A 21 51.62 11.42 32.82
CA ARG A 21 51.17 11.49 34.20
C ARG A 21 49.67 11.18 34.26
N ILE A 22 49.34 10.05 34.86
CA ILE A 22 47.97 9.57 34.93
C ILE A 22 47.39 9.98 36.28
N LEU A 23 46.17 10.54 36.27
CA LEU A 23 45.42 10.83 37.48
C LEU A 23 44.18 9.93 37.51
N ASP A 24 44.13 9.02 38.48
CA ASP A 24 43.01 8.10 38.60
C ASP A 24 41.87 8.78 39.36
N GLY A 25 40.74 8.98 38.69
CA GLY A 25 39.59 9.58 39.33
C GLY A 25 38.98 8.74 40.44
N ILE A 26 39.21 7.42 40.41
CA ILE A 26 38.62 6.46 41.34
C ILE A 26 37.10 6.65 41.37
N ASP A 27 36.56 7.08 42.51
CA ASP A 27 35.13 7.24 42.69
C ASP A 27 34.61 8.59 42.19
N CYS A 28 35.45 9.38 41.53
CA CYS A 28 35.14 10.77 41.25
C CYS A 28 35.27 11.07 39.76
N THR A 29 34.27 11.74 39.22
CA THR A 29 34.38 12.33 37.88
C THR A 29 35.16 13.63 37.97
N LEU A 30 35.69 14.06 36.83
CA LEU A 30 36.40 15.34 36.81
C LEU A 30 35.45 16.48 37.21
N ILE A 31 34.19 16.41 36.78
CA ILE A 31 33.26 17.49 37.10
C ILE A 31 32.95 17.53 38.60
N ASP A 32 32.80 16.36 39.23
CA ASP A 32 32.60 16.35 40.68
C ASP A 32 33.84 16.83 41.42
N ALA A 33 35.04 16.53 40.90
CA ALA A 33 36.26 17.10 41.46
C ALA A 33 36.29 18.61 41.27
N LEU A 34 35.82 19.08 40.12
CA LEU A 34 35.72 20.51 39.87
C LEU A 34 34.76 21.18 40.85
N LEU A 35 33.55 20.62 41.00
CA LEU A 35 32.54 21.22 41.86
C LEU A 35 32.94 21.18 43.32
N GLY A 36 33.62 20.11 43.74
CA GLY A 36 34.00 19.97 45.12
C GLY A 36 33.02 19.13 45.92
N ASP A 37 32.49 18.09 45.28
CA ASP A 37 31.76 17.04 46.00
C ASP A 37 32.62 16.57 47.17
N PRO A 38 32.07 16.54 48.39
CA PRO A 38 32.90 16.23 49.57
C PRO A 38 33.78 14.99 49.44
N HIS A 39 33.29 13.90 48.84
CA HIS A 39 34.12 12.71 48.71
C HIS A 39 35.15 12.84 47.59
N CYS A 40 35.17 13.98 46.90
CA CYS A 40 36.16 14.28 45.88
C CYS A 40 37.12 15.39 46.32
N ASP A 41 37.22 15.63 47.63
CA ASP A 41 38.04 16.73 48.12
C ASP A 41 39.54 16.47 47.90
N VAL A 42 39.96 15.21 47.86
CA VAL A 42 41.36 14.89 47.66
C VAL A 42 41.88 15.37 46.30
N PHE A 43 40.99 15.60 45.34
CA PHE A 43 41.42 16.01 44.01
C PHE A 43 41.65 17.51 43.89
N GLN A 44 41.50 18.26 44.97
CA GLN A 44 41.71 19.70 44.93
C GLN A 44 43.13 20.02 44.47
N ASN A 45 43.24 20.92 43.51
CA ASN A 45 44.53 21.41 43.02
C ASN A 45 45.43 20.25 42.58
N GLU A 46 44.85 19.31 41.85
CA GLU A 46 45.57 18.20 41.25
C GLU A 46 45.85 18.52 39.80
N THR A 47 46.70 17.70 39.19
CA THR A 47 47.21 17.92 37.85
C THR A 47 47.39 16.56 37.16
N TRP A 48 47.39 16.59 35.82
CA TRP A 48 47.40 15.34 35.08
C TRP A 48 47.81 15.59 33.64
N ASP A 49 48.36 14.54 33.02
CA ASP A 49 48.43 14.45 31.58
C ASP A 49 47.20 13.75 31.00
N LEU A 50 46.70 12.73 31.70
CA LEU A 50 45.47 12.05 31.32
C LEU A 50 44.67 11.78 32.59
N PHE A 51 43.48 12.37 32.67
CA PHE A 51 42.52 12.03 33.72
C PHE A 51 41.77 10.77 33.32
N VAL A 52 41.71 9.79 34.21
CA VAL A 52 41.01 8.54 33.95
C VAL A 52 39.75 8.51 34.80
N GLU A 53 38.59 8.49 34.13
CA GLU A 53 37.30 8.41 34.80
C GLU A 53 36.82 6.97 34.83
N ARG A 54 36.36 6.52 35.99
CA ARG A 54 35.92 5.14 36.18
C ARG A 54 34.39 5.05 36.11
N SER A 55 33.91 3.90 35.65
CA SER A 55 32.46 3.69 35.59
C SER A 55 31.84 3.59 36.97
N LYS A 56 32.63 3.30 38.00
CA LYS A 56 32.14 3.26 39.38
C LYS A 56 32.06 4.64 40.02
N ALA A 57 32.42 5.69 39.30
CA ALA A 57 32.36 7.03 39.87
C ALA A 57 30.91 7.41 40.17
N PHE A 58 30.71 8.12 41.28
CA PHE A 58 29.36 8.51 41.69
C PHE A 58 29.40 9.90 42.30
N SER A 59 28.21 10.48 42.41
CA SER A 59 28.02 11.77 43.06
C SER A 59 27.34 11.54 44.40
N ASN A 60 27.71 12.37 45.40
CA ASN A 60 27.12 12.24 46.72
C ASN A 60 26.78 13.59 47.33
N CYS A 61 26.38 14.55 46.50
CA CYS A 61 26.10 15.91 46.96
C CYS A 61 24.71 16.32 46.47
N TYR A 62 24.48 17.60 46.24
CA TYR A 62 23.17 18.05 45.78
C TYR A 62 22.90 17.49 44.38
N PRO A 63 21.70 16.93 44.13
CA PRO A 63 21.40 16.41 42.79
C PRO A 63 21.36 17.53 41.75
N TYR A 64 22.08 17.31 40.64
CA TYR A 64 22.30 18.40 39.70
C TYR A 64 22.28 17.90 38.27
N ASP A 65 22.22 18.86 37.34
CA ASP A 65 22.50 18.62 35.94
C ASP A 65 23.50 19.68 35.47
N VAL A 66 24.09 19.43 34.30
CA VAL A 66 25.01 20.38 33.68
C VAL A 66 24.58 20.54 32.23
N PRO A 67 23.93 21.65 31.87
CA PRO A 67 23.48 21.82 30.47
C PRO A 67 24.61 21.75 29.45
N ASP A 68 25.81 22.24 29.78
CA ASP A 68 26.91 22.22 28.83
C ASP A 68 28.08 21.41 29.38
N TYR A 69 27.79 20.16 29.73
CA TYR A 69 28.72 19.28 30.42
C TYR A 69 29.94 18.96 29.56
N ALA A 70 29.72 18.47 28.34
CA ALA A 70 30.82 17.93 27.55
C ALA A 70 31.87 18.99 27.25
N SER A 71 31.44 20.21 26.94
CA SER A 71 32.38 21.30 26.66
C SER A 71 33.17 21.70 27.89
N LEU A 72 32.51 21.74 29.06
CA LEU A 72 33.22 22.08 30.28
C LEU A 72 34.23 20.98 30.63
N ARG A 73 33.81 19.72 30.53
CA ARG A 73 34.69 18.60 30.81
C ARG A 73 35.92 18.63 29.91
N SER A 74 35.72 18.89 28.62
CA SER A 74 36.85 18.90 27.70
C SER A 74 37.78 20.07 27.98
N LEU A 75 37.23 21.25 28.26
CA LEU A 75 38.06 22.41 28.50
C LEU A 75 38.94 22.22 29.75
N VAL A 76 38.37 21.66 30.81
CA VAL A 76 39.15 21.45 32.03
C VAL A 76 40.17 20.34 31.84
N ALA A 77 39.77 19.24 31.20
CA ALA A 77 40.69 18.13 30.95
C ALA A 77 41.87 18.57 30.09
N SER A 78 41.60 19.33 29.03
CA SER A 78 42.69 19.83 28.18
C SER A 78 43.62 20.75 28.96
N SER A 79 43.07 21.46 29.94
CA SER A 79 43.89 22.33 30.78
C SER A 79 44.89 21.53 31.60
N GLY A 80 44.46 20.37 32.12
CA GLY A 80 45.36 19.52 32.88
C GLY A 80 45.57 19.91 34.32
N THR A 81 44.69 20.73 34.90
CA THR A 81 44.89 21.19 36.27
C THR A 81 43.54 21.54 36.89
N LEU A 82 43.53 21.60 38.23
CA LEU A 82 42.36 22.01 38.98
C LEU A 82 42.65 23.20 39.89
N GLU A 83 43.68 23.98 39.58
CA GLU A 83 44.11 25.09 40.43
C GLU A 83 43.01 26.13 40.60
N PHE A 84 42.48 26.25 41.81
CA PHE A 84 41.35 27.11 42.11
C PHE A 84 41.81 28.31 42.92
N ILE A 85 41.41 29.50 42.48
CA ILE A 85 41.82 30.74 43.12
C ILE A 85 40.62 31.34 43.84
N THR A 86 40.74 31.55 45.14
CA THR A 86 39.64 32.13 45.91
C THR A 86 39.60 33.64 45.71
N GLU A 87 38.41 34.17 45.42
CA GLU A 87 38.20 35.60 45.27
C GLU A 87 37.25 36.09 46.34
N GLY A 88 37.48 37.33 46.78
CA GLY A 88 36.66 37.90 47.83
C GLY A 88 35.38 38.54 47.33
N PHE A 89 34.39 37.73 47.00
CA PHE A 89 33.08 38.26 46.65
C PHE A 89 32.40 38.85 47.88
N THR A 90 31.77 40.01 47.71
CA THR A 90 30.95 40.61 48.76
C THR A 90 29.48 40.36 48.42
N TRP A 91 28.81 39.59 49.26
CA TRP A 91 27.39 39.24 49.10
C TRP A 91 26.63 39.92 50.23
N THR A 92 26.16 41.14 49.96
CA THR A 92 25.57 41.96 51.01
C THR A 92 24.10 41.61 51.21
N GLY A 93 23.72 41.34 52.45
CA GLY A 93 22.33 41.13 52.81
C GLY A 93 21.80 39.71 52.65
N VAL A 94 22.66 38.73 52.41
CA VAL A 94 22.23 37.34 52.28
C VAL A 94 23.07 36.47 53.20
N THR A 95 22.56 35.26 53.46
CA THR A 95 23.27 34.27 54.24
C THR A 95 24.07 33.37 53.31
N GLN A 96 25.35 33.16 53.63
CA GLN A 96 26.26 32.39 52.80
C GLN A 96 26.41 30.97 53.35
N ASN A 97 27.09 30.13 52.57
CA ASN A 97 27.53 28.80 53.02
C ASN A 97 26.36 27.88 53.36
N GLY A 98 25.29 27.94 52.58
CA GLY A 98 24.17 27.03 52.81
C GLY A 98 24.59 25.58 52.66
N GLY A 99 23.91 24.71 53.38
CA GLY A 99 24.25 23.30 53.37
C GLY A 99 23.02 22.43 53.27
N SER A 100 23.21 21.21 52.74
CA SER A 100 22.14 20.24 52.60
C SER A 100 22.59 18.90 53.15
N ASN A 101 21.62 18.17 53.73
CA ASN A 101 21.90 16.84 54.24
C ASN A 101 22.04 15.80 53.12
N ALA A 102 21.67 16.15 51.89
CA ALA A 102 22.01 15.34 50.73
C ALA A 102 23.47 15.47 50.33
N CYS A 103 24.23 16.35 50.99
CA CYS A 103 25.63 16.58 50.66
C CYS A 103 26.46 16.65 51.93
N LYS A 104 26.46 15.54 52.69
CA LYS A 104 27.15 15.51 53.97
C LYS A 104 28.65 15.74 53.81
N ARG A 105 29.19 16.64 54.63
CA ARG A 105 30.62 16.92 54.71
C ARG A 105 31.03 16.62 56.14
N GLY A 106 31.40 15.36 56.39
CA GLY A 106 31.67 14.90 57.72
C GLY A 106 30.40 14.41 58.39
N PRO A 107 30.17 14.85 59.63
CA PRO A 107 28.98 14.39 60.35
C PRO A 107 27.72 15.18 59.99
N GLY A 108 27.88 16.46 59.65
CA GLY A 108 26.77 17.34 59.39
C GLY A 108 26.57 17.63 57.92
N SER A 109 25.62 18.51 57.64
CA SER A 109 25.30 18.87 56.27
C SER A 109 26.43 19.69 55.65
N GLY A 110 26.42 19.75 54.32
CA GLY A 110 27.45 20.46 53.60
C GLY A 110 27.02 20.76 52.18
N PHE A 111 28.00 21.16 51.36
CA PHE A 111 27.71 21.62 50.00
C PHE A 111 28.96 21.41 49.16
N PHE A 112 28.84 21.71 47.87
CA PHE A 112 30.01 21.74 46.99
C PHE A 112 31.01 22.75 47.53
N SER A 113 32.27 22.32 47.62
CA SER A 113 33.28 23.17 48.23
C SER A 113 33.57 24.43 47.41
N ARG A 114 33.45 24.35 46.09
CA ARG A 114 33.74 25.51 45.24
C ARG A 114 32.54 26.42 45.04
N LEU A 115 31.38 26.09 45.60
CA LEU A 115 30.16 26.87 45.39
C LEU A 115 29.65 27.38 46.72
N ASN A 116 28.86 28.47 46.65
CA ASN A 116 28.40 29.19 47.84
C ASN A 116 26.88 29.32 47.75
N TRP A 117 26.16 28.54 48.57
CA TRP A 117 24.70 28.53 48.52
C TRP A 117 24.17 29.72 49.31
N LEU A 118 23.65 30.72 48.61
CA LEU A 118 23.18 31.94 49.24
C LEU A 118 21.67 31.86 49.53
N THR A 119 21.28 32.31 50.72
CA THR A 119 19.87 32.34 51.08
C THR A 119 19.58 33.66 51.80
N LYS A 120 18.31 33.86 52.13
CA LYS A 120 17.87 35.12 52.72
C LYS A 120 18.54 35.37 54.06
N SER A 121 18.60 36.65 54.43
CA SER A 121 19.02 37.08 55.75
C SER A 121 17.87 37.86 56.37
N GLY A 122 17.48 37.47 57.58
CA GLY A 122 16.30 38.08 58.16
C GLY A 122 15.10 37.70 57.33
N SER A 123 14.41 38.70 56.79
CA SER A 123 13.24 38.46 55.94
C SER A 123 13.41 39.03 54.54
N THR A 124 14.64 39.32 54.11
CA THR A 124 14.88 39.93 52.81
C THR A 124 16.00 39.20 52.09
N TYR A 125 15.86 39.11 50.78
CA TYR A 125 16.95 38.68 49.89
C TYR A 125 17.10 39.81 48.87
N PRO A 126 18.08 40.68 49.04
CA PRO A 126 18.19 41.85 48.16
C PRO A 126 18.63 41.43 46.76
N VAL A 127 18.50 42.36 45.83
CA VAL A 127 19.05 42.16 44.50
C VAL A 127 20.57 42.22 44.60
N LEU A 128 21.23 41.07 44.50
CA LEU A 128 22.69 41.04 44.52
C LEU A 128 23.24 41.59 43.21
N ASN A 129 24.27 42.43 43.31
CA ASN A 129 24.87 43.09 42.15
C ASN A 129 26.36 43.22 42.41
N VAL A 130 27.17 42.37 41.78
CA VAL A 130 28.60 42.33 42.02
C VAL A 130 29.36 42.30 40.69
N THR A 131 30.59 42.79 40.73
CA THR A 131 31.44 42.90 39.56
C THR A 131 32.85 42.48 39.96
N MET A 132 33.40 41.51 39.23
CA MET A 132 34.76 41.03 39.48
C MET A 132 35.56 41.14 38.19
N PRO A 133 36.46 42.11 38.07
CA PRO A 133 37.20 42.28 36.82
C PRO A 133 38.33 41.26 36.70
N ASN A 134 38.69 40.96 35.46
CA ASN A 134 39.88 40.15 35.19
C ASN A 134 40.99 41.12 34.79
N ASN A 135 41.81 41.49 35.77
CA ASN A 135 42.99 42.31 35.56
C ASN A 135 44.28 41.48 35.51
N ASP A 136 44.14 40.17 35.34
CA ASP A 136 45.28 39.28 35.18
C ASP A 136 45.58 39.07 33.69
N ASN A 137 46.56 38.22 33.40
CA ASN A 137 46.93 37.92 32.02
C ASN A 137 46.57 36.50 31.61
N PHE A 138 45.71 35.83 32.39
CA PHE A 138 45.25 34.49 32.07
C PHE A 138 43.73 34.49 32.04
N ASP A 139 43.17 33.41 31.50
CA ASP A 139 41.72 33.26 31.45
C ASP A 139 41.20 32.72 32.78
N LYS A 140 40.03 33.21 33.19
CA LYS A 140 39.35 32.77 34.41
C LYS A 140 38.15 31.90 34.04
N LEU A 141 38.04 30.72 34.65
CA LEU A 141 36.87 29.86 34.53
C LEU A 141 36.03 29.99 35.78
N TYR A 142 34.80 30.46 35.64
CA TYR A 142 33.87 30.60 36.76
C TYR A 142 32.80 29.53 36.67
N ILE A 143 32.61 28.80 37.78
CA ILE A 143 31.57 27.79 37.90
C ILE A 143 30.51 28.31 38.86
N TRP A 144 29.26 28.32 38.41
CA TRP A 144 28.16 28.80 39.23
C TRP A 144 26.92 27.98 38.88
N GLY A 145 25.81 28.29 39.53
CA GLY A 145 24.61 27.53 39.24
C GLY A 145 23.37 28.23 39.72
N ILE A 146 22.25 27.55 39.52
CA ILE A 146 20.94 28.05 39.90
C ILE A 146 20.17 26.94 40.59
N HIS A 147 19.44 27.28 41.64
CA HIS A 147 18.69 26.33 42.42
C HIS A 147 17.26 26.27 41.88
N HIS A 148 16.80 25.05 41.55
CA HIS A 148 15.43 24.80 41.14
C HIS A 148 14.69 24.23 42.33
N PRO A 149 13.95 25.04 43.09
CA PRO A 149 13.27 24.51 44.28
C PRO A 149 12.15 23.58 43.87
N SER A 150 11.74 22.74 44.83
CA SER A 150 10.73 21.74 44.56
C SER A 150 9.31 22.30 44.64
N THR A 151 9.07 23.30 45.50
CA THR A 151 7.74 23.86 45.68
C THR A 151 7.84 25.38 45.74
N ASP A 152 6.69 26.04 45.60
CA ASP A 152 6.64 27.49 45.80
C ASP A 152 6.98 27.86 47.23
N GLN A 153 6.61 27.02 48.20
CA GLN A 153 6.91 27.29 49.60
C GLN A 153 8.43 27.28 49.85
N GLU A 154 9.13 26.29 49.29
CA GLU A 154 10.58 26.27 49.43
C GLU A 154 11.21 27.50 48.78
N GLN A 155 10.66 27.93 47.63
CA GLN A 155 11.20 29.10 46.96
C GLN A 155 11.15 30.34 47.85
N THR A 156 9.98 30.62 48.45
CA THR A 156 9.85 31.83 49.25
C THR A 156 10.55 31.68 50.60
N SER A 157 10.59 30.47 51.15
CA SER A 157 11.31 30.26 52.41
C SER A 157 12.79 30.57 52.28
N LEU A 158 13.38 30.27 51.11
CA LEU A 158 14.80 30.46 50.93
C LEU A 158 15.15 31.84 50.38
N TYR A 159 14.34 32.38 49.46
CA TYR A 159 14.74 33.56 48.69
C TYR A 159 13.72 34.69 48.75
N VAL A 160 12.65 34.55 49.54
CA VAL A 160 11.61 35.57 49.73
C VAL A 160 10.84 35.78 48.42
N GLN A 161 11.55 36.22 47.38
CA GLN A 161 10.94 36.44 46.07
C GLN A 161 10.28 35.16 45.57
N ALA A 162 9.08 35.31 44.99
CA ALA A 162 8.36 34.15 44.49
C ALA A 162 8.96 33.62 43.19
N SER A 163 9.71 34.45 42.47
CA SER A 163 10.36 34.03 41.22
C SER A 163 11.78 34.59 41.22
N GLY A 164 12.77 33.70 41.30
CA GLY A 164 14.15 34.12 41.30
C GLY A 164 14.69 34.34 39.89
N ARG A 165 15.96 34.70 39.83
CA ARG A 165 16.63 35.00 38.57
C ARG A 165 18.12 35.07 38.83
N VAL A 166 18.90 34.49 37.93
CA VAL A 166 20.35 34.63 37.94
C VAL A 166 20.77 35.19 36.59
N THR A 167 21.44 36.35 36.61
CA THR A 167 21.93 37.00 35.41
C THR A 167 23.43 37.14 35.53
N VAL A 168 24.16 36.54 34.59
CA VAL A 168 25.62 36.55 34.59
C VAL A 168 26.08 37.15 33.27
N SER A 169 26.92 38.18 33.34
CA SER A 169 27.30 38.94 32.17
C SER A 169 28.82 39.14 32.12
N THR A 170 29.29 39.40 30.90
CA THR A 170 30.60 40.00 30.66
C THR A 170 30.38 41.29 29.85
N ARG A 171 31.47 41.90 29.41
CA ARG A 171 31.32 43.06 28.53
C ARG A 171 30.71 42.68 27.20
N ARG A 172 30.76 41.40 26.84
CA ARG A 172 30.28 40.94 25.54
C ARG A 172 28.78 40.69 25.52
N SER A 173 28.26 39.99 26.53
CA SER A 173 26.88 39.53 26.47
C SER A 173 26.38 39.22 27.87
N GLN A 174 25.07 39.02 27.96
CA GLN A 174 24.39 38.80 29.24
C GLN A 174 23.56 37.52 29.14
N GLN A 175 23.63 36.70 30.18
CA GLN A 175 22.91 35.44 30.26
C GLN A 175 22.05 35.44 31.51
N THR A 176 20.75 35.23 31.32
CA THR A 176 19.79 35.18 32.42
C THR A 176 19.14 33.80 32.46
N ILE A 177 19.13 33.18 33.65
CA ILE A 177 18.48 31.91 33.89
C ILE A 177 17.35 32.14 34.89
N ILE A 178 16.19 31.58 34.60
CA ILE A 178 15.04 31.62 35.49
C ILE A 178 14.85 30.23 36.09
N PRO A 179 14.71 30.10 37.41
CA PRO A 179 14.51 28.77 38.00
C PRO A 179 13.21 28.14 37.53
N ASN A 180 13.20 26.81 37.52
CA ASN A 180 12.02 26.03 37.16
C ASN A 180 11.55 25.30 38.42
N ILE A 181 10.53 25.84 39.08
CA ILE A 181 10.04 25.28 40.33
C ILE A 181 9.23 24.01 40.04
N GLY A 182 9.54 22.94 40.77
CA GLY A 182 8.79 21.71 40.59
C GLY A 182 9.42 20.51 41.25
N SER A 183 8.61 19.47 41.52
CA SER A 183 9.09 18.28 42.22
C SER A 183 9.62 17.26 41.22
N ARG A 184 10.93 17.03 41.25
CA ARG A 184 11.57 15.96 40.52
C ARG A 184 11.63 14.71 41.38
N PRO A 185 11.92 13.55 40.78
CA PRO A 185 12.02 12.33 41.59
C PRO A 185 13.06 12.45 42.70
N TRP A 186 12.72 11.86 43.83
CA TRP A 186 13.49 11.89 45.07
C TRP A 186 14.93 11.42 44.87
N VAL A 187 15.88 12.25 45.26
CA VAL A 187 17.30 11.90 45.28
C VAL A 187 17.88 12.36 46.61
N ARG A 188 18.29 11.39 47.45
CA ARG A 188 18.91 11.69 48.74
C ARG A 188 18.06 12.66 49.56
N GLY A 189 16.74 12.49 49.49
CA GLY A 189 15.83 13.28 50.30
C GLY A 189 15.28 14.53 49.64
N LEU A 190 15.67 14.85 48.41
CA LEU A 190 15.33 16.12 47.78
C LEU A 190 14.58 15.89 46.47
N SER A 191 13.55 16.72 46.24
CA SER A 191 12.85 16.80 44.96
C SER A 191 13.32 17.98 44.12
N SER A 192 14.18 18.82 44.66
CA SER A 192 14.74 19.95 43.96
C SER A 192 16.00 19.54 43.19
N ARG A 193 16.53 20.47 42.41
CA ARG A 193 17.71 20.26 41.58
C ARG A 193 18.52 21.54 41.52
N ILE A 194 19.78 21.40 41.13
CA ILE A 194 20.64 22.53 40.78
C ILE A 194 21.13 22.33 39.35
N SER A 195 21.09 23.41 38.56
CA SER A 195 21.73 23.43 37.24
C SER A 195 23.06 24.16 37.34
N ILE A 196 24.12 23.52 36.87
CA ILE A 196 25.48 24.07 36.93
C ILE A 196 25.81 24.73 35.59
N TYR A 197 26.26 25.98 35.65
CA TYR A 197 26.68 26.75 34.49
C TYR A 197 28.13 27.21 34.67
N TRP A 198 28.73 27.68 33.57
CA TRP A 198 30.12 28.13 33.62
C TRP A 198 30.35 29.26 32.62
N THR A 199 31.31 30.12 32.95
CA THR A 199 31.62 31.33 32.20
C THR A 199 33.14 31.52 32.16
N ILE A 200 33.69 31.68 30.95
CA ILE A 200 35.10 32.06 30.79
C ILE A 200 35.19 33.57 30.78
N VAL A 201 36.07 34.13 31.61
CA VAL A 201 36.33 35.56 31.62
C VAL A 201 37.78 35.79 31.25
N LYS A 202 38.01 36.54 30.16
CA LYS A 202 39.34 36.72 29.60
C LYS A 202 39.98 38.02 30.12
N PRO A 203 41.30 38.16 30.01
CA PRO A 203 41.95 39.40 30.46
C PRO A 203 41.32 40.62 29.79
N GLY A 204 41.04 41.64 30.59
CA GLY A 204 40.39 42.84 30.11
C GLY A 204 38.88 42.79 30.12
N ASP A 205 38.30 41.63 30.37
CA ASP A 205 36.86 41.48 30.51
C ASP A 205 36.51 41.52 32.00
N VAL A 206 35.21 41.43 32.31
CA VAL A 206 34.71 41.45 33.68
C VAL A 206 33.63 40.39 33.85
N LEU A 207 33.44 39.95 35.09
CA LEU A 207 32.32 39.10 35.46
C LEU A 207 31.32 39.93 36.26
N VAL A 208 30.06 39.90 35.85
CA VAL A 208 28.97 40.56 36.56
C VAL A 208 27.95 39.50 36.93
N ILE A 209 27.58 39.46 38.21
CA ILE A 209 26.55 38.55 38.68
C ILE A 209 25.46 39.39 39.32
N ASN A 210 24.22 39.19 38.88
CA ASN A 210 23.07 39.88 39.41
C ASN A 210 21.99 38.84 39.65
N SER A 211 21.39 38.86 40.84
CA SER A 211 20.41 37.86 41.19
C SER A 211 19.51 38.39 42.29
N ASN A 212 18.21 38.09 42.18
CA ASN A 212 17.27 38.34 43.25
C ASN A 212 16.77 37.04 43.88
N GLY A 213 17.50 35.95 43.71
CA GLY A 213 17.17 34.67 44.31
C GLY A 213 17.73 33.51 43.50
N ASN A 214 17.97 32.39 44.19
CA ASN A 214 18.29 31.08 43.64
C ASN A 214 19.71 30.98 43.10
N LEU A 215 20.56 31.97 43.34
CA LEU A 215 21.94 31.92 42.85
C LEU A 215 22.77 30.95 43.67
N ILE A 216 23.47 30.05 42.98
CA ILE A 216 24.52 29.24 43.57
C ILE A 216 25.83 29.91 43.17
N ALA A 217 26.45 30.64 44.11
CA ALA A 217 27.47 31.61 43.75
C ALA A 217 28.84 30.96 43.60
N PRO A 218 29.71 31.53 42.77
CA PRO A 218 31.11 31.08 42.74
C PRO A 218 31.88 31.61 43.94
N ARG A 219 32.92 30.86 44.32
CA ARG A 219 33.82 31.29 45.39
C ARG A 219 35.13 31.81 44.85
N GLY A 220 35.32 31.80 43.54
CA GLY A 220 36.58 32.09 42.89
C GLY A 220 36.53 31.58 41.46
N TYR A 221 37.71 31.34 40.91
CA TYR A 221 37.82 30.90 39.54
C TYR A 221 38.89 29.83 39.44
N PHE A 222 38.79 29.02 38.41
CA PHE A 222 39.86 28.11 38.05
C PHE A 222 40.80 28.82 37.09
N LYS A 223 42.08 28.79 37.39
CA LYS A 223 43.10 29.41 36.55
C LYS A 223 43.31 28.55 35.31
N MET A 224 42.93 29.06 34.15
CA MET A 224 42.96 28.27 32.92
C MET A 224 44.33 28.33 32.27
N ARG A 225 44.68 27.25 31.58
CA ARG A 225 45.91 27.17 30.81
C ARG A 225 45.64 26.39 29.54
N THR A 226 46.41 26.70 28.49
CA THR A 226 46.37 25.96 27.24
C THR A 226 47.33 24.78 27.38
N GLY A 227 46.77 23.57 27.45
CA GLY A 227 47.58 22.37 27.57
C GLY A 227 47.18 21.32 26.56
N LYS A 228 47.93 20.21 26.59
CA LYS A 228 47.67 19.06 25.75
C LYS A 228 47.33 17.83 26.59
N SER A 229 46.71 18.05 27.75
CA SER A 229 46.17 16.96 28.56
C SER A 229 44.80 16.53 28.02
N SER A 230 44.30 15.41 28.55
CA SER A 230 43.01 14.91 28.11
C SER A 230 42.37 14.10 29.24
N ILE A 231 41.23 13.48 28.91
CA ILE A 231 40.47 12.67 29.83
C ILE A 231 39.95 11.45 29.08
N MET A 232 39.82 10.33 29.79
CA MET A 232 39.45 9.07 29.16
C MET A 232 38.63 8.23 30.13
N ARG A 233 37.55 7.65 29.64
CA ARG A 233 36.74 6.72 30.42
C ARG A 233 37.31 5.32 30.27
N SER A 234 37.78 4.73 31.37
CA SER A 234 38.42 3.42 31.30
C SER A 234 38.34 2.76 32.66
N ASP A 235 38.16 1.45 32.68
CA ASP A 235 38.20 0.66 33.91
C ASP A 235 39.48 -0.14 34.05
N ALA A 236 40.43 0.05 33.14
CA ALA A 236 41.67 -0.70 33.19
C ALA A 236 42.54 -0.20 34.35
N PRO A 237 43.24 -1.09 35.04
CA PRO A 237 44.06 -0.65 36.17
C PRO A 237 45.27 0.14 35.68
N ILE A 238 45.72 1.04 36.54
CA ILE A 238 46.95 1.81 36.29
C ILE A 238 48.13 0.97 36.73
N ASP A 239 49.18 0.96 35.91
CA ASP A 239 50.34 0.13 36.15
C ASP A 239 51.60 0.96 35.91
N THR A 240 52.66 0.64 36.65
CA THR A 240 53.96 1.29 36.45
C THR A 240 54.69 0.54 35.33
N CYS A 241 54.32 0.86 34.10
CA CYS A 241 55.02 0.35 32.93
C CYS A 241 55.42 1.53 32.07
N ILE A 242 55.43 1.34 30.76
CA ILE A 242 55.87 2.39 29.85
C ILE A 242 55.11 2.23 28.54
N SER A 243 54.48 3.32 28.09
CA SER A 243 53.69 3.31 26.87
C SER A 243 53.37 4.73 26.45
N GLU A 244 53.78 5.10 25.23
CA GLU A 244 53.44 6.40 24.68
C GLU A 244 51.98 6.44 24.20
N CYS A 245 51.39 5.28 23.92
CA CYS A 245 50.02 5.20 23.43
C CYS A 245 49.12 4.53 24.47
N ILE A 246 48.00 5.16 24.77
CA ILE A 246 47.05 4.68 25.76
C ILE A 246 45.66 4.65 25.13
N THR A 247 44.98 3.52 25.26
CA THR A 247 43.59 3.37 24.87
C THR A 247 42.76 3.03 26.10
N PRO A 248 41.43 3.22 26.03
CA PRO A 248 40.59 2.78 27.17
C PRO A 248 40.71 1.30 27.46
N ASN A 249 41.02 0.48 26.45
CA ASN A 249 41.25 -0.94 26.70
C ASN A 249 42.57 -1.16 27.43
N GLY A 250 43.50 -0.21 27.33
CA GLY A 250 44.81 -0.31 27.93
C GLY A 250 45.87 0.16 26.96
N SER A 251 47.12 0.00 27.38
CA SER A 251 48.25 0.50 26.61
C SER A 251 48.59 -0.44 25.45
N ILE A 252 49.08 0.15 24.36
CA ILE A 252 49.51 -0.62 23.19
C ILE A 252 50.82 -0.05 22.68
N PRO A 253 51.62 -0.89 22.02
CA PRO A 253 52.79 -0.36 21.30
C PRO A 253 52.35 0.45 20.09
N ASN A 254 53.19 1.43 19.72
CA ASN A 254 52.87 2.33 18.63
C ASN A 254 53.78 2.14 17.42
N ASP A 255 54.42 0.96 17.30
CA ASP A 255 55.30 0.72 16.16
C ASP A 255 54.54 0.39 14.88
N LYS A 256 53.41 -0.30 14.99
CA LYS A 256 52.62 -0.61 13.80
C LYS A 256 51.95 0.65 13.26
N PRO A 257 51.70 0.71 11.95
CA PRO A 257 51.05 1.91 11.39
C PRO A 257 49.58 2.06 11.78
N PHE A 258 48.86 0.95 12.00
CA PHE A 258 47.44 1.02 12.29
C PHE A 258 47.13 0.21 13.54
N GLN A 259 45.94 0.45 14.09
CA GLN A 259 45.47 -0.27 15.26
C GLN A 259 43.95 -0.35 15.23
N ASN A 260 43.41 -1.46 15.72
CA ASN A 260 41.97 -1.66 15.80
C ASN A 260 41.47 -1.76 17.24
N VAL A 261 42.32 -1.41 18.22
CA VAL A 261 41.94 -1.63 19.61
C VAL A 261 40.80 -0.71 20.01
N ASN A 262 40.95 0.59 19.79
CA ASN A 262 39.90 1.51 20.20
C ASN A 262 39.99 2.79 19.37
N LYS A 263 38.81 3.35 19.10
CA LYS A 263 38.72 4.63 18.42
C LYS A 263 39.40 5.74 19.24
N ILE A 264 39.20 5.72 20.56
CA ILE A 264 39.75 6.73 21.44
C ILE A 264 41.16 6.34 21.83
N THR A 265 42.11 7.26 21.66
CA THR A 265 43.49 7.04 22.05
C THR A 265 44.08 8.34 22.60
N TYR A 266 45.19 8.20 23.32
CA TYR A 266 45.92 9.34 23.86
C TYR A 266 47.40 9.09 23.67
N GLY A 267 48.12 10.13 23.25
CA GLY A 267 49.55 10.02 22.98
C GLY A 267 49.84 9.67 21.54
N ALA A 268 51.10 9.33 21.29
CA ALA A 268 51.55 8.95 19.96
C ALA A 268 51.05 7.54 19.65
N CYS A 269 50.09 7.44 18.74
CA CYS A 269 49.37 6.20 18.52
C CYS A 269 49.25 5.89 17.03
N PRO A 270 49.11 4.62 16.67
CA PRO A 270 48.79 4.27 15.28
C PRO A 270 47.40 4.77 14.92
N LYS A 271 47.21 4.97 13.61
CA LYS A 271 45.90 5.40 13.11
C LYS A 271 44.90 4.27 13.22
N TYR A 272 43.68 4.62 13.62
CA TYR A 272 42.65 3.61 13.85
C TYR A 272 42.08 3.09 12.54
N VAL A 273 41.88 1.77 12.48
CA VAL A 273 41.17 1.11 11.39
C VAL A 273 40.24 0.07 12.01
N LYS A 274 39.18 -0.26 11.28
CA LYS A 274 38.22 -1.24 11.79
C LYS A 274 38.69 -2.67 11.58
N GLN A 275 39.44 -2.95 10.52
CA GLN A 275 39.84 -4.30 10.18
C GLN A 275 40.79 -4.88 11.22
N ASN A 276 40.52 -6.13 11.62
CA ASN A 276 41.34 -6.80 12.63
C ASN A 276 42.61 -7.39 12.01
N THR B 4 13.28 -36.06 -33.53
CA THR B 4 12.85 -35.47 -34.79
C THR B 4 12.56 -36.56 -35.82
N GLU B 5 13.04 -37.77 -35.56
CA GLU B 5 12.71 -38.93 -36.37
C GLU B 5 11.43 -39.62 -35.91
N LEU B 6 10.86 -39.20 -34.79
CA LEU B 6 9.59 -39.70 -34.30
C LEU B 6 8.46 -38.71 -34.45
N VAL B 7 8.74 -37.47 -34.88
CA VAL B 7 7.76 -36.40 -34.94
C VAL B 7 7.64 -35.93 -36.38
N GLN B 8 6.41 -35.92 -36.89
CA GLN B 8 6.12 -35.40 -38.22
C GLN B 8 5.91 -33.90 -38.12
N SER B 9 6.79 -33.12 -38.75
CA SER B 9 6.76 -31.67 -38.63
C SER B 9 6.42 -30.96 -39.93
N SER B 10 6.24 -31.70 -41.03
CA SER B 10 5.96 -31.11 -42.33
C SER B 10 4.63 -31.62 -42.87
N SER B 11 4.01 -30.79 -43.71
CA SER B 11 2.74 -31.12 -44.36
C SER B 11 2.86 -30.84 -45.85
N THR B 12 1.91 -31.39 -46.62
CA THR B 12 1.91 -31.18 -48.06
C THR B 12 1.22 -29.88 -48.48
N GLY B 13 0.59 -29.17 -47.55
CA GLY B 13 -0.16 -27.98 -47.90
C GLY B 13 -1.44 -28.23 -48.66
N LYS B 14 -1.81 -29.49 -48.88
CA LYS B 14 -3.02 -29.82 -49.64
C LYS B 14 -3.75 -30.94 -48.91
N ILE B 15 -5.08 -30.99 -49.12
CA ILE B 15 -5.93 -32.02 -48.53
C ILE B 15 -6.29 -33.01 -49.64
N CYS B 16 -5.90 -34.26 -49.46
CA CYS B 16 -6.18 -35.29 -50.44
C CYS B 16 -7.59 -35.83 -50.27
N ASN B 17 -8.21 -36.20 -51.39
CA ASN B 17 -9.61 -36.63 -51.43
C ASN B 17 -9.76 -38.16 -51.43
N ASN B 18 -8.68 -38.89 -51.14
CA ASN B 18 -8.66 -40.34 -51.14
C ASN B 18 -7.94 -40.78 -49.86
N PRO B 19 -8.55 -41.62 -49.01
CA PRO B 19 -9.84 -42.30 -49.15
C PRO B 19 -11.04 -41.57 -48.56
N HIS B 20 -10.79 -40.50 -47.81
CA HIS B 20 -11.87 -39.78 -47.13
C HIS B 20 -12.65 -38.91 -48.12
N ARG B 21 -13.97 -38.98 -48.03
CA ARG B 21 -14.83 -38.14 -48.87
C ARG B 21 -14.82 -36.71 -48.34
N ILE B 22 -14.29 -35.79 -49.14
CA ILE B 22 -14.10 -34.40 -48.76
C ILE B 22 -15.16 -33.56 -49.45
N LEU B 23 -15.83 -32.71 -48.68
CA LEU B 23 -16.80 -31.76 -49.22
C LEU B 23 -16.26 -30.35 -48.96
N ASP B 24 -15.91 -29.65 -50.03
CA ASP B 24 -15.43 -28.28 -49.92
C ASP B 24 -16.62 -27.35 -49.75
N GLY B 25 -16.68 -26.64 -48.62
CA GLY B 25 -17.75 -25.70 -48.40
C GLY B 25 -17.63 -24.44 -49.23
N ILE B 26 -16.43 -24.16 -49.75
CA ILE B 26 -16.12 -22.96 -50.51
C ILE B 26 -16.68 -21.72 -49.81
N ASP B 27 -17.69 -21.10 -50.39
CA ASP B 27 -18.25 -19.87 -49.86
C ASP B 27 -19.22 -20.09 -48.70
N CYS B 28 -19.39 -21.32 -48.23
CA CYS B 28 -20.48 -21.66 -47.32
C CYS B 28 -19.97 -22.34 -46.06
N THR B 29 -20.47 -21.90 -44.91
CA THR B 29 -20.32 -22.66 -43.69
C THR B 29 -21.34 -23.80 -43.68
N LEU B 30 -21.10 -24.78 -42.80
CA LEU B 30 -22.05 -25.88 -42.69
C LEU B 30 -23.40 -25.38 -42.21
N ILE B 31 -23.40 -24.43 -41.26
CA ILE B 31 -24.64 -23.92 -40.71
C ILE B 31 -25.42 -23.14 -41.76
N ASP B 32 -24.74 -22.33 -42.57
CA ASP B 32 -25.44 -21.63 -43.64
C ASP B 32 -25.96 -22.61 -44.68
N ALA B 33 -25.26 -23.72 -44.92
CA ALA B 33 -25.79 -24.74 -45.81
C ALA B 33 -27.01 -25.42 -45.18
N LEU B 34 -26.95 -25.66 -43.88
CA LEU B 34 -28.08 -26.23 -43.16
C LEU B 34 -29.29 -25.31 -43.23
N LEU B 35 -29.11 -24.03 -42.85
CA LEU B 35 -30.22 -23.09 -42.84
C LEU B 35 -30.79 -22.86 -44.24
N GLY B 36 -29.96 -22.94 -45.27
CA GLY B 36 -30.42 -22.68 -46.61
C GLY B 36 -30.22 -21.25 -47.09
N ASP B 37 -29.14 -20.59 -46.67
CA ASP B 37 -28.69 -19.36 -47.29
C ASP B 37 -28.72 -19.54 -48.81
N PRO B 38 -29.41 -18.67 -49.55
CA PRO B 38 -29.62 -18.93 -50.99
C PRO B 38 -28.36 -19.25 -51.76
N HIS B 39 -27.24 -18.57 -51.49
CA HIS B 39 -26.01 -18.90 -52.19
C HIS B 39 -25.40 -20.22 -51.72
N CYS B 40 -26.02 -20.89 -50.76
CA CYS B 40 -25.59 -22.20 -50.29
C CYS B 40 -26.56 -23.31 -50.66
N ASP B 41 -27.56 -23.03 -51.50
CA ASP B 41 -28.55 -24.06 -51.84
C ASP B 41 -27.95 -25.21 -52.62
N VAL B 42 -26.75 -25.04 -53.18
CA VAL B 42 -26.08 -26.12 -53.90
C VAL B 42 -25.74 -27.29 -52.99
N PHE B 43 -25.66 -27.06 -51.68
CA PHE B 43 -25.28 -28.08 -50.71
C PHE B 43 -26.46 -28.87 -50.18
N GLN B 44 -27.66 -28.63 -50.70
CA GLN B 44 -28.84 -29.35 -50.23
C GLN B 44 -28.66 -30.85 -50.41
N ASN B 45 -28.87 -31.59 -49.31
CA ASN B 45 -28.79 -33.06 -49.30
C ASN B 45 -27.44 -33.55 -49.83
N GLU B 46 -26.37 -33.04 -49.22
CA GLU B 46 -25.01 -33.47 -49.50
C GLU B 46 -24.52 -34.39 -48.39
N THR B 47 -23.45 -35.13 -48.68
CA THR B 47 -22.81 -35.99 -47.69
C THR B 47 -21.31 -35.73 -47.70
N TRP B 48 -20.64 -36.25 -46.67
CA TRP B 48 -19.21 -36.02 -46.51
C TRP B 48 -18.66 -36.94 -45.43
N ASP B 49 -17.39 -37.29 -45.57
CA ASP B 49 -16.60 -37.77 -44.44
C ASP B 49 -15.97 -36.59 -43.70
N LEU B 50 -15.46 -35.61 -44.43
CA LEU B 50 -14.90 -34.40 -43.84
C LEU B 50 -15.46 -33.20 -44.58
N PHE B 51 -16.18 -32.36 -43.86
CA PHE B 51 -16.60 -31.05 -44.36
C PHE B 51 -15.49 -30.05 -44.10
N VAL B 52 -15.11 -29.29 -45.12
CA VAL B 52 -14.03 -28.32 -45.03
C VAL B 52 -14.62 -26.92 -45.14
N GLU B 53 -14.55 -26.16 -44.04
CA GLU B 53 -15.04 -24.78 -44.01
C GLU B 53 -13.90 -23.82 -44.30
N ARG B 54 -14.10 -22.96 -45.30
CA ARG B 54 -13.09 -21.99 -45.73
C ARG B 54 -13.23 -20.67 -44.99
N SER B 55 -12.09 -19.99 -44.81
CA SER B 55 -12.10 -18.68 -44.16
C SER B 55 -12.86 -17.66 -45.00
N LYS B 56 -12.92 -17.87 -46.31
CA LYS B 56 -13.62 -16.96 -47.21
C LYS B 56 -15.14 -17.15 -47.20
N ALA B 57 -15.65 -18.15 -46.50
CA ALA B 57 -17.10 -18.36 -46.45
C ALA B 57 -17.79 -17.15 -45.79
N PHE B 58 -19.00 -16.87 -46.25
CA PHE B 58 -19.74 -15.70 -45.80
C PHE B 58 -21.22 -16.00 -45.81
N SER B 59 -21.96 -15.26 -44.97
CA SER B 59 -23.42 -15.31 -44.94
C SER B 59 -23.97 -14.14 -45.75
N ASN B 60 -25.03 -14.41 -46.51
CA ASN B 60 -25.63 -13.39 -47.36
C ASN B 60 -27.15 -13.42 -47.23
N CYS B 61 -27.65 -13.68 -46.03
CA CYS B 61 -29.10 -13.74 -45.80
C CYS B 61 -29.47 -12.86 -44.62
N TYR B 62 -30.54 -13.20 -43.90
CA TYR B 62 -30.93 -12.43 -42.74
C TYR B 62 -29.83 -12.49 -41.69
N PRO B 63 -29.42 -11.36 -41.11
CA PRO B 63 -28.36 -11.41 -40.08
C PRO B 63 -28.88 -12.13 -38.84
N TYR B 64 -28.06 -13.03 -38.30
CA TYR B 64 -28.52 -13.96 -37.29
C TYR B 64 -27.44 -14.23 -36.27
N ASP B 65 -27.85 -14.82 -35.14
CA ASP B 65 -26.92 -15.45 -34.21
C ASP B 65 -27.41 -16.85 -33.91
N VAL B 66 -26.58 -17.64 -33.24
CA VAL B 66 -26.94 -19.00 -32.88
C VAL B 66 -26.48 -19.24 -31.44
N PRO B 67 -27.39 -19.22 -30.46
CA PRO B 67 -26.96 -19.42 -29.07
C PRO B 67 -26.25 -20.74 -28.81
N ASP B 68 -26.69 -21.83 -29.46
CA ASP B 68 -26.09 -23.14 -29.23
C ASP B 68 -25.39 -23.65 -30.49
N TYR B 69 -24.40 -22.90 -30.96
CA TYR B 69 -23.81 -23.11 -32.27
C TYR B 69 -22.87 -24.30 -32.30
N ALA B 70 -21.92 -24.34 -31.37
CA ALA B 70 -20.88 -25.37 -31.42
C ALA B 70 -21.48 -26.77 -31.38
N SER B 71 -22.47 -26.97 -30.52
CA SER B 71 -23.13 -28.27 -30.42
C SER B 71 -23.86 -28.62 -31.71
N LEU B 72 -24.62 -27.67 -32.26
CA LEU B 72 -25.32 -27.92 -33.51
C LEU B 72 -24.33 -28.27 -34.62
N ARG B 73 -23.26 -27.49 -34.74
CA ARG B 73 -22.27 -27.69 -35.79
C ARG B 73 -21.61 -29.07 -35.66
N SER B 74 -21.25 -29.46 -34.43
CA SER B 74 -20.64 -30.77 -34.21
C SER B 74 -21.62 -31.91 -34.48
N LEU B 75 -22.88 -31.72 -34.09
CA LEU B 75 -23.89 -32.75 -34.32
C LEU B 75 -24.11 -32.98 -35.81
N VAL B 76 -24.33 -31.92 -36.58
CA VAL B 76 -24.55 -32.10 -38.00
C VAL B 76 -23.29 -32.64 -38.67
N ALA B 77 -22.11 -32.14 -38.27
CA ALA B 77 -20.87 -32.61 -38.89
C ALA B 77 -20.67 -34.10 -38.65
N SER B 78 -20.94 -34.56 -37.43
CA SER B 78 -20.84 -35.99 -37.14
C SER B 78 -21.84 -36.80 -37.94
N SER B 79 -23.03 -36.23 -38.20
CA SER B 79 -24.04 -36.93 -38.98
C SER B 79 -23.58 -37.19 -40.42
N GLY B 80 -22.79 -36.28 -40.98
CA GLY B 80 -22.23 -36.49 -42.30
C GLY B 80 -23.18 -36.26 -43.45
N THR B 81 -24.35 -35.68 -43.21
CA THR B 81 -25.33 -35.48 -44.26
C THR B 81 -26.16 -34.24 -43.96
N LEU B 82 -26.76 -33.69 -45.01
CA LEU B 82 -27.73 -32.60 -44.88
C LEU B 82 -29.13 -33.02 -45.33
N GLU B 83 -29.44 -34.31 -45.20
CA GLU B 83 -30.71 -34.85 -45.69
C GLU B 83 -31.90 -34.23 -44.95
N PHE B 84 -32.73 -33.52 -45.69
CA PHE B 84 -33.86 -32.77 -45.14
C PHE B 84 -35.16 -33.36 -45.66
N ILE B 85 -36.14 -33.49 -44.77
CA ILE B 85 -37.46 -34.04 -45.11
C ILE B 85 -38.49 -32.97 -44.80
N THR B 86 -39.22 -32.54 -45.83
CA THR B 86 -40.30 -31.59 -45.62
C THR B 86 -41.45 -32.24 -44.86
N GLU B 87 -42.05 -31.50 -43.94
CA GLU B 87 -43.24 -31.95 -43.22
C GLU B 87 -44.35 -30.92 -43.37
N GLY B 88 -45.59 -31.41 -43.31
CA GLY B 88 -46.75 -30.55 -43.52
C GLY B 88 -47.19 -29.81 -42.28
N PHE B 89 -46.42 -28.80 -41.87
CA PHE B 89 -46.84 -27.92 -40.79
C PHE B 89 -48.00 -27.05 -41.25
N THR B 90 -49.06 -27.01 -40.46
CA THR B 90 -50.21 -26.17 -40.73
C THR B 90 -50.14 -24.94 -39.83
N TRP B 91 -50.10 -23.76 -40.45
CA TRP B 91 -50.02 -22.48 -39.72
C TRP B 91 -51.27 -21.67 -40.01
N THR B 92 -52.31 -21.86 -39.19
CA THR B 92 -53.61 -21.23 -39.45
C THR B 92 -53.60 -19.77 -39.02
N GLY B 93 -54.07 -18.89 -39.92
CA GLY B 93 -54.28 -17.50 -39.59
C GLY B 93 -53.05 -16.61 -39.66
N VAL B 94 -51.98 -17.05 -40.32
CA VAL B 94 -50.79 -16.23 -40.49
C VAL B 94 -50.37 -16.25 -41.95
N THR B 95 -49.52 -15.29 -42.32
CA THR B 95 -48.93 -15.24 -43.65
C THR B 95 -47.58 -15.94 -43.62
N GLN B 96 -47.36 -16.83 -44.57
CA GLN B 96 -46.15 -17.64 -44.62
C GLN B 96 -45.19 -17.10 -45.67
N ASN B 97 -43.98 -17.66 -45.68
CA ASN B 97 -43.00 -17.45 -46.74
C ASN B 97 -42.56 -15.99 -46.82
N GLY B 98 -42.34 -15.38 -45.66
CA GLY B 98 -41.81 -14.03 -45.63
C GLY B 98 -40.42 -13.95 -46.24
N GLY B 99 -40.09 -12.77 -46.76
CA GLY B 99 -38.82 -12.59 -47.43
C GLY B 99 -38.26 -11.20 -47.16
N SER B 100 -36.96 -11.08 -47.41
CA SER B 100 -36.25 -9.83 -47.13
C SER B 100 -35.27 -9.54 -48.26
N ASN B 101 -35.03 -8.27 -48.50
CA ASN B 101 -34.02 -7.87 -49.48
C ASN B 101 -32.61 -8.04 -48.94
N ALA B 102 -32.45 -8.34 -47.65
CA ALA B 102 -31.16 -8.76 -47.12
C ALA B 102 -30.83 -10.19 -47.48
N CYS B 103 -31.78 -10.93 -48.07
CA CYS B 103 -31.58 -12.33 -48.39
C CYS B 103 -32.15 -12.62 -49.79
N LYS B 104 -31.60 -11.96 -50.79
CA LYS B 104 -32.13 -12.08 -52.15
C LYS B 104 -31.97 -13.49 -52.67
N ARG B 105 -33.03 -14.02 -53.27
CA ARG B 105 -33.00 -15.28 -54.00
C ARG B 105 -33.36 -14.98 -55.44
N GLY B 106 -32.37 -15.03 -56.33
CA GLY B 106 -32.55 -14.54 -57.67
C GLY B 106 -32.67 -13.03 -57.66
N PRO B 107 -33.63 -12.50 -58.40
CA PRO B 107 -33.74 -11.04 -58.52
C PRO B 107 -34.43 -10.40 -57.32
N GLY B 108 -35.31 -11.14 -56.65
CA GLY B 108 -36.15 -10.59 -55.62
C GLY B 108 -35.76 -11.01 -54.21
N SER B 109 -36.53 -10.52 -53.25
CA SER B 109 -36.27 -10.83 -51.85
C SER B 109 -36.48 -12.33 -51.59
N GLY B 110 -35.92 -12.80 -50.49
CA GLY B 110 -36.00 -14.20 -50.16
C GLY B 110 -35.73 -14.45 -48.70
N PHE B 111 -35.43 -15.71 -48.38
CA PHE B 111 -35.23 -16.13 -47.00
C PHE B 111 -34.47 -17.44 -47.01
N PHE B 112 -34.09 -17.89 -45.82
CA PHE B 112 -33.51 -19.23 -45.68
C PHE B 112 -34.46 -20.27 -46.25
N SER B 113 -33.92 -21.16 -47.07
CA SER B 113 -34.77 -22.15 -47.74
C SER B 113 -35.45 -23.09 -46.76
N ARG B 114 -34.80 -23.41 -45.64
CA ARG B 114 -35.34 -24.38 -44.69
C ARG B 114 -36.18 -23.76 -43.59
N LEU B 115 -36.36 -22.44 -43.59
CA LEU B 115 -37.13 -21.75 -42.57
C LEU B 115 -38.30 -21.01 -43.19
N ASN B 116 -39.35 -20.82 -42.40
CA ASN B 116 -40.61 -20.24 -42.87
C ASN B 116 -40.94 -19.04 -41.97
N TRP B 117 -40.75 -17.83 -42.51
CA TRP B 117 -40.98 -16.61 -41.74
C TRP B 117 -42.48 -16.30 -41.72
N LEU B 118 -43.11 -16.45 -40.56
CA LEU B 118 -44.55 -16.20 -40.42
C LEU B 118 -44.80 -14.77 -39.96
N THR B 119 -45.84 -14.16 -40.51
CA THR B 119 -46.25 -12.82 -40.09
C THR B 119 -47.77 -12.78 -40.01
N LYS B 120 -48.29 -11.64 -39.59
CA LYS B 120 -49.72 -11.53 -39.40
C LYS B 120 -50.48 -11.71 -40.71
N SER B 121 -51.72 -12.13 -40.59
CA SER B 121 -52.65 -12.19 -41.72
C SER B 121 -53.88 -11.39 -41.31
N GLY B 122 -54.14 -10.31 -42.02
CA GLY B 122 -55.23 -9.43 -41.64
C GLY B 122 -54.80 -8.58 -40.47
N SER B 123 -55.64 -8.54 -39.44
CA SER B 123 -55.36 -7.75 -38.25
C SER B 123 -54.97 -8.59 -37.03
N THR B 124 -54.84 -9.91 -37.20
CA THR B 124 -54.58 -10.79 -36.07
C THR B 124 -53.38 -11.68 -36.33
N TYR B 125 -52.64 -11.96 -35.26
CA TYR B 125 -51.69 -13.06 -35.24
C TYR B 125 -52.13 -14.00 -34.13
N PRO B 126 -52.62 -15.18 -34.45
CA PRO B 126 -53.21 -16.04 -33.41
C PRO B 126 -52.14 -16.75 -32.59
N VAL B 127 -52.60 -17.44 -31.55
CA VAL B 127 -51.72 -18.30 -30.79
C VAL B 127 -51.54 -19.61 -31.55
N LEU B 128 -50.49 -19.70 -32.35
CA LEU B 128 -50.18 -20.94 -33.06
C LEU B 128 -49.84 -22.04 -32.07
N ASN B 129 -50.26 -23.26 -32.40
CA ASN B 129 -50.08 -24.41 -31.52
C ASN B 129 -50.15 -25.65 -32.40
N VAL B 130 -48.99 -26.22 -32.73
CA VAL B 130 -48.92 -27.34 -33.65
C VAL B 130 -48.06 -28.44 -33.04
N THR B 131 -48.40 -29.68 -33.37
CA THR B 131 -47.72 -30.86 -32.84
C THR B 131 -47.29 -31.75 -34.01
N MET B 132 -46.04 -32.19 -34.00
CA MET B 132 -45.52 -33.11 -35.01
C MET B 132 -44.85 -34.28 -34.31
N PRO B 133 -45.49 -35.43 -34.24
CA PRO B 133 -44.88 -36.58 -33.55
C PRO B 133 -43.74 -37.17 -34.38
N ASN B 134 -42.82 -37.81 -33.69
CA ASN B 134 -41.78 -38.60 -34.35
C ASN B 134 -42.17 -40.06 -34.22
N ASN B 135 -42.73 -40.61 -35.30
CA ASN B 135 -43.10 -42.01 -35.38
C ASN B 135 -42.11 -42.82 -36.19
N ASP B 136 -40.94 -42.26 -36.47
CA ASP B 136 -39.85 -42.93 -37.16
C ASP B 136 -38.91 -43.56 -36.14
N ASN B 137 -37.93 -44.31 -36.62
CA ASN B 137 -36.95 -44.95 -35.74
C ASN B 137 -35.60 -44.24 -35.76
N PHE B 138 -35.57 -42.96 -36.12
CA PHE B 138 -34.35 -42.17 -36.09
C PHE B 138 -34.64 -40.82 -35.45
N ASP B 139 -33.57 -40.12 -35.07
CA ASP B 139 -33.69 -38.80 -34.46
C ASP B 139 -33.98 -37.75 -35.54
N LYS B 140 -34.95 -36.88 -35.25
CA LYS B 140 -35.25 -35.74 -36.08
C LYS B 140 -34.56 -34.50 -35.51
N LEU B 141 -33.88 -33.75 -36.36
CA LEU B 141 -33.33 -32.45 -35.97
C LEU B 141 -34.18 -31.36 -36.60
N TYR B 142 -34.74 -30.49 -35.77
CA TYR B 142 -35.54 -29.36 -36.22
C TYR B 142 -34.78 -28.07 -35.98
N ILE B 143 -34.65 -27.25 -37.04
CA ILE B 143 -34.06 -25.93 -36.97
C ILE B 143 -35.19 -24.90 -37.05
N TRP B 144 -35.17 -23.92 -36.15
CA TRP B 144 -36.19 -22.88 -36.11
C TRP B 144 -35.52 -21.63 -35.54
N GLY B 145 -36.31 -20.59 -35.32
CA GLY B 145 -35.72 -19.36 -34.84
C GLY B 145 -36.76 -18.40 -34.31
N ILE B 146 -36.27 -17.25 -33.86
CA ILE B 146 -37.11 -16.18 -33.36
C ILE B 146 -36.60 -14.87 -33.94
N HIS B 147 -37.54 -13.99 -34.30
CA HIS B 147 -37.19 -12.70 -34.88
C HIS B 147 -37.10 -11.65 -33.77
N HIS B 148 -35.97 -10.94 -33.73
CA HIS B 148 -35.78 -9.78 -32.85
C HIS B 148 -35.98 -8.53 -33.69
N PRO B 149 -37.15 -7.87 -33.63
CA PRO B 149 -37.37 -6.69 -34.47
C PRO B 149 -36.55 -5.51 -34.00
N SER B 150 -36.33 -4.56 -34.92
CA SER B 150 -35.49 -3.41 -34.64
C SER B 150 -36.21 -2.35 -33.81
N THR B 151 -37.54 -2.22 -33.95
CA THR B 151 -38.31 -1.21 -33.23
C THR B 151 -39.62 -1.82 -32.76
N ASP B 152 -40.29 -1.09 -31.86
CA ASP B 152 -41.62 -1.52 -31.41
C ASP B 152 -42.62 -1.49 -32.56
N GLN B 153 -42.55 -0.47 -33.43
CA GLN B 153 -43.47 -0.40 -34.56
C GLN B 153 -43.28 -1.59 -35.49
N GLU B 154 -42.03 -1.99 -35.71
CA GLU B 154 -41.80 -3.17 -36.54
C GLU B 154 -42.38 -4.42 -35.88
N GLN B 155 -42.28 -4.51 -34.56
CA GLN B 155 -42.84 -5.64 -33.86
C GLN B 155 -44.35 -5.75 -34.08
N THR B 156 -45.07 -4.65 -33.89
CA THR B 156 -46.53 -4.71 -33.98
C THR B 156 -47.01 -4.77 -35.42
N SER B 157 -46.31 -4.12 -36.35
CA SER B 157 -46.74 -4.17 -37.73
C SER B 157 -46.64 -5.58 -38.30
N LEU B 158 -45.69 -6.37 -37.81
CA LEU B 158 -45.53 -7.74 -38.29
C LEU B 158 -46.32 -8.77 -37.48
N TYR B 159 -46.45 -8.58 -36.16
CA TYR B 159 -46.96 -9.64 -35.29
C TYR B 159 -48.13 -9.20 -34.40
N VAL B 160 -48.61 -7.96 -34.55
CA VAL B 160 -49.76 -7.44 -33.79
C VAL B 160 -49.41 -7.31 -32.31
N GLN B 161 -49.05 -8.43 -31.67
CA GLN B 161 -48.72 -8.40 -30.25
C GLN B 161 -47.51 -7.51 -30.00
N ALA B 162 -47.55 -6.75 -28.91
CA ALA B 162 -46.42 -5.88 -28.56
C ALA B 162 -45.20 -6.66 -28.13
N SER B 163 -45.38 -7.89 -27.65
CA SER B 163 -44.27 -8.75 -27.26
C SER B 163 -44.60 -10.18 -27.66
N GLY B 164 -43.73 -10.79 -28.45
CA GLY B 164 -43.94 -12.14 -28.92
C GLY B 164 -43.40 -13.18 -27.96
N ARG B 165 -43.35 -14.41 -28.43
CA ARG B 165 -42.91 -15.56 -27.63
C ARG B 165 -42.90 -16.79 -28.52
N VAL B 166 -41.85 -17.59 -28.39
CA VAL B 166 -41.73 -18.86 -29.07
C VAL B 166 -41.45 -19.93 -28.02
N THR B 167 -42.28 -20.96 -27.98
CA THR B 167 -42.12 -22.07 -27.06
C THR B 167 -42.13 -23.35 -27.87
N VAL B 168 -41.00 -24.05 -27.88
CA VAL B 168 -40.84 -25.30 -28.63
C VAL B 168 -40.58 -26.40 -27.61
N SER B 169 -41.48 -27.36 -27.53
CA SER B 169 -41.42 -28.37 -26.48
C SER B 169 -41.31 -29.78 -27.07
N THR B 170 -40.79 -30.68 -26.25
CA THR B 170 -40.96 -32.11 -26.39
C THR B 170 -41.58 -32.63 -25.10
N ARG B 171 -41.77 -33.95 -25.02
CA ARG B 171 -42.21 -34.51 -23.75
C ARG B 171 -41.14 -34.40 -22.67
N ARG B 172 -39.88 -34.11 -23.04
CA ARG B 172 -38.78 -34.08 -22.10
C ARG B 172 -38.08 -32.74 -21.99
N SER B 173 -38.43 -31.76 -22.82
CA SER B 173 -37.66 -30.52 -22.87
C SER B 173 -38.56 -29.39 -23.33
N GLN B 174 -38.10 -28.17 -23.07
CA GLN B 174 -38.82 -27.00 -23.53
C GLN B 174 -37.83 -25.85 -23.68
N GLN B 175 -37.97 -25.11 -24.78
CA GLN B 175 -37.16 -23.91 -25.03
C GLN B 175 -38.12 -22.76 -25.31
N THR B 176 -38.26 -21.87 -24.34
CA THR B 176 -39.09 -20.67 -24.47
C THR B 176 -38.19 -19.44 -24.61
N ILE B 177 -38.44 -18.66 -25.67
CA ILE B 177 -37.67 -17.47 -25.98
C ILE B 177 -38.61 -16.28 -26.10
N ILE B 178 -38.20 -15.15 -25.56
CA ILE B 178 -38.88 -13.88 -25.71
C ILE B 178 -38.02 -12.99 -26.59
N PRO B 179 -38.57 -12.34 -27.61
CA PRO B 179 -37.74 -11.47 -28.46
C PRO B 179 -37.17 -10.28 -27.69
N ASN B 180 -36.04 -9.78 -28.16
CA ASN B 180 -35.37 -8.60 -27.63
C ASN B 180 -35.41 -7.53 -28.72
N ILE B 181 -36.26 -6.52 -28.53
CA ILE B 181 -36.48 -5.48 -29.54
C ILE B 181 -35.39 -4.42 -29.42
N GLY B 182 -34.75 -4.09 -30.54
CA GLY B 182 -33.72 -3.07 -30.54
C GLY B 182 -33.02 -2.92 -31.87
N SER B 183 -32.44 -1.75 -32.14
CA SER B 183 -31.79 -1.49 -33.41
C SER B 183 -30.31 -1.82 -33.29
N ARG B 184 -29.90 -2.93 -33.87
CA ARG B 184 -28.51 -3.36 -33.93
C ARG B 184 -27.82 -2.69 -35.11
N PRO B 185 -26.49 -2.78 -35.17
CA PRO B 185 -25.78 -2.17 -36.30
C PRO B 185 -26.22 -2.74 -37.65
N TRP B 186 -26.33 -1.83 -38.61
CA TRP B 186 -26.74 -2.10 -39.99
C TRP B 186 -26.04 -3.32 -40.58
N VAL B 187 -26.82 -4.30 -41.05
CA VAL B 187 -26.27 -5.42 -41.82
C VAL B 187 -27.21 -5.66 -43.01
N ARG B 188 -26.69 -5.46 -44.22
CA ARG B 188 -27.45 -5.67 -45.45
C ARG B 188 -28.81 -4.98 -45.37
N GLY B 189 -28.82 -3.77 -44.83
CA GLY B 189 -30.01 -2.93 -44.78
C GLY B 189 -30.83 -3.03 -43.51
N LEU B 190 -30.49 -3.94 -42.59
CA LEU B 190 -31.38 -4.26 -41.48
C LEU B 190 -30.73 -3.99 -40.13
N SER B 191 -31.54 -3.56 -39.17
CA SER B 191 -31.16 -3.40 -37.77
C SER B 191 -31.67 -4.51 -36.88
N SER B 192 -32.48 -5.41 -37.42
CA SER B 192 -33.04 -6.51 -36.67
C SER B 192 -32.11 -7.71 -36.77
N ARG B 193 -32.46 -8.76 -36.02
CA ARG B 193 -31.69 -10.00 -35.98
C ARG B 193 -32.65 -11.16 -35.85
N ILE B 194 -32.15 -12.35 -36.16
CA ILE B 194 -32.85 -13.59 -35.92
C ILE B 194 -31.94 -14.47 -35.08
N SER B 195 -32.50 -15.14 -34.08
CA SER B 195 -31.77 -16.13 -33.30
C SER B 195 -32.19 -17.51 -33.79
N ILE B 196 -31.21 -18.36 -34.12
CA ILE B 196 -31.47 -19.71 -34.61
C ILE B 196 -31.39 -20.68 -33.43
N TYR B 197 -32.44 -21.47 -33.25
CA TYR B 197 -32.51 -22.50 -32.23
C TYR B 197 -32.74 -23.85 -32.89
N TRP B 198 -32.47 -24.93 -32.15
CA TRP B 198 -32.65 -26.26 -32.69
C TRP B 198 -33.13 -27.22 -31.61
N THR B 199 -33.80 -28.28 -32.06
CA THR B 199 -34.41 -29.27 -31.16
C THR B 199 -34.27 -30.65 -31.77
N ILE B 200 -33.75 -31.60 -31.00
CA ILE B 200 -33.72 -33.00 -31.40
C ILE B 200 -34.98 -33.69 -30.85
N VAL B 201 -35.67 -34.44 -31.70
CA VAL B 201 -36.86 -35.17 -31.29
C VAL B 201 -36.60 -36.66 -31.52
N LYS B 202 -36.54 -37.42 -30.43
CA LYS B 202 -36.23 -38.84 -30.51
C LYS B 202 -37.46 -39.64 -30.89
N PRO B 203 -37.28 -40.88 -31.39
CA PRO B 203 -38.43 -41.73 -31.68
C PRO B 203 -39.33 -41.87 -30.46
N GLY B 204 -40.64 -41.85 -30.71
CA GLY B 204 -41.60 -41.87 -29.63
C GLY B 204 -41.86 -40.52 -28.99
N ASP B 205 -41.03 -39.52 -29.23
CA ASP B 205 -41.27 -38.18 -28.72
C ASP B 205 -42.02 -37.35 -29.76
N VAL B 206 -42.37 -36.12 -29.39
CA VAL B 206 -43.13 -35.22 -30.26
C VAL B 206 -42.48 -33.85 -30.25
N LEU B 207 -42.75 -33.09 -31.31
CA LEU B 207 -42.40 -31.67 -31.34
C LEU B 207 -43.68 -30.87 -31.15
N VAL B 208 -43.63 -29.88 -30.26
CA VAL B 208 -44.74 -28.96 -30.05
C VAL B 208 -44.23 -27.55 -30.25
N ILE B 209 -44.85 -26.82 -31.17
CA ILE B 209 -44.48 -25.43 -31.43
C ILE B 209 -45.66 -24.55 -31.07
N ASN B 210 -45.41 -23.58 -30.19
CA ASN B 210 -46.43 -22.65 -29.73
C ASN B 210 -45.87 -21.24 -29.80
N SER B 211 -46.56 -20.33 -30.48
CA SER B 211 -46.10 -18.95 -30.56
C SER B 211 -47.26 -18.01 -30.82
N ASN B 212 -47.18 -16.82 -30.23
CA ASN B 212 -48.12 -15.74 -30.54
C ASN B 212 -47.39 -14.56 -31.17
N GLY B 213 -46.27 -14.83 -31.80
CA GLY B 213 -45.56 -13.85 -32.61
C GLY B 213 -44.07 -14.14 -32.65
N ASN B 214 -43.43 -13.69 -33.74
CA ASN B 214 -41.98 -13.66 -33.93
C ASN B 214 -41.40 -15.03 -34.24
N LEU B 215 -42.23 -16.06 -34.39
CA LEU B 215 -41.73 -17.39 -34.71
C LEU B 215 -41.15 -17.43 -36.12
N ILE B 216 -39.96 -18.01 -36.24
CA ILE B 216 -39.39 -18.39 -37.54
C ILE B 216 -39.56 -19.92 -37.60
N ALA B 217 -40.56 -20.37 -38.36
CA ALA B 217 -40.98 -21.76 -38.22
C ALA B 217 -40.07 -22.70 -39.00
N PRO B 218 -39.96 -23.94 -38.56
CA PRO B 218 -39.29 -24.96 -39.38
C PRO B 218 -40.18 -25.40 -40.52
N ARG B 219 -39.54 -25.95 -41.56
CA ARG B 219 -40.27 -26.52 -42.69
C ARG B 219 -40.22 -28.05 -42.70
N GLY B 220 -39.48 -28.65 -41.77
CA GLY B 220 -39.26 -30.08 -41.77
C GLY B 220 -38.09 -30.40 -40.85
N TYR B 221 -37.49 -31.57 -41.06
CA TYR B 221 -36.42 -32.04 -40.20
C TYR B 221 -35.27 -32.57 -41.04
N PHE B 222 -34.10 -32.57 -40.42
CA PHE B 222 -32.92 -33.25 -40.94
C PHE B 222 -32.84 -34.63 -40.31
N LYS B 223 -32.62 -35.65 -41.14
CA LYS B 223 -32.53 -37.03 -40.69
C LYS B 223 -31.14 -37.27 -40.11
N MET B 224 -31.07 -37.45 -38.79
CA MET B 224 -29.79 -37.57 -38.10
C MET B 224 -29.27 -39.00 -38.14
N ARG B 225 -27.98 -39.13 -38.43
CA ARG B 225 -27.29 -40.40 -38.32
C ARG B 225 -26.14 -40.27 -37.33
N THR B 226 -25.70 -41.41 -36.82
CA THR B 226 -24.48 -41.49 -36.02
C THR B 226 -23.37 -42.02 -36.90
N GLY B 227 -22.34 -41.21 -37.11
CA GLY B 227 -21.28 -41.61 -38.02
C GLY B 227 -19.91 -41.16 -37.58
N LYS B 228 -18.91 -41.37 -38.42
CA LYS B 228 -17.54 -40.96 -38.16
C LYS B 228 -17.14 -39.72 -38.95
N SER B 229 -18.12 -38.95 -39.42
CA SER B 229 -17.83 -37.74 -40.16
C SER B 229 -17.44 -36.60 -39.22
N SER B 230 -16.77 -35.59 -39.78
CA SER B 230 -16.35 -34.45 -38.99
C SER B 230 -16.27 -33.22 -39.88
N ILE B 231 -15.83 -32.12 -39.27
CA ILE B 231 -15.70 -30.83 -39.94
C ILE B 231 -14.34 -30.25 -39.56
N MET B 232 -13.79 -29.45 -40.46
CA MET B 232 -12.47 -28.87 -40.26
C MET B 232 -12.43 -27.47 -40.87
N ARG B 233 -11.83 -26.53 -40.14
CA ARG B 233 -11.54 -25.20 -40.67
C ARG B 233 -10.19 -25.25 -41.35
N SER B 234 -10.16 -25.05 -42.67
CA SER B 234 -8.91 -25.07 -43.41
C SER B 234 -9.06 -24.27 -44.69
N ASP B 235 -7.95 -23.66 -45.11
CA ASP B 235 -7.86 -22.99 -46.40
C ASP B 235 -6.97 -23.76 -47.37
N ALA B 236 -6.50 -24.94 -46.99
CA ALA B 236 -5.66 -25.72 -47.89
C ALA B 236 -6.51 -26.24 -49.06
N PRO B 237 -5.96 -26.22 -50.27
CA PRO B 237 -6.75 -26.66 -51.42
C PRO B 237 -6.91 -28.17 -51.46
N ILE B 238 -8.03 -28.62 -52.02
CA ILE B 238 -8.29 -30.05 -52.18
C ILE B 238 -7.61 -30.53 -53.45
N ASP B 239 -6.97 -31.70 -53.37
CA ASP B 239 -6.28 -32.29 -54.51
C ASP B 239 -6.55 -33.78 -54.55
N THR B 240 -6.35 -34.36 -55.73
CA THR B 240 -6.53 -35.80 -55.94
C THR B 240 -5.22 -36.50 -55.58
N CYS B 241 -5.20 -37.14 -54.42
CA CYS B 241 -4.02 -37.85 -53.94
C CYS B 241 -4.44 -38.73 -52.78
N ILE B 242 -3.47 -39.46 -52.22
CA ILE B 242 -3.70 -40.36 -51.10
C ILE B 242 -3.39 -39.63 -49.79
N SER B 243 -4.23 -39.86 -48.78
CA SER B 243 -3.91 -39.41 -47.43
C SER B 243 -4.91 -39.93 -46.42
N GLU B 244 -4.46 -40.80 -45.52
CA GLU B 244 -5.31 -41.27 -44.44
C GLU B 244 -5.42 -40.24 -43.32
N CYS B 245 -4.44 -39.35 -43.19
CA CYS B 245 -4.40 -38.35 -42.14
C CYS B 245 -4.50 -36.96 -42.76
N ILE B 246 -5.40 -36.14 -42.21
CA ILE B 246 -5.65 -34.80 -42.74
C ILE B 246 -5.56 -33.81 -41.59
N THR B 247 -4.82 -32.73 -41.80
CA THR B 247 -4.75 -31.60 -40.88
C THR B 247 -5.22 -30.35 -41.60
N PRO B 248 -5.62 -29.31 -40.86
CA PRO B 248 -5.96 -28.04 -41.53
C PRO B 248 -4.82 -27.46 -42.33
N ASN B 249 -3.56 -27.72 -41.93
CA ASN B 249 -2.42 -27.29 -42.73
C ASN B 249 -2.31 -28.10 -44.03
N GLY B 250 -2.88 -29.29 -44.09
CA GLY B 250 -2.77 -30.16 -45.23
C GLY B 250 -2.50 -31.58 -44.79
N SER B 251 -2.29 -32.45 -45.78
CA SER B 251 -2.09 -33.87 -45.53
C SER B 251 -0.69 -34.14 -44.99
N ILE B 252 -0.62 -35.13 -44.10
CA ILE B 252 0.67 -35.59 -43.56
C ILE B 252 0.69 -37.11 -43.57
N PRO B 253 1.86 -37.74 -43.67
CA PRO B 253 1.92 -39.20 -43.49
C PRO B 253 1.78 -39.57 -42.03
N ASN B 254 1.28 -40.79 -41.78
CA ASN B 254 0.95 -41.21 -40.42
C ASN B 254 1.85 -42.35 -39.93
N ASP B 255 3.05 -42.47 -40.48
CA ASP B 255 3.95 -43.56 -40.10
C ASP B 255 4.68 -43.29 -38.79
N LYS B 256 4.78 -42.03 -38.37
CA LYS B 256 5.46 -41.70 -37.12
C LYS B 256 4.45 -41.60 -35.98
N PRO B 257 4.90 -41.78 -34.74
CA PRO B 257 3.94 -41.76 -33.62
C PRO B 257 3.43 -40.38 -33.27
N PHE B 258 4.21 -39.34 -33.51
CA PHE B 258 3.83 -37.98 -33.13
C PHE B 258 3.89 -37.04 -34.32
N GLN B 259 3.23 -35.90 -34.18
CA GLN B 259 3.19 -34.90 -35.25
C GLN B 259 3.22 -33.50 -34.65
N ASN B 260 3.99 -32.62 -35.30
CA ASN B 260 4.14 -31.22 -34.89
C ASN B 260 3.15 -30.29 -35.56
N VAL B 261 2.36 -30.79 -36.51
CA VAL B 261 1.67 -29.91 -37.45
C VAL B 261 0.51 -29.19 -36.79
N ASN B 262 -0.45 -29.94 -36.26
CA ASN B 262 -1.70 -29.33 -35.81
C ASN B 262 -2.37 -30.25 -34.80
N LYS B 263 -2.93 -29.66 -33.74
CA LYS B 263 -3.65 -30.45 -32.75
C LYS B 263 -4.99 -30.95 -33.27
N ILE B 264 -5.53 -30.31 -34.31
CA ILE B 264 -6.74 -30.78 -34.97
C ILE B 264 -6.33 -31.69 -36.13
N THR B 265 -6.74 -32.95 -36.08
CA THR B 265 -6.47 -33.89 -37.16
C THR B 265 -7.73 -34.69 -37.44
N TYR B 266 -7.78 -35.30 -38.62
CA TYR B 266 -8.88 -36.18 -38.99
C TYR B 266 -8.32 -37.43 -39.64
N GLY B 267 -8.75 -38.59 -39.15
CA GLY B 267 -8.30 -39.86 -39.68
C GLY B 267 -7.26 -40.52 -38.77
N ALA B 268 -6.69 -41.61 -39.28
CA ALA B 268 -5.63 -42.31 -38.56
C ALA B 268 -4.38 -41.44 -38.57
N CYS B 269 -4.15 -40.74 -37.47
CA CYS B 269 -3.12 -39.71 -37.38
C CYS B 269 -2.20 -39.95 -36.21
N PRO B 270 -0.97 -39.44 -36.28
CA PRO B 270 -0.09 -39.46 -35.11
C PRO B 270 -0.63 -38.57 -34.00
N LYS B 271 -0.21 -38.89 -32.77
CA LYS B 271 -0.61 -38.09 -31.63
C LYS B 271 0.10 -36.74 -31.66
N TYR B 272 -0.65 -35.69 -31.29
CA TYR B 272 -0.11 -34.35 -31.36
C TYR B 272 0.80 -34.04 -30.19
N VAL B 273 1.90 -33.34 -30.46
CA VAL B 273 2.77 -32.73 -29.46
C VAL B 273 3.00 -31.28 -29.88
N LYS B 274 3.48 -30.46 -28.92
CA LYS B 274 3.78 -29.04 -29.12
C LYS B 274 4.85 -28.90 -30.20
N GLN B 275 6.05 -29.42 -29.94
CA GLN B 275 7.21 -29.43 -30.85
C GLN B 275 8.46 -30.04 -30.19
N GLU C 1 -4.57 -19.19 -23.39
CA GLU C 1 -5.52 -18.12 -23.10
C GLU C 1 -5.69 -17.21 -24.32
N VAL C 2 -6.65 -16.29 -24.23
CA VAL C 2 -6.93 -15.36 -25.31
C VAL C 2 -5.93 -14.22 -25.26
N GLN C 3 -5.28 -13.95 -26.39
CA GLN C 3 -4.28 -12.89 -26.46
C GLN C 3 -4.47 -12.10 -27.73
N LEU C 4 -4.21 -10.79 -27.66
CA LEU C 4 -4.23 -9.88 -28.80
C LEU C 4 -2.90 -9.17 -28.85
N LEU C 5 -2.12 -9.40 -29.91
CA LEU C 5 -0.77 -8.84 -30.03
C LEU C 5 -0.75 -7.79 -31.13
N GLU C 6 -0.55 -6.54 -30.74
CA GLU C 6 -0.59 -5.42 -31.68
C GLU C 6 0.81 -5.07 -32.16
N SER C 7 0.87 -4.51 -33.36
CA SER C 7 2.11 -4.06 -33.96
C SER C 7 1.79 -3.02 -35.02
N GLY C 8 2.82 -2.36 -35.52
CA GLY C 8 2.68 -1.42 -36.62
C GLY C 8 2.69 0.03 -36.23
N GLY C 9 2.75 0.35 -34.94
CA GLY C 9 2.80 1.75 -34.52
C GLY C 9 4.17 2.37 -34.81
N GLY C 10 4.16 3.69 -34.95
CA GLY C 10 5.40 4.38 -35.24
C GLY C 10 5.16 5.86 -35.52
N LEU C 11 6.18 6.49 -36.11
CA LEU C 11 6.20 7.92 -36.35
C LEU C 11 5.94 8.20 -37.82
N VAL C 12 5.03 9.14 -38.10
CA VAL C 12 4.70 9.49 -39.47
C VAL C 12 4.49 11.01 -39.52
N GLN C 13 4.76 11.59 -40.69
CA GLN C 13 4.44 13.00 -40.87
C GLN C 13 2.98 13.15 -41.29
N PRO C 14 2.36 14.30 -41.01
CA PRO C 14 0.97 14.48 -41.44
C PRO C 14 0.83 14.24 -42.94
N GLY C 15 -0.30 13.65 -43.32
CA GLY C 15 -0.50 13.20 -44.68
C GLY C 15 0.01 11.81 -44.98
N GLY C 16 0.84 11.24 -44.11
CA GLY C 16 1.38 9.92 -44.32
C GLY C 16 0.37 8.84 -43.99
N SER C 17 0.83 7.59 -44.03
CA SER C 17 -0.04 6.46 -43.82
C SER C 17 0.75 5.32 -43.17
N LEU C 18 0.03 4.50 -42.39
CA LEU C 18 0.59 3.27 -41.87
C LEU C 18 -0.55 2.31 -41.60
N ARG C 19 -0.20 1.04 -41.36
CA ARG C 19 -1.19 0.01 -41.13
C ARG C 19 -0.88 -0.69 -39.81
N LEU C 20 -1.87 -0.72 -38.92
CA LEU C 20 -1.75 -1.45 -37.68
C LEU C 20 -2.26 -2.88 -37.86
N SER C 21 -1.74 -3.80 -37.05
CA SER C 21 -2.19 -5.17 -37.07
C SER C 21 -2.42 -5.63 -35.63
N CYS C 22 -3.40 -6.51 -35.46
CA CYS C 22 -3.75 -7.09 -34.16
C CYS C 22 -3.84 -8.59 -34.38
N ALA C 23 -2.80 -9.31 -33.98
CA ALA C 23 -2.72 -10.76 -34.16
C ALA C 23 -3.37 -11.45 -32.97
N ALA C 24 -4.45 -12.18 -33.22
CA ALA C 24 -5.24 -12.83 -32.18
C ALA C 24 -4.86 -14.31 -32.05
N SER C 25 -5.00 -14.83 -30.83
CA SER C 25 -4.83 -16.25 -30.59
C SER C 25 -5.71 -16.66 -29.41
N GLY C 26 -6.04 -17.95 -29.35
CA GLY C 26 -6.76 -18.53 -28.22
C GLY C 26 -8.26 -18.61 -28.36
N PHE C 27 -8.82 -18.21 -29.50
CA PHE C 27 -10.26 -18.26 -29.71
C PHE C 27 -10.52 -18.36 -31.20
N THR C 28 -11.76 -18.71 -31.54
CA THR C 28 -12.18 -18.88 -32.93
C THR C 28 -12.43 -17.50 -33.53
N PHE C 29 -11.42 -17.01 -34.26
CA PHE C 29 -11.36 -15.59 -34.61
C PHE C 29 -12.60 -15.13 -35.37
N ASN C 30 -12.98 -15.87 -36.42
CA ASN C 30 -14.08 -15.46 -37.28
C ASN C 30 -15.42 -15.40 -36.55
N HIS C 31 -15.51 -15.87 -35.30
CA HIS C 31 -16.79 -15.82 -34.60
C HIS C 31 -17.06 -14.47 -33.95
N TYR C 32 -16.05 -13.61 -33.81
CA TYR C 32 -16.16 -12.43 -32.98
C TYR C 32 -15.91 -11.16 -33.78
N ALA C 33 -16.80 -10.18 -33.60
CA ALA C 33 -16.51 -8.82 -34.02
C ALA C 33 -15.25 -8.30 -33.34
N MET C 34 -14.46 -7.51 -34.08
CA MET C 34 -13.19 -6.95 -33.61
C MET C 34 -13.15 -5.45 -33.86
N THR C 35 -12.49 -4.72 -32.97
CA THR C 35 -12.68 -3.28 -32.85
C THR C 35 -11.36 -2.57 -32.54
N TRP C 36 -11.23 -1.36 -33.09
CA TRP C 36 -10.11 -0.47 -32.78
C TRP C 36 -10.60 0.66 -31.89
N VAL C 37 -9.86 0.92 -30.81
CA VAL C 37 -10.09 2.03 -29.90
C VAL C 37 -8.80 2.81 -29.78
N ARG C 38 -8.89 4.13 -29.63
CA ARG C 38 -7.71 4.95 -29.46
C ARG C 38 -7.87 5.86 -28.26
N GLN C 39 -6.72 6.33 -27.76
CA GLN C 39 -6.69 7.25 -26.63
C GLN C 39 -5.57 8.24 -26.89
N ALA C 40 -5.94 9.50 -27.12
CA ALA C 40 -4.97 10.56 -27.27
C ALA C 40 -4.40 10.94 -25.90
N PRO C 41 -3.20 11.55 -25.86
CA PRO C 41 -2.58 11.89 -24.56
C PRO C 41 -3.48 12.70 -23.64
N GLY C 42 -3.73 12.17 -22.44
CA GLY C 42 -4.59 12.85 -21.49
C GLY C 42 -6.07 12.89 -21.84
N LYS C 43 -6.52 12.06 -22.77
CA LYS C 43 -7.90 12.09 -23.24
C LYS C 43 -8.58 10.74 -23.00
N GLY C 44 -9.88 10.69 -23.27
CA GLY C 44 -10.65 9.49 -23.04
C GLY C 44 -10.53 8.48 -24.16
N LEU C 45 -11.12 7.31 -23.90
CA LEU C 45 -11.20 6.27 -24.93
C LEU C 45 -12.21 6.66 -26.00
N GLU C 46 -11.85 6.40 -27.26
CA GLU C 46 -12.69 6.75 -28.39
C GLU C 46 -12.81 5.53 -29.30
N TRP C 47 -14.04 5.14 -29.61
CA TRP C 47 -14.25 4.08 -30.57
C TRP C 47 -13.82 4.57 -31.95
N VAL C 48 -13.01 3.77 -32.65
CA VAL C 48 -12.52 4.16 -33.97
C VAL C 48 -13.29 3.40 -35.04
N ALA C 49 -13.18 2.08 -35.04
CA ALA C 49 -13.82 1.28 -36.08
C ALA C 49 -14.07 -0.13 -35.55
N SER C 50 -15.04 -0.80 -36.16
CA SER C 50 -15.38 -2.17 -35.83
C SER C 50 -15.60 -2.96 -37.10
N SER C 51 -15.21 -4.23 -37.06
CA SER C 51 -15.45 -5.16 -38.15
C SER C 51 -16.20 -6.37 -37.64
N SER C 52 -17.17 -6.83 -38.42
CA SER C 52 -17.91 -8.03 -38.08
C SER C 52 -16.99 -9.25 -38.15
N GLY C 53 -17.45 -10.35 -37.55
CA GLY C 53 -16.67 -11.58 -37.57
C GLY C 53 -16.18 -11.95 -38.96
N SER C 54 -17.00 -11.70 -39.99
CA SER C 54 -16.62 -12.04 -41.35
C SER C 54 -15.83 -10.92 -42.05
N GLY C 55 -15.83 -9.71 -41.50
CA GLY C 55 -15.26 -8.58 -42.19
C GLY C 55 -16.17 -7.96 -43.24
N ARG C 56 -17.36 -8.51 -43.46
CA ARG C 56 -18.26 -8.00 -44.49
C ARG C 56 -19.04 -6.77 -44.05
N SER C 57 -19.11 -6.51 -42.75
CA SER C 57 -19.76 -5.31 -42.23
C SER C 57 -18.73 -4.52 -41.42
N THR C 58 -18.59 -3.23 -41.75
CA THR C 58 -17.62 -2.35 -41.10
C THR C 58 -18.30 -1.05 -40.69
N TYR C 59 -17.80 -0.46 -39.61
CA TYR C 59 -18.36 0.77 -39.05
C TYR C 59 -17.21 1.65 -38.58
N TYR C 60 -17.36 2.96 -38.76
CA TYR C 60 -16.32 3.93 -38.48
C TYR C 60 -16.90 5.12 -37.71
N THR C 61 -16.08 5.68 -36.83
CA THR C 61 -16.42 6.97 -36.25
C THR C 61 -16.25 8.05 -37.32
N ASP C 62 -17.01 9.13 -37.17
CA ASP C 62 -17.12 10.10 -38.26
C ASP C 62 -15.78 10.75 -38.58
N SER C 63 -14.97 11.04 -37.55
CA SER C 63 -13.73 11.78 -37.79
C SER C 63 -12.71 11.00 -38.63
N VAL C 64 -12.88 9.69 -38.81
CA VAL C 64 -11.92 8.90 -39.59
C VAL C 64 -12.51 8.36 -40.88
N LYS C 65 -13.77 8.68 -41.19
CA LYS C 65 -14.39 8.16 -42.41
C LYS C 65 -13.66 8.69 -43.65
N GLY C 66 -13.47 7.79 -44.62
CA GLY C 66 -12.71 8.13 -45.82
C GLY C 66 -11.22 8.20 -45.62
N ARG C 67 -10.72 8.04 -44.41
CA ARG C 67 -9.29 8.05 -44.12
C ARG C 67 -8.79 6.74 -43.55
N PHE C 68 -9.58 6.07 -42.72
CA PHE C 68 -9.20 4.81 -42.11
C PHE C 68 -10.02 3.69 -42.73
N SER C 69 -9.43 2.49 -42.74
CA SER C 69 -10.09 1.32 -43.30
C SER C 69 -9.80 0.14 -42.40
N VAL C 70 -10.84 -0.46 -41.81
CA VAL C 70 -10.68 -1.65 -40.98
C VAL C 70 -10.92 -2.89 -41.83
N SER C 71 -10.07 -3.89 -41.64
CA SER C 71 -10.20 -5.15 -42.35
C SER C 71 -9.60 -6.24 -41.48
N ARG C 72 -9.82 -7.49 -41.91
CA ARG C 72 -9.29 -8.62 -41.17
C ARG C 72 -8.96 -9.73 -42.14
N ASP C 73 -7.92 -10.50 -41.82
CA ASP C 73 -7.57 -11.71 -42.55
C ASP C 73 -7.86 -12.87 -41.62
N ASN C 74 -9.03 -13.48 -41.80
CA ASN C 74 -9.44 -14.57 -40.92
C ASN C 74 -8.56 -15.80 -41.09
N SER C 75 -7.91 -15.97 -42.24
CA SER C 75 -6.98 -17.08 -42.39
C SER C 75 -5.75 -16.89 -41.50
N LYS C 76 -5.41 -15.64 -41.18
CA LYS C 76 -4.26 -15.35 -40.33
C LYS C 76 -4.64 -14.87 -38.94
N ASN C 77 -5.94 -14.84 -38.62
CA ASN C 77 -6.43 -14.41 -37.31
C ASN C 77 -5.93 -13.01 -36.96
N THR C 78 -5.96 -12.11 -37.94
CA THR C 78 -5.38 -10.78 -37.76
C THR C 78 -6.38 -9.71 -38.16
N LEU C 79 -6.50 -8.69 -37.32
CA LEU C 79 -7.28 -7.49 -37.60
C LEU C 79 -6.34 -6.37 -38.03
N TYR C 80 -6.78 -5.56 -38.99
CA TYR C 80 -5.96 -4.49 -39.55
C TYR C 80 -6.66 -3.15 -39.43
N LEU C 81 -5.86 -2.09 -39.32
CA LEU C 81 -6.37 -0.72 -39.44
C LEU C 81 -5.43 0.03 -40.39
N GLN C 82 -5.87 0.20 -41.63
CA GLN C 82 -5.13 1.03 -42.58
C GLN C 82 -5.49 2.48 -42.34
N MET C 83 -4.48 3.30 -42.00
CA MET C 83 -4.69 4.71 -41.65
C MET C 83 -4.01 5.58 -42.72
N ASN C 84 -4.82 6.26 -43.53
CA ASN C 84 -4.32 7.18 -44.55
C ASN C 84 -4.67 8.61 -44.18
N SER C 85 -3.95 9.56 -44.80
CA SER C 85 -4.16 10.99 -44.57
C SER C 85 -4.14 11.32 -43.09
N LEU C 86 -3.11 10.83 -42.41
CA LEU C 86 -2.99 11.02 -40.97
C LEU C 86 -2.80 12.49 -40.62
N ARG C 87 -3.38 12.90 -39.50
CA ARG C 87 -3.30 14.27 -38.99
C ARG C 87 -2.72 14.25 -37.58
N ALA C 88 -2.23 15.42 -37.14
CA ALA C 88 -1.66 15.52 -35.80
C ALA C 88 -2.60 14.98 -34.74
N GLU C 89 -3.89 15.28 -34.85
CA GLU C 89 -4.88 14.84 -33.88
C GLU C 89 -5.12 13.32 -33.88
N ASP C 90 -4.59 12.60 -34.86
CA ASP C 90 -4.66 11.14 -34.84
C ASP C 90 -3.64 10.52 -33.90
N THR C 91 -2.74 11.34 -33.34
CA THR C 91 -1.72 10.87 -32.41
C THR C 91 -2.40 10.29 -31.17
N ALA C 92 -2.11 9.02 -30.88
CA ALA C 92 -2.81 8.32 -29.81
C ALA C 92 -2.19 6.93 -29.65
N VAL C 93 -2.55 6.30 -28.54
CA VAL C 93 -2.38 4.86 -28.38
C VAL C 93 -3.60 4.19 -29.00
N TYR C 94 -3.37 3.25 -29.90
CA TYR C 94 -4.44 2.50 -30.57
C TYR C 94 -4.51 1.10 -29.98
N TYR C 95 -5.69 0.74 -29.46
CA TYR C 95 -5.96 -0.59 -28.95
C TYR C 95 -6.89 -1.35 -29.89
N CYS C 96 -6.64 -2.64 -30.01
CA CYS C 96 -7.64 -3.56 -30.56
C CYS C 96 -8.35 -4.25 -29.40
N ALA C 97 -9.62 -4.55 -29.60
CA ALA C 97 -10.42 -5.19 -28.56
C ALA C 97 -11.32 -6.24 -29.19
N LYS C 98 -11.44 -7.38 -28.52
CA LYS C 98 -12.32 -8.45 -28.93
C LYS C 98 -13.69 -8.27 -28.28
N SER C 99 -14.73 -8.43 -29.08
CA SER C 99 -16.08 -8.53 -28.53
C SER C 99 -16.24 -9.84 -27.78
N SER C 100 -16.88 -9.79 -26.60
CA SER C 100 -17.29 -11.04 -25.98
C SER C 100 -18.49 -11.60 -26.73
N ASN C 101 -18.87 -12.83 -26.39
CA ASN C 101 -20.16 -13.33 -26.82
C ASN C 101 -21.20 -13.01 -25.75
N TYR C 102 -22.47 -13.17 -26.11
CA TYR C 102 -23.55 -12.89 -25.19
C TYR C 102 -24.07 -14.15 -24.50
N TYR C 103 -24.31 -15.21 -25.27
CA TYR C 103 -24.92 -16.41 -24.70
C TYR C 103 -23.92 -17.29 -23.99
N GLY C 104 -22.62 -17.04 -24.13
CA GLY C 104 -21.58 -17.82 -23.48
C GLY C 104 -20.85 -18.70 -24.49
N SER C 105 -19.91 -19.48 -23.96
CA SER C 105 -19.14 -20.39 -24.78
C SER C 105 -20.04 -21.23 -25.66
N GLY C 106 -19.63 -21.43 -26.91
CA GLY C 106 -20.41 -22.21 -27.84
C GLY C 106 -21.38 -21.43 -28.68
N SER C 107 -21.64 -20.16 -28.35
CA SER C 107 -22.56 -19.33 -29.11
C SER C 107 -21.83 -18.68 -30.29
N TYR C 108 -22.60 -17.98 -31.12
CA TYR C 108 -22.12 -17.52 -32.41
C TYR C 108 -22.85 -16.21 -32.72
N SER C 109 -22.15 -15.10 -32.54
CA SER C 109 -22.73 -13.76 -32.73
C SER C 109 -21.77 -12.91 -33.55
N PRO C 110 -21.49 -13.28 -34.80
CA PRO C 110 -20.45 -12.57 -35.57
C PRO C 110 -20.87 -11.18 -36.02
N ASP C 111 -22.17 -10.87 -36.02
CA ASP C 111 -22.67 -9.59 -36.50
C ASP C 111 -23.13 -8.69 -35.35
N ASP C 112 -22.78 -9.03 -34.12
CA ASP C 112 -23.18 -8.26 -32.95
C ASP C 112 -21.96 -7.85 -32.14
N TYR C 113 -22.13 -6.76 -31.38
CA TYR C 113 -21.03 -6.04 -30.75
C TYR C 113 -21.33 -5.92 -29.26
N TYR C 114 -20.71 -6.78 -28.46
CA TYR C 114 -20.97 -6.86 -27.03
C TYR C 114 -19.79 -6.27 -26.25
N HIS C 115 -19.92 -6.26 -24.93
CA HIS C 115 -18.89 -5.69 -24.08
C HIS C 115 -17.53 -6.30 -24.42
N MET C 116 -16.49 -5.50 -24.28
CA MET C 116 -15.19 -5.89 -24.80
C MET C 116 -14.52 -6.88 -23.85
N ASP C 117 -14.17 -8.04 -24.39
CA ASP C 117 -13.61 -9.12 -23.60
C ASP C 117 -12.16 -8.84 -23.25
N VAL C 118 -11.31 -8.77 -24.28
CA VAL C 118 -9.87 -8.72 -24.15
C VAL C 118 -9.37 -7.52 -24.97
N TRP C 119 -8.31 -6.89 -24.48
CA TRP C 119 -7.68 -5.76 -25.12
C TRP C 119 -6.26 -6.14 -25.53
N GLY C 120 -5.80 -5.58 -26.65
CA GLY C 120 -4.39 -5.63 -26.96
C GLY C 120 -3.59 -4.71 -26.05
N GLN C 121 -2.27 -4.85 -26.13
CA GLN C 121 -1.39 -4.05 -25.29
C GLN C 121 -1.26 -2.60 -25.75
N GLY C 122 -1.83 -2.27 -26.91
CA GLY C 122 -1.76 -0.90 -27.41
C GLY C 122 -0.52 -0.66 -28.22
N THR C 123 -0.65 0.12 -29.30
CA THR C 123 0.48 0.53 -30.11
C THR C 123 0.32 2.02 -30.37
N THR C 124 1.43 2.75 -30.40
CA THR C 124 1.40 4.21 -30.44
C THR C 124 1.67 4.70 -31.86
N VAL C 125 0.82 5.61 -32.33
CA VAL C 125 0.99 6.30 -33.61
C VAL C 125 1.20 7.78 -33.30
N THR C 126 2.33 8.33 -33.75
CA THR C 126 2.66 9.72 -33.54
C THR C 126 2.70 10.42 -34.90
N VAL C 127 1.88 11.45 -35.07
CA VAL C 127 1.77 12.16 -36.34
C VAL C 127 2.31 13.57 -36.11
N SER C 128 3.42 13.89 -36.76
CA SER C 128 4.10 15.16 -36.49
C SER C 128 5.11 15.45 -37.58
N GLY C 129 5.28 16.74 -37.87
CA GLY C 129 6.32 17.15 -38.79
C GLY C 129 7.71 17.18 -38.20
N ALA C 130 7.83 17.00 -36.88
CA ALA C 130 9.12 17.08 -36.24
C ALA C 130 9.95 15.84 -36.52
N SER C 131 11.26 15.99 -36.53
CA SER C 131 12.16 14.87 -36.74
C SER C 131 12.75 14.43 -35.40
N THR C 132 13.17 13.16 -35.36
CA THR C 132 13.72 12.58 -34.14
C THR C 132 14.96 13.35 -33.70
N LYS C 133 15.02 13.70 -32.42
CA LYS C 133 16.21 14.35 -31.87
C LYS C 133 16.27 14.11 -30.37
N GLY C 134 17.50 14.00 -29.87
CA GLY C 134 17.73 13.77 -28.47
C GLY C 134 17.61 15.04 -27.65
N PRO C 135 17.35 14.87 -26.36
CA PRO C 135 17.15 16.04 -25.49
C PRO C 135 18.44 16.70 -25.07
N SER C 136 18.34 18.00 -24.82
CA SER C 136 19.37 18.74 -24.11
C SER C 136 19.00 18.74 -22.63
N VAL C 137 19.90 18.25 -21.79
CA VAL C 137 19.64 18.11 -20.35
C VAL C 137 20.36 19.22 -19.62
N PHE C 138 19.60 20.03 -18.89
CA PHE C 138 20.13 21.17 -18.16
C PHE C 138 19.86 21.03 -16.67
N PRO C 139 20.80 21.43 -15.83
CA PRO C 139 20.58 21.28 -14.38
C PRO C 139 19.63 22.33 -13.84
N LEU C 140 18.82 21.92 -12.86
CA LEU C 140 18.03 22.84 -12.04
C LEU C 140 18.75 22.88 -10.69
N ALA C 141 19.60 23.89 -10.53
CA ALA C 141 20.54 23.88 -9.42
C ALA C 141 19.84 24.25 -8.11
N PRO C 142 20.16 23.56 -7.01
CA PRO C 142 19.63 23.96 -5.71
C PRO C 142 20.29 25.25 -5.22
N SER C 143 19.55 25.99 -4.41
CA SER C 143 20.02 27.28 -3.90
C SER C 143 19.18 27.65 -2.69
N SER C 144 19.40 28.85 -2.16
CA SER C 144 18.56 29.37 -1.10
C SER C 144 17.11 29.53 -1.57
N LYS C 145 16.91 29.76 -2.87
CA LYS C 145 15.57 29.91 -3.44
C LYS C 145 14.85 28.58 -3.65
N SER C 146 15.50 27.46 -3.34
CA SER C 146 14.89 26.14 -3.44
C SER C 146 14.96 25.39 -2.11
N THR C 147 14.93 26.13 -1.00
CA THR C 147 14.99 25.57 0.35
C THR C 147 13.70 25.89 1.09
N SER C 148 13.08 24.86 1.66
CA SER C 148 11.83 25.04 2.39
C SER C 148 12.10 25.09 3.89
N GLY C 149 12.33 23.93 4.49
CA GLY C 149 12.76 23.87 5.87
C GLY C 149 14.20 23.41 5.96
N GLY C 150 14.40 22.10 5.94
CA GLY C 150 15.71 21.50 5.94
C GLY C 150 15.93 20.63 4.72
N THR C 151 15.09 20.83 3.72
CA THR C 151 15.24 20.16 2.45
C THR C 151 15.54 21.18 1.36
N ALA C 152 16.21 20.70 0.30
CA ALA C 152 16.49 21.48 -0.88
C ALA C 152 15.94 20.76 -2.09
N ALA C 153 15.41 21.51 -3.05
CA ALA C 153 14.93 20.95 -4.29
C ALA C 153 15.96 21.19 -5.40
N LEU C 154 16.14 20.17 -6.23
CA LEU C 154 17.00 20.27 -7.41
C LEU C 154 16.39 19.39 -8.49
N GLY C 155 16.93 19.48 -9.70
CA GLY C 155 16.39 18.67 -10.77
C GLY C 155 17.14 18.84 -12.06
N CYS C 156 16.53 18.31 -13.12
CA CYS C 156 17.06 18.37 -14.48
C CYS C 156 15.94 18.79 -15.43
N LEU C 157 16.27 19.68 -16.35
CA LEU C 157 15.35 20.08 -17.40
C LEU C 157 15.71 19.30 -18.67
N VAL C 158 14.82 18.39 -19.07
CA VAL C 158 14.98 17.57 -20.26
C VAL C 158 14.23 18.26 -21.38
N LYS C 159 14.95 19.00 -22.23
CA LYS C 159 14.33 19.93 -23.16
C LYS C 159 14.56 19.51 -24.61
N ASP C 160 13.53 19.70 -25.43
CA ASP C 160 13.61 19.68 -26.89
C ASP C 160 14.05 18.33 -27.42
N TYR C 161 13.20 17.33 -27.19
CA TYR C 161 13.42 15.99 -27.72
C TYR C 161 12.18 15.53 -28.46
N PHE C 162 12.36 14.52 -29.31
CA PHE C 162 11.26 13.97 -30.09
C PHE C 162 11.70 12.62 -30.62
N PRO C 163 10.83 11.60 -30.61
CA PRO C 163 9.51 11.69 -29.98
C PRO C 163 9.54 11.22 -28.53
N GLU C 164 8.37 11.09 -27.90
CA GLU C 164 8.27 10.44 -26.61
C GLU C 164 8.66 8.97 -26.72
N PRO C 165 9.09 8.34 -25.61
CA PRO C 165 9.31 8.95 -24.29
C PRO C 165 10.78 9.11 -23.94
N VAL C 166 11.04 9.81 -22.84
CA VAL C 166 12.33 9.78 -22.17
C VAL C 166 12.13 9.09 -20.82
N THR C 167 13.22 8.53 -20.30
CA THR C 167 13.24 8.01 -18.94
C THR C 167 14.28 8.77 -18.13
N VAL C 168 13.93 9.12 -16.89
CA VAL C 168 14.82 9.84 -16.00
C VAL C 168 14.96 9.05 -14.70
N SER C 169 16.19 8.73 -14.33
CA SER C 169 16.49 8.18 -13.02
C SER C 169 17.49 9.10 -12.32
N TRP C 170 17.68 8.87 -11.02
CA TRP C 170 18.59 9.67 -10.22
C TRP C 170 19.59 8.74 -9.52
N ASN C 171 20.87 9.06 -9.65
CA ASN C 171 21.95 8.26 -9.07
C ASN C 171 21.81 6.79 -9.47
N SER C 172 21.51 6.57 -10.75
CA SER C 172 21.38 5.24 -11.34
C SER C 172 20.32 4.40 -10.63
N GLY C 173 19.28 5.07 -10.12
CA GLY C 173 18.20 4.39 -9.43
C GLY C 173 18.35 4.33 -7.92
N ALA C 174 19.52 4.71 -7.38
CA ALA C 174 19.71 4.67 -5.94
C ALA C 174 18.82 5.67 -5.21
N LEU C 175 18.43 6.75 -5.88
CA LEU C 175 17.62 7.81 -5.29
C LEU C 175 16.23 7.78 -5.92
N THR C 176 15.24 7.35 -5.15
CA THR C 176 13.86 7.30 -5.61
C THR C 176 12.89 8.10 -4.75
N SER C 177 13.11 8.17 -3.45
CA SER C 177 12.21 8.93 -2.58
C SER C 177 12.29 10.42 -2.87
N GLY C 178 11.13 11.06 -2.96
CA GLY C 178 11.07 12.49 -3.22
C GLY C 178 11.25 12.89 -4.66
N VAL C 179 11.30 11.94 -5.59
CA VAL C 179 11.48 12.23 -7.00
C VAL C 179 10.13 12.52 -7.62
N HIS C 180 10.05 13.61 -8.40
CA HIS C 180 8.88 13.93 -9.20
C HIS C 180 9.34 14.19 -10.63
N THR C 181 8.99 13.29 -11.54
CA THR C 181 9.24 13.47 -12.97
C THR C 181 7.91 13.85 -13.63
N PHE C 182 7.85 15.04 -14.17
CA PHE C 182 6.56 15.54 -14.63
C PHE C 182 6.22 15.02 -16.03
N PRO C 183 4.94 14.95 -16.37
CA PRO C 183 4.56 14.62 -17.75
C PRO C 183 5.15 15.64 -18.71
N ALA C 184 5.62 15.17 -19.86
CA ALA C 184 6.19 16.08 -20.84
C ALA C 184 5.10 16.97 -21.43
N VAL C 185 5.50 18.13 -21.93
CA VAL C 185 4.59 19.06 -22.58
C VAL C 185 5.06 19.26 -24.02
N LEU C 186 4.11 19.37 -24.92
CA LEU C 186 4.40 19.59 -26.33
C LEU C 186 4.57 21.08 -26.55
N GLN C 187 5.77 21.50 -26.93
CA GLN C 187 6.02 22.90 -27.23
C GLN C 187 5.55 23.23 -28.64
N SER C 188 5.39 24.53 -28.90
CA SER C 188 4.89 24.97 -30.20
C SER C 188 5.88 24.68 -31.33
N SER C 189 7.09 24.23 -31.02
CA SER C 189 8.07 23.83 -32.02
C SER C 189 7.90 22.38 -32.46
N GLY C 190 6.99 21.64 -31.83
CA GLY C 190 6.82 20.23 -32.10
C GLY C 190 7.63 19.31 -31.19
N LEU C 191 8.57 19.85 -30.43
CA LEU C 191 9.41 19.06 -29.55
C LEU C 191 8.84 19.03 -28.15
N TYR C 192 9.23 18.03 -27.38
CA TYR C 192 8.74 17.84 -26.02
C TYR C 192 9.75 18.34 -25.01
N SER C 193 9.25 18.61 -23.80
CA SER C 193 10.08 19.11 -22.72
C SER C 193 9.46 18.67 -21.40
N LEU C 194 10.31 18.25 -20.47
CA LEU C 194 9.84 17.94 -19.13
C LEU C 194 10.94 18.27 -18.13
N SER C 195 10.56 18.24 -16.85
CA SER C 195 11.51 18.39 -15.77
C SER C 195 11.32 17.25 -14.78
N SER C 196 12.42 16.82 -14.18
CA SER C 196 12.42 15.87 -13.09
C SER C 196 13.07 16.56 -11.90
N VAL C 197 12.40 16.53 -10.75
CA VAL C 197 12.91 17.20 -9.55
C VAL C 197 12.94 16.19 -8.41
N VAL C 198 13.81 16.47 -7.45
CA VAL C 198 13.89 15.68 -6.22
C VAL C 198 14.22 16.62 -5.06
N THR C 199 13.60 16.38 -3.92
CA THR C 199 13.92 17.09 -2.69
C THR C 199 14.84 16.21 -1.84
N VAL C 200 15.93 16.81 -1.35
CA VAL C 200 16.97 16.11 -0.59
C VAL C 200 17.27 16.92 0.67
N PRO C 201 17.97 16.36 1.66
CA PRO C 201 18.38 17.18 2.81
C PRO C 201 19.31 18.30 2.37
N SER C 202 19.05 19.51 2.90
CA SER C 202 19.91 20.65 2.57
C SER C 202 21.28 20.53 3.19
N SER C 203 21.43 19.79 4.28
CA SER C 203 22.75 19.62 4.88
C SER C 203 23.66 18.74 4.04
N SER C 204 23.11 17.97 3.10
CA SER C 204 23.89 17.05 2.28
C SER C 204 24.37 17.66 0.97
N LEU C 205 23.95 18.89 0.66
CA LEU C 205 24.25 19.48 -0.65
C LEU C 205 25.75 19.61 -0.87
N GLY C 206 26.51 19.91 0.19
CA GLY C 206 27.94 20.11 0.03
C GLY C 206 28.71 18.84 -0.28
N THR C 207 28.26 17.70 0.23
CA THR C 207 28.98 16.45 0.10
C THR C 207 28.37 15.47 -0.89
N GLN C 208 27.04 15.36 -0.93
CA GLN C 208 26.39 14.34 -1.72
C GLN C 208 26.37 14.69 -3.20
N THR C 209 26.65 13.68 -4.04
CA THR C 209 26.61 13.84 -5.49
C THR C 209 25.21 13.50 -5.99
N TYR C 210 24.68 14.35 -6.89
CA TYR C 210 23.36 14.13 -7.49
C TYR C 210 23.50 14.16 -9.00
N ILE C 211 23.11 13.06 -9.65
CA ILE C 211 23.21 12.93 -11.10
C ILE C 211 21.89 12.40 -11.64
N CYS C 212 21.31 13.11 -12.59
CA CYS C 212 20.12 12.61 -13.27
C CYS C 212 20.55 11.87 -14.53
N ASN C 213 19.96 10.70 -14.74
CA ASN C 213 20.27 9.83 -15.87
C ASN C 213 19.10 9.87 -16.83
N VAL C 214 19.32 10.50 -17.99
CA VAL C 214 18.30 10.67 -19.01
C VAL C 214 18.61 9.75 -20.17
N ASN C 215 17.63 8.95 -20.57
CA ASN C 215 17.75 8.06 -21.71
C ASN C 215 16.60 8.35 -22.67
N HIS C 216 16.92 8.53 -23.94
CA HIS C 216 15.95 8.75 -25.00
C HIS C 216 16.26 7.72 -26.08
N LYS C 217 15.60 6.56 -25.98
CA LYS C 217 15.91 5.46 -26.90
C LYS C 217 15.59 5.76 -28.37
N PRO C 218 14.56 6.53 -28.72
CA PRO C 218 14.38 6.90 -30.14
C PRO C 218 15.63 7.50 -30.79
N SER C 219 16.34 8.38 -30.10
CA SER C 219 17.57 8.96 -30.62
C SER C 219 18.81 8.21 -30.17
N ASN C 220 18.64 7.12 -29.41
CA ASN C 220 19.76 6.35 -28.88
C ASN C 220 20.73 7.24 -28.09
N THR C 221 20.18 8.10 -27.24
CA THR C 221 20.98 9.03 -26.44
C THR C 221 20.79 8.75 -24.97
N LYS C 222 21.89 8.60 -24.24
CA LYS C 222 21.91 8.50 -22.79
C LYS C 222 22.79 9.61 -22.26
N VAL C 223 22.25 10.38 -21.31
CA VAL C 223 22.93 11.55 -20.77
C VAL C 223 22.91 11.48 -19.25
N ASP C 224 24.07 11.68 -18.63
CA ASP C 224 24.19 11.80 -17.18
C ASP C 224 24.63 13.21 -16.85
N LYS C 225 23.78 13.96 -16.15
CA LYS C 225 24.06 15.35 -15.82
C LYS C 225 24.20 15.50 -14.31
N ARG C 226 25.38 15.94 -13.86
CA ARG C 226 25.59 16.25 -12.47
C ARG C 226 24.94 17.60 -12.14
N VAL C 227 24.16 17.64 -11.07
CA VAL C 227 23.45 18.85 -10.64
C VAL C 227 24.15 19.36 -9.39
N GLU C 228 24.84 20.49 -9.51
CA GLU C 228 25.60 21.06 -8.41
C GLU C 228 24.97 22.35 -7.90
N PRO C 229 25.16 22.68 -6.63
CA PRO C 229 24.63 23.96 -6.11
C PRO C 229 25.17 25.16 -6.87
N GLU D 1 25.30 3.57 16.29
CA GLU D 1 23.87 3.50 16.60
C GLU D 1 23.66 3.03 18.03
N VAL D 2 22.69 3.67 18.70
CA VAL D 2 22.31 3.29 20.05
C VAL D 2 21.47 2.03 19.98
N GLN D 3 21.85 1.01 20.75
CA GLN D 3 21.15 -0.27 20.76
C GLN D 3 20.90 -0.71 22.19
N LEU D 4 19.72 -1.30 22.41
CA LEU D 4 19.36 -1.91 23.69
C LEU D 4 18.93 -3.34 23.41
N LEU D 5 19.69 -4.31 23.93
CA LEU D 5 19.47 -5.72 23.66
C LEU D 5 19.04 -6.42 24.94
N GLU D 6 17.82 -6.94 24.94
CA GLU D 6 17.23 -7.55 26.11
C GLU D 6 17.33 -9.07 26.06
N SER D 7 17.36 -9.68 27.25
CA SER D 7 17.37 -11.12 27.38
C SER D 7 16.87 -11.48 28.77
N GLY D 8 16.65 -12.77 28.99
CA GLY D 8 16.31 -13.29 30.31
C GLY D 8 14.84 -13.59 30.51
N GLY D 9 13.98 -13.25 29.55
CA GLY D 9 12.58 -13.60 29.67
C GLY D 9 12.36 -15.10 29.47
N GLY D 10 11.26 -15.57 30.05
CA GLY D 10 10.93 -16.99 29.93
C GLY D 10 9.66 -17.31 30.67
N LEU D 11 9.41 -18.60 30.81
CA LEU D 11 8.25 -19.12 31.51
C LEU D 11 8.65 -19.51 32.93
N VAL D 12 7.82 -19.15 33.90
CA VAL D 12 8.11 -19.42 35.30
C VAL D 12 6.80 -19.73 36.01
N GLN D 13 6.88 -20.63 37.00
CA GLN D 13 5.74 -20.95 37.84
C GLN D 13 5.40 -19.75 38.73
N PRO D 14 4.15 -19.62 39.17
CA PRO D 14 3.80 -18.54 40.10
C PRO D 14 4.62 -18.67 41.37
N GLY D 15 5.04 -17.52 41.90
CA GLY D 15 5.97 -17.49 43.01
C GLY D 15 7.43 -17.66 42.61
N GLY D 16 7.72 -17.89 41.33
CA GLY D 16 9.08 -18.07 40.88
C GLY D 16 9.80 -16.76 40.68
N SER D 17 11.06 -16.87 40.29
CA SER D 17 11.92 -15.72 40.10
C SER D 17 12.51 -15.71 38.68
N LEU D 18 12.74 -14.50 38.18
CA LEU D 18 13.35 -14.30 36.88
C LEU D 18 14.20 -13.05 36.94
N ARG D 19 15.27 -13.03 36.15
CA ARG D 19 16.16 -11.89 36.07
C ARG D 19 16.28 -11.45 34.62
N LEU D 20 15.88 -10.21 34.34
CA LEU D 20 15.96 -9.64 33.00
C LEU D 20 17.22 -8.80 32.85
N SER D 21 17.73 -8.76 31.62
CA SER D 21 18.97 -8.07 31.31
C SER D 21 18.76 -7.17 30.09
N CYS D 22 19.42 -6.01 30.10
CA CYS D 22 19.31 -5.04 29.02
C CYS D 22 20.72 -4.51 28.73
N ALA D 23 21.37 -5.07 27.72
CA ALA D 23 22.73 -4.68 27.36
C ALA D 23 22.67 -3.47 26.43
N ALA D 24 23.32 -2.38 26.83
CA ALA D 24 23.27 -1.13 26.10
C ALA D 24 24.57 -0.89 25.34
N SER D 25 24.47 -0.21 24.19
CA SER D 25 25.66 0.17 23.45
C SER D 25 25.36 1.45 22.67
N GLY D 26 26.44 2.16 22.33
CA GLY D 26 26.34 3.33 21.48
C GLY D 26 26.16 4.65 22.19
N PHE D 27 26.23 4.68 23.52
CA PHE D 27 26.09 5.92 24.28
C PHE D 27 26.79 5.75 25.62
N THR D 28 26.99 6.87 26.31
CA THR D 28 27.63 6.87 27.62
C THR D 28 26.59 6.46 28.66
N PHE D 29 26.63 5.17 29.03
CA PHE D 29 25.53 4.52 29.74
C PHE D 29 25.20 5.24 31.04
N ASN D 30 26.20 5.53 31.85
CA ASN D 30 25.99 6.10 33.18
C ASN D 30 25.52 7.55 33.14
N HIS D 31 25.38 8.16 31.96
CA HIS D 31 24.84 9.51 31.86
C HIS D 31 23.32 9.54 31.83
N TYR D 32 22.67 8.39 31.66
CA TYR D 32 21.25 8.37 31.35
C TYR D 32 20.50 7.45 32.32
N ALA D 33 19.36 7.95 32.81
CA ALA D 33 18.45 7.08 33.52
C ALA D 33 17.91 6.00 32.58
N MET D 34 17.74 4.79 33.11
CA MET D 34 17.25 3.64 32.38
C MET D 34 16.04 3.06 33.10
N THR D 35 15.04 2.59 32.35
CA THR D 35 13.80 2.17 32.99
C THR D 35 13.21 0.93 32.32
N TRP D 36 12.34 0.26 33.06
CA TRP D 36 11.64 -0.92 32.59
C TRP D 36 10.17 -0.59 32.36
N VAL D 37 9.66 -0.95 31.19
CA VAL D 37 8.25 -0.77 30.82
C VAL D 37 7.71 -2.14 30.42
N ARG D 38 6.49 -2.43 30.82
CA ARG D 38 5.87 -3.72 30.51
C ARG D 38 4.52 -3.51 29.84
N GLN D 39 4.11 -4.51 29.07
CA GLN D 39 2.86 -4.46 28.32
C GLN D 39 2.22 -5.84 28.40
N ALA D 40 1.14 -5.96 29.17
CA ALA D 40 0.40 -7.20 29.24
C ALA D 40 -0.31 -7.47 27.91
N PRO D 41 -0.67 -8.73 27.63
CA PRO D 41 -1.35 -9.06 26.36
C PRO D 41 -2.57 -8.19 26.10
N GLY D 42 -2.52 -7.43 25.01
CA GLY D 42 -3.66 -6.62 24.63
C GLY D 42 -3.96 -5.46 25.56
N LYS D 43 -3.01 -5.09 26.41
CA LYS D 43 -3.15 -3.94 27.30
C LYS D 43 -2.10 -2.88 26.99
N GLY D 44 -2.15 -1.80 27.78
CA GLY D 44 -1.33 -0.64 27.52
C GLY D 44 0.06 -0.70 28.15
N LEU D 45 0.86 0.32 27.83
CA LEU D 45 2.19 0.42 28.40
C LEU D 45 2.11 0.85 29.86
N GLU D 46 2.90 0.19 30.70
CA GLU D 46 2.92 0.48 32.13
C GLU D 46 4.36 0.63 32.63
N TRP D 47 4.66 1.76 33.26
CA TRP D 47 5.96 1.95 33.88
C TRP D 47 6.15 0.99 35.04
N VAL D 48 7.32 0.33 35.10
CA VAL D 48 7.63 -0.65 36.13
C VAL D 48 8.65 -0.12 37.14
N ALA D 49 9.85 0.22 36.68
CA ALA D 49 10.90 0.68 37.58
C ALA D 49 11.90 1.49 36.77
N SER D 50 12.56 2.43 37.45
CA SER D 50 13.58 3.28 36.84
C SER D 50 14.80 3.36 37.73
N SER D 51 15.96 3.50 37.09
CA SER D 51 17.21 3.67 37.80
C SER D 51 17.91 4.91 37.26
N SER D 52 18.54 5.66 38.16
CA SER D 52 19.32 6.82 37.76
C SER D 52 20.58 6.37 37.01
N GLY D 53 21.26 7.35 36.42
CA GLY D 53 22.50 7.05 35.71
C GLY D 53 23.49 6.28 36.56
N SER D 54 23.64 6.67 37.83
CA SER D 54 24.56 5.97 38.72
C SER D 54 23.98 4.68 39.27
N GLY D 55 22.66 4.54 39.26
CA GLY D 55 22.01 3.44 39.94
C GLY D 55 21.72 3.68 41.41
N ARG D 56 22.19 4.80 41.97
CA ARG D 56 22.00 5.05 43.39
C ARG D 56 20.58 5.51 43.73
N SER D 57 19.75 5.82 42.74
CA SER D 57 18.36 6.18 42.97
C SER D 57 17.48 5.27 42.13
N THR D 58 16.55 4.57 42.77
CA THR D 58 15.64 3.65 42.11
C THR D 58 14.21 3.97 42.52
N TYR D 59 13.27 3.66 41.62
CA TYR D 59 11.86 3.93 41.85
C TYR D 59 11.04 2.78 41.26
N TYR D 60 9.91 2.48 41.90
CA TYR D 60 9.08 1.34 41.52
C TYR D 60 7.61 1.72 41.53
N THR D 61 6.87 1.13 40.60
CA THR D 61 5.42 1.18 40.68
C THR D 61 4.95 0.42 41.91
N ASP D 62 3.76 0.77 42.40
CA ASP D 62 3.28 0.20 43.66
C ASP D 62 3.15 -1.32 43.58
N SER D 63 2.69 -1.83 42.45
CA SER D 63 2.33 -3.25 42.36
C SER D 63 3.54 -4.19 42.34
N VAL D 64 4.77 -3.67 42.23
CA VAL D 64 5.95 -4.51 42.22
C VAL D 64 6.89 -4.21 43.38
N LYS D 65 6.54 -3.28 44.26
CA LYS D 65 7.41 -2.95 45.38
C LYS D 65 7.60 -4.16 46.29
N GLY D 66 8.83 -4.38 46.71
CA GLY D 66 9.16 -5.53 47.53
C GLY D 66 9.27 -6.84 46.78
N ARG D 67 9.01 -6.84 45.48
CA ARG D 67 9.13 -8.03 44.64
C ARG D 67 10.14 -7.85 43.53
N PHE D 68 10.17 -6.67 42.91
CA PHE D 68 11.08 -6.36 41.82
C PHE D 68 12.20 -5.46 42.33
N SER D 69 13.34 -5.53 41.65
CA SER D 69 14.51 -4.75 42.04
C SER D 69 15.32 -4.42 40.79
N VAL D 70 15.47 -3.13 40.51
CA VAL D 70 16.23 -2.66 39.35
C VAL D 70 17.65 -2.36 39.79
N SER D 71 18.62 -2.77 38.97
CA SER D 71 20.02 -2.49 39.21
C SER D 71 20.69 -2.27 37.86
N ARG D 72 21.94 -1.79 37.91
CA ARG D 72 22.71 -1.63 36.69
C ARG D 72 24.19 -1.83 37.02
N ASP D 73 24.91 -2.46 36.10
CA ASP D 73 26.35 -2.58 36.17
C ASP D 73 26.90 -1.65 35.10
N ASN D 74 27.40 -0.49 35.53
CA ASN D 74 27.88 0.51 34.58
C ASN D 74 29.21 0.12 33.96
N SER D 75 29.92 -0.84 34.54
CA SER D 75 31.10 -1.39 33.88
C SER D 75 30.73 -2.31 32.72
N LYS D 76 29.51 -2.83 32.71
CA LYS D 76 29.07 -3.72 31.65
C LYS D 76 28.02 -3.09 30.74
N ASN D 77 27.62 -1.84 31.01
CA ASN D 77 26.60 -1.14 30.23
C ASN D 77 25.29 -1.93 30.22
N THR D 78 24.93 -2.52 31.35
CA THR D 78 23.80 -3.43 31.42
C THR D 78 22.83 -3.01 32.51
N LEU D 79 21.55 -3.00 32.18
CA LEU D 79 20.48 -2.80 33.14
C LEU D 79 19.89 -4.16 33.51
N TYR D 80 19.46 -4.29 34.76
CA TYR D 80 18.89 -5.55 35.25
C TYR D 80 17.53 -5.30 35.88
N LEU D 81 16.72 -6.36 35.92
CA LEU D 81 15.47 -6.35 36.65
C LEU D 81 15.30 -7.71 37.31
N GLN D 82 15.49 -7.76 38.63
CA GLN D 82 15.29 -8.98 39.39
C GLN D 82 13.82 -9.06 39.80
N MET D 83 13.14 -10.11 39.35
CA MET D 83 11.71 -10.27 39.58
C MET D 83 11.51 -11.47 40.49
N ASN D 84 11.09 -11.22 41.73
CA ASN D 84 10.87 -12.27 42.71
C ASN D 84 9.37 -12.43 42.97
N SER D 85 9.01 -13.64 43.41
CA SER D 85 7.62 -13.97 43.75
C SER D 85 6.66 -13.51 42.66
N LEU D 86 6.93 -13.94 41.43
CA LEU D 86 6.14 -13.50 40.29
C LEU D 86 4.69 -13.97 40.42
N ARG D 87 3.78 -13.17 39.89
CA ARG D 87 2.36 -13.47 39.88
C ARG D 87 1.84 -13.50 38.45
N ALA D 88 0.66 -14.10 38.26
CA ALA D 88 0.12 -14.22 36.91
C ALA D 88 -0.04 -12.86 36.24
N GLU D 89 -0.39 -11.83 37.01
CA GLU D 89 -0.56 -10.49 36.46
C GLU D 89 0.76 -9.86 36.03
N ASP D 90 1.90 -10.49 36.33
CA ASP D 90 3.19 -10.02 35.84
C ASP D 90 3.50 -10.52 34.43
N THR D 91 2.63 -11.35 33.85
CA THR D 91 2.82 -11.81 32.48
C THR D 91 2.71 -10.62 31.53
N ALA D 92 3.79 -10.33 30.82
CA ALA D 92 3.84 -9.18 29.93
C ALA D 92 5.13 -9.23 29.13
N VAL D 93 5.17 -8.42 28.07
CA VAL D 93 6.42 -8.12 27.39
C VAL D 93 7.09 -6.98 28.14
N TYR D 94 8.36 -7.15 28.49
CA TYR D 94 9.10 -6.18 29.28
C TYR D 94 10.11 -5.48 28.37
N TYR D 95 10.01 -4.16 28.28
CA TYR D 95 10.95 -3.34 27.53
C TYR D 95 11.85 -2.58 28.49
N CYS D 96 13.12 -2.44 28.13
CA CYS D 96 13.97 -1.43 28.74
C CYS D 96 14.03 -0.23 27.81
N ALA D 97 14.17 0.95 28.39
CA ALA D 97 14.11 2.19 27.63
C ALA D 97 15.09 3.20 28.20
N LYS D 98 15.74 3.94 27.31
CA LYS D 98 16.75 4.93 27.68
C LYS D 98 16.10 6.31 27.73
N SER D 99 16.34 7.02 28.83
CA SER D 99 15.93 8.41 28.90
C SER D 99 16.72 9.24 27.88
N SER D 100 16.02 10.16 27.24
CA SER D 100 16.73 11.11 26.40
C SER D 100 17.40 12.17 27.28
N ASN D 101 18.26 12.98 26.65
CA ASN D 101 18.74 14.19 27.31
C ASN D 101 17.67 15.29 27.17
N TYR D 102 17.87 16.39 27.89
CA TYR D 102 16.97 17.53 27.80
C TYR D 102 17.59 18.71 27.07
N TYR D 103 18.83 19.08 27.41
CA TYR D 103 19.45 20.27 26.84
C TYR D 103 20.09 20.01 25.49
N GLY D 104 20.13 18.78 25.03
CA GLY D 104 20.75 18.42 23.78
C GLY D 104 21.99 17.58 24.03
N SER D 105 22.69 17.27 22.93
CA SER D 105 23.88 16.46 23.05
C SER D 105 24.95 17.23 23.82
N GLY D 106 25.78 16.49 24.56
CA GLY D 106 26.79 17.09 25.40
C GLY D 106 26.31 17.61 26.74
N SER D 107 25.06 17.32 27.12
CA SER D 107 24.53 17.70 28.42
C SER D 107 24.57 16.49 29.35
N TYR D 108 24.10 16.68 30.58
CA TYR D 108 24.31 15.69 31.63
C TYR D 108 23.16 15.80 32.63
N SER D 109 22.28 14.80 32.64
CA SER D 109 21.10 14.77 33.51
C SER D 109 20.89 13.35 34.01
N PRO D 110 21.83 12.81 34.78
CA PRO D 110 21.72 11.40 35.19
C PRO D 110 20.62 11.15 36.21
N ASP D 111 20.14 12.19 36.90
CA ASP D 111 19.12 12.02 37.93
C ASP D 111 17.76 12.53 37.50
N ASP D 112 17.53 12.73 36.20
CA ASP D 112 16.23 13.18 35.72
C ASP D 112 15.72 12.22 34.65
N TYR D 113 14.40 12.24 34.46
CA TYR D 113 13.71 11.22 33.66
C TYR D 113 12.93 11.93 32.56
N TYR D 114 13.46 11.90 31.34
CA TYR D 114 12.87 12.60 30.20
C TYR D 114 12.30 11.60 29.20
N HIS D 115 11.72 12.14 28.14
CA HIS D 115 11.10 11.32 27.10
C HIS D 115 12.05 10.23 26.66
N MET D 116 11.50 9.06 26.34
CA MET D 116 12.31 7.87 26.14
C MET D 116 12.83 7.83 24.71
N ASP D 117 14.15 7.80 24.59
CA ASP D 117 14.85 7.90 23.30
C ASP D 117 14.81 6.58 22.53
N VAL D 118 15.33 5.53 23.14
CA VAL D 118 15.52 4.24 22.50
C VAL D 118 14.93 3.16 23.39
N TRP D 119 14.40 2.11 22.76
CA TRP D 119 13.78 0.99 23.44
C TRP D 119 14.46 -0.31 23.04
N GLY D 120 14.48 -1.26 23.97
CA GLY D 120 14.88 -2.62 23.63
C GLY D 120 13.82 -3.31 22.79
N GLN D 121 14.18 -4.48 22.26
CA GLN D 121 13.27 -5.24 21.42
C GLN D 121 12.17 -5.94 22.21
N GLY D 122 12.30 -6.00 23.53
CA GLY D 122 11.30 -6.64 24.35
C GLY D 122 11.63 -8.08 24.68
N THR D 123 11.32 -8.51 25.90
CA THR D 123 11.48 -9.90 26.31
C THR D 123 10.22 -10.32 27.05
N THR D 124 9.73 -11.51 26.75
CA THR D 124 8.45 -11.98 27.27
C THR D 124 8.67 -12.84 28.50
N VAL D 125 7.93 -12.56 29.57
CA VAL D 125 7.88 -13.43 30.73
C VAL D 125 6.45 -13.90 30.92
N THR D 126 6.29 -15.19 31.19
CA THR D 126 4.98 -15.80 31.33
C THR D 126 4.92 -16.49 32.68
N VAL D 127 3.98 -16.06 33.51
CA VAL D 127 3.77 -16.62 34.84
C VAL D 127 2.47 -17.41 34.79
N SER D 128 2.57 -18.73 34.95
CA SER D 128 1.38 -19.58 34.88
C SER D 128 1.70 -20.92 35.52
N GLY D 129 0.64 -21.61 35.96
CA GLY D 129 0.80 -22.96 36.46
C GLY D 129 0.87 -24.02 35.38
N ALA D 130 0.52 -23.67 34.14
CA ALA D 130 0.49 -24.63 33.06
C ALA D 130 1.92 -25.06 32.67
N SER D 131 2.03 -26.26 32.13
CA SER D 131 3.29 -26.78 31.63
C SER D 131 3.31 -26.74 30.12
N THR D 132 4.52 -26.66 29.55
CA THR D 132 4.69 -26.61 28.11
C THR D 132 4.01 -27.79 27.44
N LYS D 133 3.20 -27.52 26.42
CA LYS D 133 2.41 -28.55 25.76
C LYS D 133 2.19 -28.18 24.30
N GLY D 134 2.31 -29.17 23.42
CA GLY D 134 2.04 -28.98 22.02
C GLY D 134 0.55 -29.05 21.72
N PRO D 135 0.12 -28.34 20.68
CA PRO D 135 -1.31 -28.25 20.38
C PRO D 135 -1.84 -29.47 19.64
N SER D 136 -3.15 -29.65 19.74
CA SER D 136 -3.90 -30.58 18.90
C SER D 136 -4.53 -29.80 17.76
N VAL D 137 -4.35 -30.28 16.54
CA VAL D 137 -4.83 -29.60 15.33
C VAL D 137 -6.03 -30.36 14.79
N PHE D 138 -7.16 -29.68 14.67
CA PHE D 138 -8.37 -30.27 14.14
C PHE D 138 -8.84 -29.50 12.90
N PRO D 139 -9.38 -30.20 11.90
CA PRO D 139 -9.83 -29.52 10.69
C PRO D 139 -11.17 -28.83 10.87
N LEU D 140 -11.32 -27.69 10.20
CA LEU D 140 -12.61 -27.02 10.03
C LEU D 140 -12.99 -27.25 8.57
N ALA D 141 -13.77 -28.31 8.34
CA ALA D 141 -13.97 -28.80 6.99
C ALA D 141 -14.89 -27.88 6.19
N PRO D 142 -14.63 -27.69 4.89
CA PRO D 142 -15.57 -26.96 4.05
C PRO D 142 -16.85 -27.76 3.86
N SER D 143 -17.97 -27.04 3.73
CA SER D 143 -19.27 -27.65 3.52
C SER D 143 -20.19 -26.61 2.90
N SER D 144 -21.43 -27.02 2.65
CA SER D 144 -22.43 -26.06 2.16
C SER D 144 -22.67 -24.95 3.17
N LYS D 145 -22.54 -25.25 4.47
CA LYS D 145 -22.69 -24.25 5.51
C LYS D 145 -21.53 -23.27 5.59
N SER D 146 -20.40 -23.56 4.93
CA SER D 146 -19.29 -22.63 4.84
C SER D 146 -19.06 -22.13 3.42
N THR D 147 -20.00 -22.37 2.52
CA THR D 147 -19.87 -22.03 1.11
C THR D 147 -20.85 -20.92 0.75
N SER D 148 -20.34 -19.87 0.12
CA SER D 148 -21.16 -18.78 -0.38
C SER D 148 -20.92 -18.67 -1.88
N GLY D 149 -21.93 -19.03 -2.66
CA GLY D 149 -21.79 -19.01 -4.11
C GLY D 149 -20.75 -20.05 -4.53
N GLY D 150 -19.66 -19.60 -5.13
CA GLY D 150 -18.57 -20.47 -5.54
C GLY D 150 -17.35 -20.43 -4.65
N THR D 151 -17.45 -19.81 -3.47
CA THR D 151 -16.32 -19.66 -2.56
C THR D 151 -16.59 -20.47 -1.30
N ALA D 152 -15.62 -21.27 -0.89
CA ALA D 152 -15.74 -22.10 0.30
C ALA D 152 -14.72 -21.69 1.35
N ALA D 153 -15.15 -21.64 2.60
CA ALA D 153 -14.26 -21.37 3.72
C ALA D 153 -13.88 -22.68 4.40
N LEU D 154 -12.60 -22.84 4.69
CA LEU D 154 -12.13 -23.97 5.48
C LEU D 154 -11.06 -23.47 6.43
N GLY D 155 -10.65 -24.32 7.37
CA GLY D 155 -9.69 -23.85 8.33
C GLY D 155 -9.16 -24.96 9.22
N CYS D 156 -8.42 -24.53 10.24
CA CYS D 156 -7.80 -25.42 11.22
C CYS D 156 -8.00 -24.85 12.61
N LEU D 157 -8.38 -25.72 13.54
CA LEU D 157 -8.54 -25.37 14.94
C LEU D 157 -7.33 -25.90 15.70
N VAL D 158 -6.50 -24.99 16.19
CA VAL D 158 -5.28 -25.32 16.93
C VAL D 158 -5.58 -25.10 18.41
N LYS D 159 -5.77 -26.20 19.15
CA LYS D 159 -6.34 -26.15 20.49
C LYS D 159 -5.38 -26.69 21.53
N ASP D 160 -5.39 -26.06 22.72
CA ASP D 160 -4.76 -26.58 23.94
C ASP D 160 -3.24 -26.71 23.77
N TYR D 161 -2.58 -25.55 23.71
CA TYR D 161 -1.13 -25.48 23.69
C TYR D 161 -0.64 -24.45 24.70
N PHE D 162 0.65 -24.57 25.05
CA PHE D 162 1.25 -23.65 26.00
C PHE D 162 2.77 -23.76 25.89
N PRO D 163 3.50 -22.64 25.90
CA PRO D 163 2.92 -21.30 25.90
C PRO D 163 2.81 -20.71 24.49
N GLU D 164 2.53 -19.42 24.42
CA GLU D 164 2.56 -18.72 23.14
C GLU D 164 4.00 -18.65 22.63
N PRO D 165 4.19 -18.52 21.31
CA PRO D 165 3.16 -18.49 20.26
C PRO D 165 3.10 -19.79 19.46
N VAL D 166 2.25 -19.81 18.42
CA VAL D 166 2.32 -20.82 17.37
C VAL D 166 2.25 -20.08 16.03
N THR D 167 2.76 -20.74 14.99
CA THR D 167 2.75 -20.21 13.65
C THR D 167 1.88 -21.11 12.77
N VAL D 168 1.08 -20.49 11.91
CA VAL D 168 0.21 -21.22 10.99
C VAL D 168 0.43 -20.70 9.58
N SER D 169 0.74 -21.60 8.65
CA SER D 169 0.76 -21.29 7.23
C SER D 169 -0.11 -22.30 6.50
N TRP D 170 -0.35 -22.04 5.21
CA TRP D 170 -1.21 -22.89 4.40
C TRP D 170 -0.46 -23.33 3.15
N ASN D 171 -0.42 -24.65 2.93
CA ASN D 171 0.29 -25.24 1.80
C ASN D 171 1.75 -24.78 1.76
N SER D 172 2.39 -24.77 2.93
CA SER D 172 3.80 -24.40 3.08
C SER D 172 4.05 -22.99 2.55
N GLY D 173 3.15 -22.07 2.88
CA GLY D 173 3.29 -20.68 2.48
C GLY D 173 2.86 -20.35 1.07
N ALA D 174 2.55 -21.36 0.25
CA ALA D 174 2.08 -21.08 -1.11
C ALA D 174 0.73 -20.40 -1.11
N LEU D 175 -0.14 -20.72 -0.15
CA LEU D 175 -1.47 -20.13 -0.06
C LEU D 175 -1.44 -19.03 0.99
N THR D 176 -1.64 -17.79 0.55
CA THR D 176 -1.62 -16.64 1.45
C THR D 176 -2.83 -15.72 1.30
N SER D 177 -3.53 -15.74 0.17
CA SER D 177 -4.66 -14.86 -0.04
C SER D 177 -5.90 -15.40 0.67
N GLY D 178 -6.60 -14.51 1.36
CA GLY D 178 -7.82 -14.88 2.07
C GLY D 178 -7.60 -15.61 3.37
N VAL D 179 -6.36 -15.71 3.84
CA VAL D 179 -6.07 -16.36 5.10
C VAL D 179 -6.37 -15.41 6.25
N HIS D 180 -7.02 -15.94 7.29
CA HIS D 180 -7.25 -15.20 8.53
C HIS D 180 -6.84 -16.10 9.69
N THR D 181 -5.72 -15.79 10.31
CA THR D 181 -5.25 -16.50 11.49
C THR D 181 -5.54 -15.63 12.69
N PHE D 182 -6.41 -16.09 13.58
CA PHE D 182 -6.94 -15.27 14.65
C PHE D 182 -5.97 -15.23 15.84
N PRO D 183 -6.08 -14.20 16.67
CA PRO D 183 -5.29 -14.18 17.91
C PRO D 183 -5.71 -15.33 18.82
N ALA D 184 -4.75 -15.78 19.63
CA ALA D 184 -5.01 -16.88 20.55
C ALA D 184 -5.85 -16.39 21.73
N VAL D 185 -6.74 -17.25 22.22
CA VAL D 185 -7.49 -17.00 23.43
C VAL D 185 -6.93 -17.89 24.54
N LEU D 186 -6.87 -17.35 25.75
CA LEU D 186 -6.44 -18.10 26.93
C LEU D 186 -7.67 -18.73 27.56
N GLN D 187 -7.72 -20.06 27.56
CA GLN D 187 -8.86 -20.76 28.12
C GLN D 187 -8.73 -20.87 29.64
N SER D 188 -9.82 -21.27 30.28
CA SER D 188 -9.84 -21.36 31.74
C SER D 188 -8.90 -22.43 32.27
N SER D 189 -8.48 -23.37 31.42
CA SER D 189 -7.53 -24.39 31.80
C SER D 189 -6.09 -23.89 31.86
N GLY D 190 -5.84 -22.65 31.42
CA GLY D 190 -4.50 -22.13 31.30
C GLY D 190 -3.83 -22.44 29.98
N LEU D 191 -4.52 -23.10 29.06
CA LEU D 191 -4.01 -23.41 27.73
C LEU D 191 -4.62 -22.46 26.70
N TYR D 192 -3.92 -22.31 25.58
CA TYR D 192 -4.32 -21.39 24.52
C TYR D 192 -5.00 -22.15 23.39
N SER D 193 -5.77 -21.41 22.60
CA SER D 193 -6.45 -21.97 21.44
C SER D 193 -6.59 -20.88 20.39
N LEU D 194 -6.37 -21.26 19.13
CA LEU D 194 -6.62 -20.33 18.03
C LEU D 194 -7.08 -21.10 16.82
N SER D 195 -7.67 -20.37 15.87
CA SER D 195 -8.11 -20.94 14.62
C SER D 195 -7.52 -20.14 13.46
N SER D 196 -7.36 -20.81 12.32
CA SER D 196 -6.89 -20.18 11.10
C SER D 196 -7.77 -20.65 9.97
N VAL D 197 -8.37 -19.70 9.25
CA VAL D 197 -9.32 -20.01 8.19
C VAL D 197 -8.83 -19.41 6.88
N VAL D 198 -9.36 -19.93 5.79
CA VAL D 198 -9.05 -19.42 4.46
C VAL D 198 -10.23 -19.70 3.54
N THR D 199 -10.49 -18.78 2.63
CA THR D 199 -11.52 -18.95 1.62
C THR D 199 -10.88 -19.31 0.29
N VAL D 200 -11.37 -20.38 -0.33
CA VAL D 200 -10.80 -20.89 -1.59
C VAL D 200 -11.94 -21.11 -2.57
N PRO D 201 -11.63 -21.26 -3.86
CA PRO D 201 -12.69 -21.60 -4.82
C PRO D 201 -13.25 -22.98 -4.53
N SER D 202 -14.58 -23.08 -4.50
CA SER D 202 -15.22 -24.37 -4.25
C SER D 202 -14.85 -25.39 -5.31
N SER D 203 -14.63 -24.96 -6.56
CA SER D 203 -14.32 -25.91 -7.62
C SER D 203 -12.98 -26.60 -7.41
N SER D 204 -12.13 -26.07 -6.52
CA SER D 204 -10.82 -26.62 -6.25
C SER D 204 -10.83 -27.66 -5.14
N LEU D 205 -11.94 -27.81 -4.42
CA LEU D 205 -12.00 -28.74 -3.30
C LEU D 205 -11.86 -30.19 -3.76
N GLY D 206 -12.22 -30.48 -5.01
CA GLY D 206 -12.10 -31.83 -5.50
C GLY D 206 -10.68 -32.23 -5.86
N THR D 207 -9.86 -31.28 -6.32
CA THR D 207 -8.52 -31.58 -6.79
C THR D 207 -7.41 -31.04 -5.90
N GLN D 208 -7.45 -29.74 -5.58
CA GLN D 208 -6.37 -29.14 -4.81
C GLN D 208 -6.43 -29.57 -3.35
N THR D 209 -5.25 -29.91 -2.80
CA THR D 209 -5.14 -30.26 -1.40
C THR D 209 -4.82 -29.02 -0.58
N TYR D 210 -5.44 -28.93 0.61
CA TYR D 210 -5.24 -27.80 1.51
C TYR D 210 -4.74 -28.32 2.86
N ILE D 211 -3.51 -27.94 3.20
CA ILE D 211 -2.86 -28.37 4.43
C ILE D 211 -2.47 -27.13 5.23
N CYS D 212 -2.84 -27.11 6.51
CA CYS D 212 -2.37 -26.07 7.40
C CYS D 212 -1.14 -26.57 8.13
N ASN D 213 -0.10 -25.74 8.16
CA ASN D 213 1.18 -26.08 8.78
C ASN D 213 1.27 -25.36 10.11
N VAL D 214 1.25 -26.12 11.20
CA VAL D 214 1.25 -25.58 12.55
C VAL D 214 2.61 -25.84 13.18
N ASN D 215 3.19 -24.81 13.78
CA ASN D 215 4.51 -24.92 14.40
C ASN D 215 4.46 -24.26 15.77
N HIS D 216 4.72 -25.05 16.80
CA HIS D 216 4.82 -24.58 18.19
C HIS D 216 6.27 -24.77 18.61
N LYS D 217 7.08 -23.71 18.45
CA LYS D 217 8.50 -23.81 18.77
C LYS D 217 8.79 -24.11 20.25
N PRO D 218 8.11 -23.50 21.23
CA PRO D 218 8.45 -23.81 22.64
C PRO D 218 8.27 -25.27 23.03
N SER D 219 7.65 -26.10 22.18
CA SER D 219 7.55 -27.53 22.44
C SER D 219 8.05 -28.38 21.28
N ASN D 220 8.66 -27.75 20.27
CA ASN D 220 9.21 -28.45 19.11
C ASN D 220 8.14 -29.34 18.44
N THR D 221 6.99 -28.74 18.15
CA THR D 221 5.87 -29.43 17.56
C THR D 221 5.62 -28.91 16.15
N LYS D 222 5.53 -29.82 15.18
CA LYS D 222 5.22 -29.48 13.80
C LYS D 222 4.16 -30.43 13.30
N VAL D 223 2.99 -29.88 12.97
CA VAL D 223 1.85 -30.67 12.51
C VAL D 223 1.41 -30.14 11.15
N ASP D 224 1.15 -31.04 10.22
CA ASP D 224 0.63 -30.71 8.89
C ASP D 224 -0.68 -31.47 8.72
N LYS D 225 -1.81 -30.79 8.93
CA LYS D 225 -3.12 -31.42 8.91
C LYS D 225 -3.83 -31.09 7.60
N ARG D 226 -4.13 -32.13 6.83
CA ARG D 226 -4.90 -31.96 5.60
C ARG D 226 -6.36 -31.74 5.94
N VAL D 227 -6.94 -30.67 5.40
CA VAL D 227 -8.32 -30.31 5.64
C VAL D 227 -9.12 -30.79 4.43
N GLU D 228 -9.94 -31.81 4.65
CA GLU D 228 -10.77 -32.56 3.72
C GLU D 228 -12.22 -32.09 3.82
N PRO D 229 -12.91 -31.97 2.69
CA PRO D 229 -14.34 -31.64 2.75
C PRO D 229 -15.13 -32.79 3.33
N LYS D 230 -16.21 -32.45 4.05
CA LYS D 230 -17.14 -33.44 4.57
C LYS D 230 -18.42 -32.76 5.05
N GLU E 1 -0.25 10.25 43.22
CA GLU E 1 -0.58 9.52 42.02
C GLU E 1 -1.14 10.44 40.95
N ILE E 2 -0.32 10.80 39.97
CA ILE E 2 -0.82 11.53 38.80
C ILE E 2 -1.46 10.52 37.86
N VAL E 3 -2.67 10.84 37.40
CA VAL E 3 -3.42 9.99 36.49
C VAL E 3 -3.43 10.64 35.11
N MET E 4 -3.01 9.89 34.10
CA MET E 4 -3.03 10.33 32.71
C MET E 4 -4.19 9.64 32.00
N THR E 5 -5.13 10.43 31.47
CA THR E 5 -6.34 9.92 30.86
C THR E 5 -6.38 10.34 29.39
N GLN E 6 -6.56 9.37 28.49
CA GLN E 6 -6.66 9.64 27.08
C GLN E 6 -8.08 9.44 26.60
N SER E 7 -8.51 10.26 25.64
CA SER E 7 -9.83 10.18 25.06
C SER E 7 -9.77 10.48 23.57
N PRO E 8 -10.59 9.81 22.76
CA PRO E 8 -11.43 8.69 23.19
C PRO E 8 -10.60 7.42 23.27
N ASP E 9 -11.20 6.31 23.68
CA ASP E 9 -10.49 5.04 23.67
C ASP E 9 -10.15 4.59 22.25
N THR E 10 -11.07 4.82 21.32
CA THR E 10 -10.88 4.49 19.91
C THR E 10 -11.35 5.67 19.09
N LEU E 11 -10.53 6.10 18.14
CA LEU E 11 -10.86 7.21 17.25
C LEU E 11 -10.92 6.68 15.82
N SER E 12 -12.10 6.76 15.18
CA SER E 12 -12.30 6.26 13.83
C SER E 12 -12.29 7.43 12.84
N VAL E 13 -11.37 7.40 11.87
CA VAL E 13 -11.24 8.48 10.91
C VAL E 13 -10.76 7.89 9.57
N SER E 14 -11.21 8.51 8.48
CA SER E 14 -10.87 8.02 7.16
C SER E 14 -9.39 8.28 6.85
N PRO E 15 -8.75 7.40 6.08
CA PRO E 15 -7.42 7.73 5.57
C PRO E 15 -7.46 9.04 4.83
N GLY E 16 -6.43 9.87 5.05
CA GLY E 16 -6.31 11.16 4.42
C GLY E 16 -6.97 12.30 5.16
N GLU E 17 -7.77 12.01 6.19
CA GLU E 17 -8.46 13.04 6.94
C GLU E 17 -7.68 13.40 8.20
N ARG E 18 -8.15 14.44 8.87
CA ARG E 18 -7.50 14.95 10.07
C ARG E 18 -7.91 14.14 11.29
N ALA E 19 -6.98 13.97 12.22
CA ALA E 19 -7.26 13.26 13.47
C ALA E 19 -6.62 14.01 14.62
N THR E 20 -7.34 14.08 15.74
CA THR E 20 -6.84 14.77 16.93
C THR E 20 -7.09 13.90 18.15
N LEU E 21 -6.02 13.58 18.87
CA LEU E 21 -6.07 12.76 20.06
C LEU E 21 -5.81 13.63 21.28
N SER E 22 -6.53 13.35 22.36
CA SER E 22 -6.45 14.17 23.56
C SER E 22 -5.91 13.36 24.73
N CYS E 23 -5.20 14.06 25.62
CA CYS E 23 -4.61 13.47 26.81
C CYS E 23 -4.73 14.49 27.94
N ARG E 24 -5.16 14.04 29.12
CA ARG E 24 -5.37 14.92 30.25
C ARG E 24 -4.65 14.39 31.49
N ALA E 25 -4.02 15.30 32.24
CA ALA E 25 -3.34 14.94 33.48
C ALA E 25 -4.20 15.38 34.66
N SER E 26 -4.23 14.55 35.72
CA SER E 26 -5.05 14.87 36.88
C SER E 26 -4.51 16.09 37.64
N GLU E 27 -3.25 16.46 37.40
CA GLU E 27 -2.70 17.71 37.90
C GLU E 27 -1.64 18.18 36.92
N SER E 28 -1.18 19.41 37.10
CA SER E 28 -0.33 20.05 36.10
C SER E 28 1.00 19.32 35.98
N ILE E 29 1.39 19.00 34.75
CA ILE E 29 2.70 18.44 34.46
C ILE E 29 3.52 19.41 33.59
N SER E 30 3.08 20.66 33.52
CA SER E 30 3.72 21.70 32.70
C SER E 30 3.75 21.19 31.25
N SER E 31 4.92 21.12 30.62
CA SER E 31 5.05 20.59 29.27
C SER E 31 5.85 19.29 29.24
N ASN E 32 6.00 18.64 30.40
CA ASN E 32 6.71 17.37 30.49
C ASN E 32 5.80 16.22 30.06
N LEU E 33 5.43 16.24 28.78
CA LEU E 33 4.53 15.27 28.19
C LEU E 33 5.07 14.80 26.85
N ALA E 34 5.06 13.47 26.65
CA ALA E 34 5.51 12.87 25.41
C ALA E 34 4.38 12.04 24.80
N TRP E 35 4.42 11.91 23.47
CA TRP E 35 3.52 11.03 22.72
C TRP E 35 4.34 9.93 22.06
N TYR E 36 3.84 8.70 22.17
CA TYR E 36 4.45 7.52 21.53
C TYR E 36 3.42 6.85 20.63
N GLN E 37 3.94 6.18 19.60
CA GLN E 37 3.14 5.44 18.63
C GLN E 37 3.57 3.99 18.69
N GLN E 38 2.61 3.07 18.68
CA GLN E 38 2.90 1.63 18.74
C GLN E 38 1.97 0.88 17.81
N LYS E 39 2.55 0.17 16.84
CA LYS E 39 1.83 -0.78 16.01
C LYS E 39 1.86 -2.16 16.64
N PRO E 40 0.94 -3.05 16.26
CA PRO E 40 0.93 -4.39 16.85
C PRO E 40 2.23 -5.13 16.60
N GLY E 41 2.72 -5.79 17.63
CA GLY E 41 3.95 -6.55 17.53
C GLY E 41 5.17 -5.69 17.25
N GLN E 42 5.18 -4.46 17.74
CA GLN E 42 6.24 -3.52 17.41
C GLN E 42 6.60 -2.71 18.65
N VAL E 43 7.83 -2.21 18.65
CA VAL E 43 8.30 -1.38 19.76
C VAL E 43 7.65 -0.01 19.67
N PRO E 44 7.34 0.66 20.79
CA PRO E 44 6.84 2.03 20.70
C PRO E 44 7.89 2.98 20.15
N ARG E 45 7.43 4.04 19.48
CA ARG E 45 8.34 5.02 18.89
C ARG E 45 7.92 6.43 19.31
N LEU E 46 8.93 7.24 19.63
CA LEU E 46 8.69 8.59 20.10
C LEU E 46 8.24 9.48 18.94
N LEU E 47 7.24 10.31 19.20
CA LEU E 47 6.71 11.26 18.22
C LEU E 47 6.87 12.71 18.67
N ILE E 48 6.44 13.02 19.89
CA ILE E 48 6.43 14.37 20.42
C ILE E 48 6.95 14.32 21.84
N TYR E 49 7.80 15.30 22.20
CA TYR E 49 8.19 15.56 23.58
C TYR E 49 8.05 17.05 23.86
N GLY E 50 8.15 17.41 25.13
CA GLY E 50 7.89 18.79 25.52
C GLY E 50 6.52 19.29 25.14
N ALA E 51 5.56 18.37 24.97
CA ALA E 51 4.16 18.65 24.62
C ALA E 51 4.01 19.04 23.15
N SER E 52 4.99 19.74 22.57
CA SER E 52 4.84 20.26 21.22
C SER E 52 6.03 20.08 20.31
N THR E 53 7.09 19.39 20.73
CA THR E 53 8.31 19.30 19.94
C THR E 53 8.37 17.94 19.24
N ARG E 54 8.39 17.97 17.90
CA ARG E 54 8.53 16.76 17.12
C ARG E 54 9.90 16.13 17.32
N ALA E 55 9.93 14.83 17.54
CA ALA E 55 11.19 14.13 17.63
C ALA E 55 11.87 14.09 16.25
N THR E 56 13.15 13.75 16.26
CA THR E 56 13.90 13.66 15.01
C THR E 56 13.29 12.61 14.09
N GLY E 57 13.18 12.96 12.80
CA GLY E 57 12.67 12.05 11.81
C GLY E 57 11.16 11.92 11.74
N VAL E 58 10.44 12.54 12.67
CA VAL E 58 8.97 12.46 12.67
C VAL E 58 8.42 13.42 11.63
N PRO E 59 7.53 12.97 10.74
CA PRO E 59 7.01 13.85 9.68
C PRO E 59 6.25 15.04 10.24
N ALA E 60 6.16 16.09 9.41
CA ALA E 60 5.58 17.36 9.83
C ALA E 60 4.09 17.29 10.07
N ARG E 61 3.40 16.27 9.56
CA ARG E 61 1.96 16.18 9.77
C ARG E 61 1.58 15.89 11.22
N PHE E 62 2.53 15.46 12.04
CA PHE E 62 2.30 15.31 13.48
C PHE E 62 2.57 16.63 14.18
N THR E 63 1.64 17.05 15.04
CA THR E 63 1.83 18.25 15.85
C THR E 63 1.20 18.04 17.22
N GLY E 64 1.85 18.58 18.24
CA GLY E 64 1.32 18.52 19.59
C GLY E 64 1.19 19.92 20.16
N SER E 65 0.23 20.09 21.06
CA SER E 65 0.06 21.37 21.73
C SER E 65 -0.58 21.13 23.09
N GLY E 66 -0.49 22.15 23.95
CA GLY E 66 -1.06 22.09 25.27
C GLY E 66 -0.01 22.24 26.36
N SER E 67 -0.45 22.65 27.55
CA SER E 67 0.43 22.78 28.69
C SER E 67 -0.40 22.71 29.95
N GLY E 68 0.15 22.09 30.99
CA GLY E 68 -0.57 21.97 32.25
C GLY E 68 -1.31 20.65 32.38
N THR E 69 -2.61 20.65 32.06
CA THR E 69 -3.43 19.48 32.28
C THR E 69 -4.10 18.92 31.02
N GLU E 70 -4.04 19.62 29.89
CA GLU E 70 -4.70 19.16 28.67
C GLU E 70 -3.74 19.27 27.49
N PHE E 71 -3.73 18.23 26.66
CA PHE E 71 -2.79 18.11 25.57
C PHE E 71 -3.51 17.49 24.37
N THR E 72 -3.14 17.93 23.17
CA THR E 72 -3.69 17.36 21.95
C THR E 72 -2.56 17.00 21.01
N LEU E 73 -2.70 15.84 20.35
CA LEU E 73 -1.83 15.43 19.26
C LEU E 73 -2.68 15.37 17.99
N THR E 74 -2.27 16.14 16.97
CA THR E 74 -3.03 16.27 15.74
C THR E 74 -2.21 15.71 14.58
N ILE E 75 -2.84 14.88 13.75
CA ILE E 75 -2.26 14.44 12.49
C ILE E 75 -3.06 15.08 11.37
N SER E 76 -2.40 15.90 10.55
CA SER E 76 -3.13 16.73 9.61
C SER E 76 -3.80 15.92 8.50
N SER E 77 -3.17 14.83 8.05
CA SER E 77 -3.76 13.96 7.03
C SER E 77 -3.22 12.55 7.23
N LEU E 78 -4.10 11.61 7.56
CA LEU E 78 -3.65 10.27 7.93
C LEU E 78 -3.19 9.47 6.71
N GLN E 79 -2.04 8.82 6.86
CA GLN E 79 -1.55 7.83 5.93
C GLN E 79 -1.72 6.45 6.54
N SER E 80 -1.56 5.42 5.69
CA SER E 80 -1.75 4.04 6.15
C SER E 80 -0.86 3.72 7.35
N GLU E 81 0.36 4.25 7.35
CA GLU E 81 1.30 4.00 8.44
C GLU E 81 0.86 4.63 9.76
N ASP E 82 -0.09 5.56 9.73
CA ASP E 82 -0.46 6.30 10.93
C ASP E 82 -1.48 5.60 11.80
N PHE E 83 -2.16 4.57 11.31
CA PHE E 83 -3.17 3.89 12.11
C PHE E 83 -2.47 2.95 13.09
N ALA E 84 -2.62 3.22 14.38
CA ALA E 84 -1.84 2.60 15.44
C ALA E 84 -2.43 3.01 16.78
N VAL E 85 -1.80 2.56 17.85
CA VAL E 85 -2.17 2.98 19.21
C VAL E 85 -1.22 4.08 19.65
N TYR E 86 -1.78 5.13 20.24
CA TYR E 86 -0.99 6.28 20.68
C TYR E 86 -1.09 6.38 22.19
N TYR E 87 0.07 6.60 22.83
CA TYR E 87 0.16 6.75 24.28
C TYR E 87 0.76 8.11 24.60
N CYS E 88 0.16 8.79 25.57
CA CYS E 88 0.79 9.96 26.14
C CYS E 88 1.51 9.57 27.42
N GLN E 89 2.40 10.44 27.88
CA GLN E 89 3.22 10.08 29.03
C GLN E 89 3.78 11.35 29.68
N GLN E 90 3.60 11.45 31.00
CA GLN E 90 4.32 12.44 31.77
C GLN E 90 5.68 11.87 32.16
N TYR E 91 6.67 12.76 32.23
CA TYR E 91 7.99 12.36 32.69
C TYR E 91 8.55 13.39 33.66
N ASN E 92 9.22 12.91 34.70
CA ASN E 92 9.98 13.66 35.69
C ASN E 92 9.12 14.45 36.68
N ASN E 93 7.82 14.21 36.74
CA ASN E 93 6.97 14.89 37.72
C ASN E 93 6.82 14.00 38.94
N ARG E 94 7.80 14.10 39.84
CA ARG E 94 7.88 13.37 41.11
C ARG E 94 8.05 11.87 40.92
N LEU E 95 7.20 11.26 40.11
CA LEU E 95 7.45 9.91 39.64
C LEU E 95 8.10 9.97 38.26
N PRO E 96 9.04 9.07 37.96
CA PRO E 96 9.73 9.14 36.66
C PRO E 96 8.80 9.17 35.46
N TYR E 97 7.84 8.24 35.38
CA TYR E 97 6.99 8.13 34.20
C TYR E 97 5.60 7.67 34.60
N THR E 98 4.60 8.16 33.86
CA THR E 98 3.24 7.63 33.94
C THR E 98 2.64 7.67 32.54
N PHE E 99 2.11 6.53 32.09
CA PHE E 99 1.47 6.43 30.79
C PHE E 99 -0.03 6.65 30.90
N GLY E 100 -0.60 7.30 29.89
CA GLY E 100 -2.02 7.19 29.65
C GLY E 100 -2.39 5.80 29.17
N GLN E 101 -3.68 5.51 29.19
CA GLN E 101 -4.13 4.16 28.87
C GLN E 101 -4.12 3.88 27.36
N GLY E 102 -3.91 4.89 26.53
CA GLY E 102 -3.75 4.68 25.10
C GLY E 102 -5.03 4.92 24.33
N THR E 103 -4.88 5.40 23.08
CA THR E 103 -6.00 5.59 22.17
C THR E 103 -5.69 4.87 20.86
N LYS E 104 -6.62 4.02 20.43
CA LYS E 104 -6.45 3.31 19.16
C LYS E 104 -6.97 4.19 18.03
N LEU E 105 -6.12 4.45 17.04
CA LEU E 105 -6.49 5.21 15.85
C LEU E 105 -6.83 4.19 14.77
N GLU E 106 -8.12 4.08 14.45
CA GLU E 106 -8.67 3.01 13.63
C GLU E 106 -9.18 3.56 12.29
N ILE E 107 -9.06 2.74 11.25
CA ILE E 107 -9.47 3.12 9.90
C ILE E 107 -10.99 3.12 9.79
N LYS E 108 -11.56 4.29 9.49
CA LYS E 108 -13.00 4.42 9.26
C LYS E 108 -13.34 4.07 7.82
N ARG E 109 -14.39 3.28 7.64
CA ARG E 109 -14.88 2.94 6.31
C ARG E 109 -16.37 2.67 6.39
N THR E 110 -16.98 2.43 5.24
CA THR E 110 -18.40 2.19 5.19
C THR E 110 -18.75 0.88 5.89
N VAL E 111 -20.03 0.74 6.22
CA VAL E 111 -20.52 -0.47 6.88
C VAL E 111 -20.40 -1.65 5.94
N ALA E 112 -20.03 -2.81 6.49
CA ALA E 112 -19.93 -4.05 5.72
C ALA E 112 -20.46 -5.19 6.57
N ALA E 113 -21.49 -5.86 6.07
CA ALA E 113 -22.07 -6.96 6.83
C ALA E 113 -21.12 -8.17 6.84
N PRO E 114 -21.12 -8.93 7.93
CA PRO E 114 -20.29 -10.13 7.99
C PRO E 114 -20.87 -11.28 7.18
N SER E 115 -19.97 -12.07 6.61
CA SER E 115 -20.31 -13.39 6.09
C SER E 115 -20.19 -14.39 7.24
N VAL E 116 -21.26 -15.12 7.53
CA VAL E 116 -21.34 -15.98 8.70
C VAL E 116 -21.32 -17.43 8.24
N PHE E 117 -20.35 -18.19 8.75
CA PHE E 117 -20.24 -19.62 8.50
C PHE E 117 -20.10 -20.35 9.82
N ILE E 118 -20.55 -21.60 9.85
CA ILE E 118 -20.49 -22.41 11.07
C ILE E 118 -19.80 -23.74 10.73
N PHE E 119 -18.99 -24.22 11.67
CA PHE E 119 -18.22 -25.45 11.49
C PHE E 119 -18.54 -26.42 12.64
N PRO E 120 -19.11 -27.58 12.35
CA PRO E 120 -19.33 -28.57 13.41
C PRO E 120 -18.00 -29.14 13.89
N PRO E 121 -17.98 -29.79 15.06
CA PRO E 121 -16.72 -30.36 15.55
C PRO E 121 -16.22 -31.46 14.62
N SER E 122 -14.90 -31.57 14.52
CA SER E 122 -14.31 -32.66 13.77
C SER E 122 -14.51 -33.98 14.49
N ASP E 123 -14.64 -35.06 13.72
CA ASP E 123 -14.81 -36.38 14.33
C ASP E 123 -13.58 -36.79 15.13
N GLU E 124 -12.39 -36.35 14.71
CA GLU E 124 -11.18 -36.64 15.47
C GLU E 124 -11.26 -36.04 16.86
N GLN E 125 -11.70 -34.79 16.97
CA GLN E 125 -11.80 -34.15 18.28
C GLN E 125 -12.87 -34.81 19.15
N LEU E 126 -13.98 -35.19 18.53
CA LEU E 126 -15.04 -35.86 19.27
C LEU E 126 -14.59 -37.19 19.86
N LYS E 127 -13.55 -37.82 19.27
CA LYS E 127 -13.05 -39.07 19.82
C LYS E 127 -12.30 -38.88 21.13
N SER E 128 -11.85 -37.67 21.43
CA SER E 128 -11.14 -37.39 22.66
C SER E 128 -12.04 -36.79 23.74
N GLY E 129 -13.36 -36.75 23.50
CA GLY E 129 -14.31 -36.36 24.53
C GLY E 129 -14.71 -34.89 24.55
N THR E 130 -14.20 -34.08 23.62
CA THR E 130 -14.51 -32.66 23.60
C THR E 130 -15.06 -32.27 22.23
N ALA E 131 -16.06 -31.37 22.23
CA ALA E 131 -16.68 -30.87 21.01
C ALA E 131 -16.52 -29.35 20.96
N SER E 132 -15.88 -28.86 19.91
CA SER E 132 -15.73 -27.43 19.66
C SER E 132 -16.47 -27.07 18.39
N VAL E 133 -17.42 -26.14 18.49
CA VAL E 133 -18.14 -25.60 17.35
C VAL E 133 -17.61 -24.19 17.10
N VAL E 134 -17.23 -23.91 15.85
CA VAL E 134 -16.61 -22.64 15.48
C VAL E 134 -17.58 -21.87 14.59
N CYS E 135 -17.78 -20.60 14.92
CA CYS E 135 -18.54 -19.66 14.11
C CYS E 135 -17.59 -18.61 13.57
N LEU E 136 -17.66 -18.34 12.27
CA LEU E 136 -16.76 -17.40 11.61
C LEU E 136 -17.57 -16.23 11.07
N LEU E 137 -17.17 -15.01 11.45
CA LEU E 137 -17.70 -13.78 10.89
C LEU E 137 -16.61 -13.17 10.02
N ASN E 138 -16.83 -13.13 8.71
CA ASN E 138 -15.79 -12.75 7.76
C ASN E 138 -16.05 -11.35 7.22
N ASN E 139 -15.04 -10.47 7.35
CA ASN E 139 -14.92 -9.20 6.63
C ASN E 139 -16.09 -8.25 6.91
N PHE E 140 -16.16 -7.78 8.15
CA PHE E 140 -17.23 -6.87 8.55
C PHE E 140 -16.66 -5.58 9.11
N TYR E 141 -17.49 -4.53 9.09
CA TYR E 141 -17.19 -3.23 9.65
C TYR E 141 -18.51 -2.56 10.00
N PRO E 142 -18.63 -1.93 11.19
CA PRO E 142 -17.60 -1.69 12.20
C PRO E 142 -17.30 -2.90 13.06
N ARG E 143 -16.41 -2.71 14.04
CA ARG E 143 -15.93 -3.81 14.87
C ARG E 143 -17.04 -4.41 15.74
N GLU E 144 -17.96 -3.58 16.20
CA GLU E 144 -18.98 -4.02 17.14
C GLU E 144 -19.84 -5.11 16.51
N ALA E 145 -19.87 -6.28 17.14
CA ALA E 145 -20.65 -7.41 16.65
C ALA E 145 -21.00 -8.30 17.83
N LYS E 146 -22.23 -8.81 17.84
CA LYS E 146 -22.70 -9.70 18.89
C LYS E 146 -22.86 -11.10 18.31
N VAL E 147 -22.14 -12.05 18.87
CA VAL E 147 -22.21 -13.46 18.49
C VAL E 147 -22.79 -14.22 19.68
N GLN E 148 -23.96 -14.82 19.48
CA GLN E 148 -24.63 -15.58 20.52
C GLN E 148 -24.72 -17.04 20.08
N TRP E 149 -24.40 -17.95 21.01
CA TRP E 149 -24.49 -19.38 20.76
C TRP E 149 -25.83 -19.87 21.28
N LYS E 150 -26.60 -20.52 20.41
CA LYS E 150 -27.91 -21.04 20.76
C LYS E 150 -27.95 -22.53 20.44
N VAL E 151 -28.20 -23.33 21.46
CA VAL E 151 -28.26 -24.79 21.34
C VAL E 151 -29.69 -25.21 21.64
N ASP E 152 -30.40 -25.63 20.61
CA ASP E 152 -31.84 -25.89 20.69
C ASP E 152 -32.58 -24.67 21.22
N ASN E 153 -32.17 -23.50 20.71
CA ASN E 153 -32.70 -22.19 21.06
C ASN E 153 -32.37 -21.76 22.48
N ALA E 154 -31.58 -22.54 23.22
CA ALA E 154 -31.15 -22.17 24.56
C ALA E 154 -29.87 -21.35 24.48
N LEU E 155 -29.91 -20.14 25.03
CA LEU E 155 -28.77 -19.23 24.97
C LEU E 155 -27.63 -19.75 25.84
N GLN E 156 -26.46 -19.92 25.25
CA GLN E 156 -25.29 -20.41 25.94
C GLN E 156 -24.55 -19.27 26.63
N SER E 157 -24.01 -19.55 27.81
CA SER E 157 -23.20 -18.58 28.52
C SER E 157 -22.05 -19.29 29.22
N GLY E 158 -20.86 -18.68 29.16
CA GLY E 158 -19.71 -19.18 29.87
C GLY E 158 -18.97 -20.34 29.23
N ASN E 159 -19.36 -20.76 28.04
CA ASN E 159 -18.70 -21.89 27.38
C ASN E 159 -18.17 -21.52 26.00
N SER E 160 -18.00 -20.23 25.71
CA SER E 160 -17.47 -19.82 24.43
C SER E 160 -16.48 -18.68 24.61
N GLN E 161 -15.58 -18.55 23.63
CA GLN E 161 -14.62 -17.46 23.58
C GLN E 161 -14.49 -17.00 22.13
N GLU E 162 -14.10 -15.75 21.95
CA GLU E 162 -13.95 -15.21 20.60
C GLU E 162 -12.69 -14.36 20.52
N SER E 163 -12.20 -14.19 19.30
CA SER E 163 -11.06 -13.34 19.02
C SER E 163 -11.26 -12.71 17.66
N VAL E 164 -10.67 -11.53 17.48
CA VAL E 164 -10.88 -10.68 16.32
C VAL E 164 -9.52 -10.34 15.72
N THR E 165 -9.44 -10.34 14.39
CA THR E 165 -8.21 -9.94 13.72
C THR E 165 -8.06 -8.42 13.73
N GLU E 166 -6.86 -7.98 13.36
CA GLU E 166 -6.67 -6.57 13.07
C GLU E 166 -7.35 -6.20 11.75
N GLN E 167 -7.52 -4.91 11.53
CA GLN E 167 -8.14 -4.46 10.30
C GLN E 167 -7.33 -4.92 9.11
N ASP E 168 -8.01 -5.46 8.10
CA ASP E 168 -7.34 -6.00 6.92
C ASP E 168 -6.61 -4.90 6.17
N SER E 169 -5.42 -5.23 5.65
CA SER E 169 -4.59 -4.21 5.03
C SER E 169 -5.21 -3.62 3.77
N LYS E 170 -6.14 -4.34 3.12
CA LYS E 170 -6.73 -3.87 1.87
C LYS E 170 -8.14 -3.33 2.01
N ASP E 171 -9.04 -4.03 2.70
CA ASP E 171 -10.43 -3.56 2.79
C ASP E 171 -10.80 -3.03 4.17
N SER E 172 -9.86 -3.04 5.13
CA SER E 172 -10.02 -2.45 6.46
C SER E 172 -11.11 -3.12 7.29
N THR E 173 -11.55 -4.32 6.92
CA THR E 173 -12.58 -5.00 7.69
C THR E 173 -11.96 -5.84 8.80
N TYR E 174 -12.83 -6.26 9.72
CA TYR E 174 -12.51 -7.21 10.77
C TYR E 174 -13.07 -8.58 10.41
N SER E 175 -12.46 -9.62 11.00
CA SER E 175 -13.02 -10.95 10.99
C SER E 175 -12.98 -11.49 12.42
N LEU E 176 -13.98 -12.30 12.76
CA LEU E 176 -14.16 -12.80 14.11
C LEU E 176 -14.37 -14.30 14.08
N SER E 177 -13.77 -14.98 15.05
CA SER E 177 -13.91 -16.42 15.22
C SER E 177 -14.39 -16.69 16.64
N SER E 178 -15.56 -17.32 16.76
CA SER E 178 -16.11 -17.68 18.07
C SER E 178 -16.18 -19.21 18.18
N THR E 179 -15.71 -19.75 19.30
CA THR E 179 -15.62 -21.18 19.51
C THR E 179 -16.44 -21.57 20.74
N LEU E 180 -17.46 -22.39 20.53
CA LEU E 180 -18.26 -22.97 21.60
C LEU E 180 -17.69 -24.34 21.94
N THR E 181 -17.33 -24.54 23.21
CA THR E 181 -16.72 -25.79 23.65
C THR E 181 -17.62 -26.47 24.67
N LEU E 182 -18.08 -27.68 24.33
CA LEU E 182 -18.86 -28.52 25.23
C LEU E 182 -18.16 -29.86 25.40
N SER E 183 -18.58 -30.61 26.41
CA SER E 183 -18.16 -32.00 26.51
C SER E 183 -18.81 -32.82 25.40
N LYS E 184 -18.22 -33.98 25.12
CA LYS E 184 -18.81 -34.90 24.15
C LYS E 184 -20.20 -35.33 24.59
N ALA E 185 -20.34 -35.72 25.86
CA ALA E 185 -21.64 -36.16 26.38
C ALA E 185 -22.68 -35.05 26.25
N ASP E 186 -22.31 -33.82 26.62
CA ASP E 186 -23.27 -32.72 26.52
C ASP E 186 -23.61 -32.42 25.07
N TYR E 187 -22.61 -32.50 24.18
CA TYR E 187 -22.84 -32.22 22.76
C TYR E 187 -23.89 -33.15 22.18
N GLU E 188 -23.86 -34.44 22.53
CA GLU E 188 -24.81 -35.40 22.00
C GLU E 188 -26.20 -35.28 22.61
N LYS E 189 -26.38 -34.45 23.64
CA LYS E 189 -27.68 -34.27 24.26
C LYS E 189 -28.62 -33.39 23.46
N HIS E 190 -28.12 -32.69 22.43
CA HIS E 190 -28.89 -31.68 21.73
C HIS E 190 -28.76 -31.86 20.22
N LYS E 191 -29.62 -31.17 19.49
CA LYS E 191 -29.75 -31.32 18.05
C LYS E 191 -29.30 -30.09 17.27
N VAL E 192 -29.91 -28.94 17.52
CA VAL E 192 -29.69 -27.75 16.70
C VAL E 192 -28.63 -26.87 17.35
N TYR E 193 -27.51 -26.69 16.65
CA TYR E 193 -26.43 -25.81 17.09
C TYR E 193 -26.41 -24.60 16.18
N ALA E 194 -26.63 -23.41 16.75
CA ALA E 194 -26.85 -22.20 15.99
C ALA E 194 -25.93 -21.10 16.46
N CYS E 195 -25.51 -20.27 15.50
CA CYS E 195 -24.71 -19.08 15.73
C CYS E 195 -25.56 -17.88 15.30
N GLU E 196 -25.92 -17.02 16.25
CA GLU E 196 -26.75 -15.84 15.97
C GLU E 196 -25.89 -14.59 15.99
N VAL E 197 -25.91 -13.83 14.90
CA VAL E 197 -25.01 -12.70 14.71
C VAL E 197 -25.82 -11.43 14.56
N THR E 198 -25.48 -10.43 15.35
CA THR E 198 -26.09 -9.10 15.29
C THR E 198 -25.04 -8.10 14.88
N HIS E 199 -25.30 -7.35 13.82
CA HIS E 199 -24.33 -6.40 13.30
C HIS E 199 -25.07 -5.29 12.55
N GLN E 200 -24.45 -4.10 12.55
CA GLN E 200 -25.09 -2.95 11.93
C GLN E 200 -25.31 -3.14 10.44
N GLY E 201 -24.47 -3.94 9.78
CA GLY E 201 -24.66 -4.23 8.38
C GLY E 201 -25.77 -5.21 8.07
N LEU E 202 -26.44 -5.75 9.08
CA LEU E 202 -27.53 -6.70 8.89
C LEU E 202 -28.84 -6.07 9.35
N SER E 203 -29.89 -6.23 8.55
CA SER E 203 -31.18 -5.66 8.89
C SER E 203 -31.75 -6.29 10.16
N SER E 204 -31.52 -7.58 10.35
CA SER E 204 -31.96 -8.32 11.52
C SER E 204 -30.89 -9.36 11.82
N PRO E 205 -30.89 -9.92 13.03
CA PRO E 205 -29.89 -10.94 13.36
C PRO E 205 -29.93 -12.11 12.38
N VAL E 206 -28.76 -12.59 12.02
CA VAL E 206 -28.59 -13.72 11.10
C VAL E 206 -28.17 -14.93 11.91
N THR E 207 -28.91 -16.03 11.74
CA THR E 207 -28.60 -17.29 12.42
C THR E 207 -28.05 -18.29 11.42
N LYS E 208 -26.90 -18.89 11.75
CA LYS E 208 -26.31 -19.98 10.99
C LYS E 208 -26.32 -21.21 11.89
N SER E 209 -26.91 -22.30 11.42
CA SER E 209 -27.13 -23.45 12.27
C SER E 209 -26.90 -24.75 11.51
N PHE E 210 -26.78 -25.83 12.28
CA PHE E 210 -26.68 -27.18 11.74
C PHE E 210 -27.27 -28.15 12.75
N ASN E 211 -27.65 -29.33 12.27
CA ASN E 211 -28.21 -30.38 13.10
C ASN E 211 -27.14 -31.44 13.39
N ARG E 212 -27.55 -32.46 14.16
CA ARG E 212 -26.68 -33.56 14.58
C ARG E 212 -25.37 -33.04 15.18
N GLU F 1 -25.72 9.55 -33.21
CA GLU F 1 -26.66 10.32 -32.38
C GLU F 1 -26.49 10.01 -30.91
N ILE F 2 -26.45 8.72 -30.58
CA ILE F 2 -26.35 8.29 -29.18
C ILE F 2 -25.08 8.84 -28.57
N VAL F 3 -25.21 9.75 -27.61
CA VAL F 3 -24.08 10.29 -26.88
C VAL F 3 -24.20 9.82 -25.43
N MET F 4 -23.10 9.31 -24.91
CA MET F 4 -23.00 8.87 -23.52
C MET F 4 -22.35 9.97 -22.70
N THR F 5 -23.02 10.39 -21.63
CA THR F 5 -22.52 11.44 -20.75
C THR F 5 -22.32 10.86 -19.36
N GLN F 6 -21.15 11.10 -18.79
CA GLN F 6 -20.86 10.69 -17.42
C GLN F 6 -20.79 11.92 -16.52
N SER F 7 -21.05 11.70 -15.23
CA SER F 7 -20.97 12.76 -14.25
C SER F 7 -20.64 12.15 -12.90
N PRO F 8 -19.86 12.85 -12.05
CA PRO F 8 -19.20 14.11 -12.42
C PRO F 8 -17.95 13.84 -13.25
N ASP F 9 -17.26 14.88 -13.70
CA ASP F 9 -16.01 14.68 -14.42
C ASP F 9 -14.94 14.08 -13.52
N THR F 10 -14.75 14.67 -12.33
CA THR F 10 -13.86 14.12 -11.34
C THR F 10 -14.60 13.99 -10.02
N LEU F 11 -14.39 12.88 -9.35
CA LEU F 11 -15.08 12.58 -8.10
C LEU F 11 -14.02 12.41 -7.02
N SER F 12 -14.17 13.16 -5.93
CA SER F 12 -13.23 13.18 -4.82
C SER F 12 -13.87 12.43 -3.65
N VAL F 13 -13.32 11.27 -3.32
CA VAL F 13 -13.86 10.43 -2.25
C VAL F 13 -12.70 9.98 -1.37
N SER F 14 -12.95 9.92 -0.07
CA SER F 14 -11.94 9.41 0.85
C SER F 14 -11.80 7.90 0.67
N PRO F 15 -10.59 7.36 0.84
CA PRO F 15 -10.45 5.90 0.85
C PRO F 15 -11.32 5.27 1.94
N GLY F 16 -11.99 4.18 1.57
CA GLY F 16 -12.91 3.50 2.46
C GLY F 16 -14.35 3.96 2.37
N GLU F 17 -14.62 5.11 1.75
CA GLU F 17 -15.98 5.59 1.61
C GLU F 17 -16.60 5.08 0.30
N ARG F 18 -17.89 5.36 0.13
CA ARG F 18 -18.62 4.94 -1.05
C ARG F 18 -18.45 5.96 -2.18
N ALA F 19 -18.37 5.46 -3.41
CA ALA F 19 -18.34 6.31 -4.60
C ALA F 19 -19.50 5.93 -5.51
N THR F 20 -20.21 6.92 -6.03
CA THR F 20 -21.31 6.68 -6.94
C THR F 20 -21.08 7.45 -8.24
N LEU F 21 -20.90 6.70 -9.33
CA LEU F 21 -20.61 7.27 -10.64
C LEU F 21 -21.83 7.13 -11.52
N SER F 22 -22.15 8.18 -12.27
CA SER F 22 -23.36 8.20 -13.10
C SER F 22 -23.00 8.18 -14.57
N CYS F 23 -23.83 7.50 -15.36
CA CYS F 23 -23.70 7.45 -16.81
C CYS F 23 -25.09 7.63 -17.41
N ARG F 24 -25.19 8.50 -18.42
CA ARG F 24 -26.46 8.82 -19.05
C ARG F 24 -26.35 8.62 -20.56
N ALA F 25 -27.33 7.94 -21.14
CA ALA F 25 -27.44 7.80 -22.58
C ALA F 25 -28.50 8.76 -23.10
N SER F 26 -28.26 9.36 -24.27
CA SER F 26 -29.22 10.30 -24.83
C SER F 26 -30.47 9.60 -25.32
N GLU F 27 -30.36 8.32 -25.69
CA GLU F 27 -31.49 7.50 -26.07
C GLU F 27 -31.41 6.20 -25.29
N SER F 28 -32.54 5.50 -25.20
CA SER F 28 -32.55 4.24 -24.46
C SER F 28 -31.62 3.23 -25.12
N ILE F 29 -30.82 2.57 -24.28
CA ILE F 29 -29.95 1.49 -24.70
C ILE F 29 -30.29 0.19 -23.98
N SER F 30 -31.48 0.12 -23.39
CA SER F 30 -31.88 -1.00 -22.55
C SER F 30 -30.82 -1.26 -21.48
N SER F 31 -30.27 -2.47 -21.45
CA SER F 31 -29.23 -2.83 -20.50
C SER F 31 -27.89 -3.08 -21.18
N ASN F 32 -27.70 -2.58 -22.41
CA ASN F 32 -26.47 -2.82 -23.16
C ASN F 32 -25.43 -1.78 -22.76
N LEU F 33 -25.00 -1.86 -21.51
CA LEU F 33 -24.09 -0.88 -20.96
C LEU F 33 -22.98 -1.59 -20.19
N ALA F 34 -21.75 -1.18 -20.46
CA ALA F 34 -20.57 -1.71 -19.79
C ALA F 34 -19.83 -0.60 -19.06
N TRP F 35 -19.07 -0.99 -18.04
CA TRP F 35 -18.21 -0.10 -17.29
C TRP F 35 -16.78 -0.63 -17.36
N TYR F 36 -15.82 0.24 -17.67
CA TYR F 36 -14.42 -0.12 -17.69
C TYR F 36 -13.62 0.75 -16.74
N GLN F 37 -12.56 0.17 -16.19
CA GLN F 37 -11.65 0.88 -15.29
C GLN F 37 -10.28 0.98 -15.97
N GLN F 38 -9.68 2.16 -15.90
CA GLN F 38 -8.37 2.34 -16.50
C GLN F 38 -7.46 3.14 -15.59
N LYS F 39 -6.30 2.59 -15.30
CA LYS F 39 -5.26 3.30 -14.56
C LYS F 39 -4.22 3.84 -15.53
N PRO F 40 -3.47 4.86 -15.13
CA PRO F 40 -2.47 5.45 -16.04
C PRO F 40 -1.47 4.40 -16.51
N GLY F 41 -1.22 4.40 -17.83
CA GLY F 41 -0.25 3.48 -18.39
C GLY F 41 -0.71 2.03 -18.44
N GLN F 42 -2.03 1.79 -18.47
CA GLN F 42 -2.55 0.43 -18.47
C GLN F 42 -3.71 0.32 -19.44
N VAL F 43 -3.96 -0.90 -19.90
CA VAL F 43 -5.11 -1.17 -20.76
C VAL F 43 -6.37 -1.10 -19.92
N PRO F 44 -7.52 -0.76 -20.50
CA PRO F 44 -8.76 -0.75 -19.72
C PRO F 44 -9.15 -2.15 -19.27
N ARG F 45 -9.89 -2.20 -18.17
CA ARG F 45 -10.30 -3.44 -17.53
C ARG F 45 -11.81 -3.44 -17.37
N LEU F 46 -12.45 -4.49 -17.89
CA LEU F 46 -13.90 -4.61 -17.83
C LEU F 46 -14.36 -4.89 -16.40
N LEU F 47 -15.35 -4.14 -15.95
CA LEU F 47 -15.93 -4.31 -14.62
C LEU F 47 -17.35 -4.85 -14.66
N ILE F 48 -18.22 -4.20 -15.41
CA ILE F 48 -19.64 -4.50 -15.44
C ILE F 48 -20.08 -4.60 -16.89
N TYR F 49 -20.98 -5.53 -17.18
CA TYR F 49 -21.67 -5.54 -18.45
C TYR F 49 -23.14 -5.85 -18.18
N GLY F 50 -23.95 -5.74 -19.24
CA GLY F 50 -25.39 -5.90 -19.09
C GLY F 50 -25.94 -4.98 -18.01
N ALA F 51 -25.30 -3.83 -17.83
CA ALA F 51 -25.67 -2.78 -16.87
C ALA F 51 -25.41 -3.18 -15.42
N SER F 52 -25.62 -4.46 -15.07
CA SER F 52 -25.55 -4.87 -13.67
C SER F 52 -24.82 -6.18 -13.45
N THR F 53 -24.18 -6.75 -14.46
CA THR F 53 -23.52 -8.03 -14.31
C THR F 53 -22.02 -7.81 -14.10
N ARG F 54 -21.49 -8.38 -13.02
CA ARG F 54 -20.07 -8.28 -12.71
C ARG F 54 -19.30 -9.24 -13.59
N ALA F 55 -18.20 -8.75 -14.18
CA ALA F 55 -17.32 -9.61 -14.94
C ALA F 55 -16.56 -10.55 -14.02
N THR F 56 -15.98 -11.59 -14.62
CA THR F 56 -15.22 -12.57 -13.84
C THR F 56 -14.05 -11.89 -13.15
N GLY F 57 -13.82 -12.26 -11.89
CA GLY F 57 -12.73 -11.73 -11.11
C GLY F 57 -12.97 -10.36 -10.51
N VAL F 58 -14.03 -9.68 -10.89
CA VAL F 58 -14.29 -8.34 -10.34
C VAL F 58 -14.87 -8.49 -8.94
N PRO F 59 -14.30 -7.83 -7.94
CA PRO F 59 -14.78 -7.95 -6.56
C PRO F 59 -16.20 -7.41 -6.39
N ALA F 60 -16.88 -7.93 -5.36
CA ALA F 60 -18.29 -7.63 -5.12
C ALA F 60 -18.54 -6.19 -4.70
N ARG F 61 -17.50 -5.45 -4.30
CA ARG F 61 -17.74 -4.05 -3.95
C ARG F 61 -18.18 -3.21 -5.15
N PHE F 62 -18.00 -3.71 -6.37
CA PHE F 62 -18.46 -3.01 -7.57
C PHE F 62 -19.87 -3.50 -7.91
N THR F 63 -20.83 -2.58 -8.01
CA THR F 63 -22.17 -2.94 -8.41
C THR F 63 -22.69 -1.93 -9.44
N GLY F 64 -23.22 -2.44 -10.54
CA GLY F 64 -23.85 -1.60 -11.55
C GLY F 64 -25.36 -1.69 -11.42
N SER F 65 -26.04 -0.61 -11.82
CA SER F 65 -27.50 -0.60 -11.81
C SER F 65 -28.00 0.36 -12.87
N GLY F 66 -29.31 0.27 -13.12
CA GLY F 66 -29.99 1.15 -14.04
C GLY F 66 -30.29 0.48 -15.37
N SER F 67 -31.21 1.09 -16.11
CA SER F 67 -31.58 0.61 -17.44
C SER F 67 -32.21 1.75 -18.20
N GLY F 68 -32.25 1.62 -19.52
CA GLY F 68 -32.80 2.68 -20.34
C GLY F 68 -31.78 3.76 -20.65
N THR F 69 -31.80 4.86 -19.87
CA THR F 69 -30.92 5.98 -20.10
C THR F 69 -30.09 6.40 -18.90
N GLU F 70 -30.40 5.93 -17.70
CA GLU F 70 -29.71 6.34 -16.48
C GLU F 70 -29.04 5.12 -15.87
N PHE F 71 -27.72 5.18 -15.70
CA PHE F 71 -26.95 4.09 -15.14
C PHE F 71 -26.04 4.62 -14.04
N THR F 72 -25.74 3.76 -13.07
CA THR F 72 -24.82 4.11 -12.00
C THR F 72 -23.86 2.96 -11.73
N LEU F 73 -22.60 3.32 -11.47
CA LEU F 73 -21.62 2.39 -10.93
C LEU F 73 -21.33 2.80 -9.49
N THR F 74 -21.48 1.84 -8.57
CA THR F 74 -21.31 2.08 -7.14
C THR F 74 -20.14 1.24 -6.64
N ILE F 75 -19.27 1.86 -5.84
CA ILE F 75 -18.19 1.15 -5.15
C ILE F 75 -18.46 1.30 -3.67
N SER F 76 -18.72 0.20 -2.98
CA SER F 76 -19.22 0.27 -1.62
C SER F 76 -18.17 0.81 -0.65
N SER F 77 -16.89 0.54 -0.91
CA SER F 77 -15.80 1.03 -0.07
C SER F 77 -14.54 1.08 -0.90
N LEU F 78 -13.94 2.26 -1.02
CA LEU F 78 -12.85 2.45 -1.97
C LEU F 78 -11.53 1.95 -1.38
N GLN F 79 -10.86 1.08 -2.12
CA GLN F 79 -9.51 0.66 -1.80
C GLN F 79 -8.52 1.49 -2.61
N SER F 80 -7.24 1.36 -2.27
CA SER F 80 -6.22 2.18 -2.93
C SER F 80 -6.16 1.91 -4.42
N GLU F 81 -6.42 0.67 -4.84
CA GLU F 81 -6.37 0.30 -6.25
C GLU F 81 -7.60 0.74 -7.04
N ASP F 82 -8.63 1.27 -6.37
CA ASP F 82 -9.85 1.66 -7.06
C ASP F 82 -9.78 3.09 -7.64
N PHE F 83 -8.80 3.88 -7.25
CA PHE F 83 -8.69 5.25 -7.75
C PHE F 83 -8.11 5.18 -9.16
N ALA F 84 -8.92 5.57 -10.13
CA ALA F 84 -8.59 5.43 -11.54
C ALA F 84 -9.65 6.18 -12.33
N VAL F 85 -9.60 6.06 -13.65
CA VAL F 85 -10.63 6.62 -14.52
C VAL F 85 -11.60 5.51 -14.92
N TYR F 86 -12.89 5.83 -14.88
CA TYR F 86 -13.94 4.87 -15.19
C TYR F 86 -14.72 5.36 -16.41
N TYR F 87 -14.93 4.46 -17.37
CA TYR F 87 -15.68 4.74 -18.57
C TYR F 87 -16.91 3.86 -18.65
N CYS F 88 -18.04 4.43 -19.02
CA CYS F 88 -19.20 3.64 -19.42
C CYS F 88 -19.23 3.54 -20.94
N GLN F 89 -20.00 2.58 -21.43
CA GLN F 89 -19.99 2.28 -22.86
C GLN F 89 -21.29 1.59 -23.26
N GLN F 90 -21.98 2.15 -24.24
CA GLN F 90 -23.04 1.41 -24.91
C GLN F 90 -22.43 0.48 -25.94
N TYR F 91 -23.04 -0.69 -26.11
CA TYR F 91 -22.63 -1.60 -27.18
C TYR F 91 -23.88 -2.11 -27.89
N ASN F 92 -23.75 -2.27 -29.21
CA ASN F 92 -24.74 -2.89 -30.09
C ASN F 92 -26.03 -2.09 -30.24
N ASN F 93 -26.02 -0.78 -30.02
CA ASN F 93 -27.19 0.05 -30.30
C ASN F 93 -26.86 0.96 -31.49
N ARG F 94 -27.33 0.54 -32.68
CA ARG F 94 -27.18 1.30 -33.92
C ARG F 94 -25.73 1.39 -34.39
N LEU F 95 -24.85 1.86 -33.51
CA LEU F 95 -23.42 1.79 -33.77
C LEU F 95 -22.78 0.79 -32.81
N PRO F 96 -21.68 0.14 -33.21
CA PRO F 96 -21.07 -0.87 -32.34
C PRO F 96 -20.77 -0.41 -30.91
N TYR F 97 -20.08 0.71 -30.73
CA TYR F 97 -19.67 1.15 -29.39
C TYR F 97 -19.68 2.66 -29.28
N THR F 98 -19.97 3.15 -28.07
CA THR F 98 -19.83 4.57 -27.75
C THR F 98 -19.42 4.70 -26.28
N PHE F 99 -18.29 5.34 -26.03
CA PHE F 99 -17.80 5.55 -24.68
C PHE F 99 -18.32 6.86 -24.11
N GLY F 100 -18.54 6.88 -22.79
CA GLY F 100 -18.65 8.15 -22.10
C GLY F 100 -17.31 8.84 -22.05
N GLN F 101 -17.32 10.10 -21.63
CA GLN F 101 -16.09 10.87 -21.60
C GLN F 101 -15.16 10.51 -20.45
N GLY F 102 -15.64 9.72 -19.48
CA GLY F 102 -14.81 9.26 -18.39
C GLY F 102 -15.03 10.06 -17.12
N THR F 103 -14.87 9.38 -15.98
CA THR F 103 -14.91 10.00 -14.66
C THR F 103 -13.65 9.59 -13.91
N LYS F 104 -12.89 10.59 -13.47
CA LYS F 104 -11.71 10.33 -12.65
C LYS F 104 -12.11 10.27 -11.17
N LEU F 105 -11.85 9.14 -10.56
CA LEU F 105 -12.06 8.99 -9.13
C LEU F 105 -10.74 9.28 -8.44
N GLU F 106 -10.68 10.40 -7.72
CA GLU F 106 -9.43 10.84 -7.12
C GLU F 106 -9.53 10.80 -5.60
N ILE F 107 -8.37 10.67 -4.96
CA ILE F 107 -8.30 10.52 -3.51
C ILE F 107 -8.58 11.86 -2.85
N LYS F 108 -9.59 11.89 -1.98
CA LYS F 108 -9.88 13.05 -1.15
C LYS F 108 -9.03 13.02 0.12
N ARG F 109 -8.50 14.19 0.49
CA ARG F 109 -7.72 14.36 1.71
C ARG F 109 -7.79 15.81 2.13
N THR F 110 -7.19 16.12 3.29
CA THR F 110 -7.22 17.47 3.80
C THR F 110 -6.32 18.39 2.97
N VAL F 111 -6.50 19.69 3.16
CA VAL F 111 -5.76 20.71 2.41
C VAL F 111 -4.28 20.62 2.73
N ALA F 112 -3.44 20.80 1.70
CA ALA F 112 -1.99 20.84 1.90
C ALA F 112 -1.42 21.98 1.06
N ALA F 113 -0.78 22.95 1.71
CA ALA F 113 -0.19 24.06 0.99
C ALA F 113 1.03 23.58 0.22
N PRO F 114 1.28 24.13 -0.98
CA PRO F 114 2.48 23.76 -1.72
C PRO F 114 3.73 24.40 -1.13
N SER F 115 4.85 23.72 -1.33
CA SER F 115 6.16 24.33 -1.16
C SER F 115 6.60 24.84 -2.53
N VAL F 116 7.07 26.09 -2.57
CA VAL F 116 7.32 26.78 -3.83
C VAL F 116 8.82 27.01 -3.98
N PHE F 117 9.35 26.61 -5.14
CA PHE F 117 10.76 26.78 -5.46
C PHE F 117 10.89 27.38 -6.85
N ILE F 118 11.91 28.20 -7.04
CA ILE F 118 12.16 28.80 -8.34
C ILE F 118 13.60 28.49 -8.76
N PHE F 119 13.79 28.21 -10.04
CA PHE F 119 15.09 27.85 -10.59
C PHE F 119 15.39 28.78 -11.75
N PRO F 120 16.44 29.59 -11.68
CA PRO F 120 16.83 30.40 -12.84
C PRO F 120 17.32 29.51 -13.95
N PRO F 121 17.39 30.03 -15.18
CA PRO F 121 18.00 29.26 -16.27
C PRO F 121 19.46 28.94 -15.95
N SER F 122 19.87 27.73 -16.29
CA SER F 122 21.27 27.37 -16.13
C SER F 122 22.12 28.14 -17.13
N ASP F 123 23.40 28.32 -16.79
CA ASP F 123 24.30 29.00 -17.72
C ASP F 123 24.52 28.18 -18.98
N GLU F 124 24.43 26.86 -18.88
CA GLU F 124 24.60 26.02 -20.06
C GLU F 124 23.43 26.17 -21.01
N GLN F 125 22.19 26.18 -20.50
CA GLN F 125 21.06 26.43 -21.38
C GLN F 125 21.15 27.82 -21.99
N LEU F 126 21.58 28.81 -21.20
CA LEU F 126 21.78 30.14 -21.72
C LEU F 126 22.72 30.13 -22.93
N LYS F 127 23.83 29.39 -22.82
CA LYS F 127 24.78 29.32 -23.94
C LYS F 127 24.10 28.90 -25.24
N SER F 128 23.08 28.05 -25.15
CA SER F 128 22.37 27.59 -26.34
C SER F 128 21.46 28.65 -26.93
N GLY F 129 21.21 29.75 -26.23
CA GLY F 129 20.38 30.82 -26.75
C GLY F 129 18.98 30.90 -26.20
N THR F 130 18.58 29.97 -25.35
CA THR F 130 17.25 29.97 -24.76
C THR F 130 17.35 30.03 -23.24
N ALA F 131 16.29 30.55 -22.61
CA ALA F 131 16.20 30.65 -21.16
C ALA F 131 14.88 30.05 -20.69
N SER F 132 14.96 29.11 -19.75
CA SER F 132 13.77 28.51 -19.15
C SER F 132 13.82 28.74 -17.65
N VAL F 133 12.82 29.43 -17.13
CA VAL F 133 12.68 29.64 -15.69
C VAL F 133 11.60 28.68 -15.21
N VAL F 134 11.94 27.88 -14.19
CA VAL F 134 11.07 26.81 -13.73
C VAL F 134 10.59 27.13 -12.32
N CYS F 135 9.28 27.08 -12.11
CA CYS F 135 8.67 27.21 -10.80
C CYS F 135 8.10 25.86 -10.40
N LEU F 136 8.37 25.45 -9.15
CA LEU F 136 8.00 24.13 -8.66
C LEU F 136 7.04 24.28 -7.48
N LEU F 137 5.89 23.60 -7.58
CA LEU F 137 4.91 23.51 -6.49
C LEU F 137 4.91 22.06 -6.02
N ASN F 138 5.40 21.83 -4.81
CA ASN F 138 5.65 20.47 -4.33
C ASN F 138 4.58 20.07 -3.32
N ASN F 139 3.93 18.92 -3.59
CA ASN F 139 3.06 18.25 -2.62
C ASN F 139 1.94 19.10 -2.06
N PHE F 140 0.93 19.39 -2.88
CA PHE F 140 -0.19 20.20 -2.44
C PHE F 140 -1.51 19.49 -2.74
N TYR F 141 -2.55 19.91 -2.03
CA TYR F 141 -3.90 19.41 -2.21
C TYR F 141 -4.84 20.52 -1.77
N PRO F 142 -5.92 20.81 -2.53
CA PRO F 142 -6.32 20.11 -3.75
C PRO F 142 -5.56 20.53 -5.00
N ARG F 143 -6.00 19.97 -6.13
CA ARG F 143 -5.34 20.18 -7.41
C ARG F 143 -5.37 21.64 -7.84
N GLU F 144 -6.47 22.34 -7.55
CA GLU F 144 -6.61 23.72 -7.99
C GLU F 144 -5.48 24.59 -7.45
N ALA F 145 -4.67 25.14 -8.36
CA ALA F 145 -3.56 25.99 -7.99
C ALA F 145 -3.32 26.99 -9.10
N LYS F 146 -3.02 28.24 -8.72
CA LYS F 146 -2.82 29.32 -9.67
C LYS F 146 -1.37 29.78 -9.60
N VAL F 147 -0.66 29.69 -10.73
CA VAL F 147 0.73 30.09 -10.83
C VAL F 147 0.81 31.25 -11.83
N GLN F 148 1.33 32.38 -11.37
CA GLN F 148 1.44 33.58 -12.20
C GLN F 148 2.89 34.02 -12.27
N TRP F 149 3.35 34.31 -13.48
CA TRP F 149 4.73 34.76 -13.69
C TRP F 149 4.77 36.28 -13.75
N LYS F 150 5.74 36.87 -13.06
CA LYS F 150 5.99 38.30 -13.09
C LYS F 150 7.42 38.51 -13.56
N VAL F 151 7.59 39.39 -14.54
CA VAL F 151 8.91 39.81 -15.01
C VAL F 151 9.00 41.30 -14.78
N ASP F 152 9.87 41.72 -13.86
CA ASP F 152 10.00 43.10 -13.42
C ASP F 152 8.63 43.66 -13.00
N ASN F 153 7.92 42.88 -12.18
CA ASN F 153 6.64 43.19 -11.55
C ASN F 153 5.46 43.12 -12.51
N ALA F 154 5.68 42.94 -13.81
CA ALA F 154 4.60 42.88 -14.77
C ALA F 154 4.09 41.44 -14.93
N LEU F 155 2.77 41.27 -14.90
CA LEU F 155 2.15 39.97 -15.08
C LEU F 155 2.34 39.48 -16.52
N GLN F 156 2.74 38.21 -16.64
CA GLN F 156 3.00 37.57 -17.92
C GLN F 156 1.78 36.81 -18.41
N SER F 157 1.78 36.49 -19.70
CA SER F 157 0.73 35.68 -20.30
C SER F 157 1.24 35.05 -21.59
N GLY F 158 0.89 33.77 -21.79
CA GLY F 158 1.13 33.10 -23.05
C GLY F 158 2.54 32.59 -23.28
N ASN F 159 3.45 32.78 -22.32
CA ASN F 159 4.84 32.34 -22.49
C ASN F 159 5.24 31.30 -21.45
N SER F 160 4.27 30.58 -20.89
CA SER F 160 4.58 29.56 -19.90
C SER F 160 3.69 28.34 -20.09
N GLN F 161 4.24 27.17 -19.74
CA GLN F 161 3.52 25.91 -19.77
C GLN F 161 3.70 25.22 -18.43
N GLU F 162 2.68 24.47 -18.01
CA GLU F 162 2.74 23.79 -16.73
C GLU F 162 2.31 22.34 -16.89
N SER F 163 2.69 21.54 -15.88
CA SER F 163 2.51 20.10 -15.92
C SER F 163 2.33 19.62 -14.48
N VAL F 164 1.47 18.63 -14.29
CA VAL F 164 1.10 18.15 -12.95
C VAL F 164 1.28 16.64 -12.89
N THR F 165 1.81 16.17 -11.77
CA THR F 165 1.94 14.73 -11.53
C THR F 165 0.58 14.13 -11.15
N GLU F 166 0.53 12.81 -11.13
CA GLU F 166 -0.58 12.09 -10.54
C GLU F 166 -0.45 12.14 -9.01
N GLN F 167 -1.55 11.81 -8.33
CA GLN F 167 -1.55 11.87 -6.87
C GLN F 167 -0.51 10.92 -6.29
N ASP F 168 0.29 11.44 -5.35
CA ASP F 168 1.34 10.66 -4.73
C ASP F 168 0.75 9.44 -4.00
N SER F 169 1.42 8.30 -4.14
CA SER F 169 0.86 7.05 -3.64
C SER F 169 0.78 7.03 -2.12
N LYS F 170 1.53 7.88 -1.42
CA LYS F 170 1.59 7.84 0.03
C LYS F 170 0.85 8.98 0.71
N ASP F 171 0.94 10.22 0.21
CA ASP F 171 0.25 11.33 0.85
C ASP F 171 -0.83 11.95 -0.02
N SER F 172 -1.05 11.44 -1.24
CA SER F 172 -2.15 11.81 -2.12
C SER F 172 -2.07 13.26 -2.59
N THR F 173 -0.90 13.88 -2.54
CA THR F 173 -0.79 15.25 -3.00
C THR F 173 -0.40 15.31 -4.48
N TYR F 174 -0.56 16.49 -5.06
CA TYR F 174 -0.10 16.79 -6.41
C TYR F 174 1.18 17.60 -6.33
N SER F 175 1.96 17.55 -7.41
CA SER F 175 3.10 18.44 -7.60
C SER F 175 2.99 19.05 -8.98
N LEU F 176 3.44 20.30 -9.12
CA LEU F 176 3.25 21.04 -10.35
C LEU F 176 4.53 21.78 -10.71
N SER F 177 4.88 21.74 -11.98
CA SER F 177 6.00 22.51 -12.51
C SER F 177 5.47 23.50 -13.52
N SER F 178 5.89 24.76 -13.39
CA SER F 178 5.56 25.81 -14.35
C SER F 178 6.85 26.32 -14.96
N THR F 179 6.92 26.35 -16.29
CA THR F 179 8.14 26.71 -16.99
C THR F 179 7.88 27.96 -17.83
N LEU F 180 8.60 29.04 -17.51
CA LEU F 180 8.58 30.24 -18.32
C LEU F 180 9.70 30.14 -19.33
N THR F 181 9.38 30.30 -20.61
CA THR F 181 10.36 30.13 -21.68
C THR F 181 10.51 31.43 -22.45
N LEU F 182 11.75 31.93 -22.50
CA LEU F 182 12.09 33.09 -23.29
C LEU F 182 13.39 32.82 -24.01
N SER F 183 13.66 33.61 -25.05
CA SER F 183 15.00 33.63 -25.61
C SER F 183 15.96 34.23 -24.59
N LYS F 184 17.25 33.96 -24.78
CA LYS F 184 18.24 34.50 -23.87
C LYS F 184 18.23 36.03 -23.88
N ALA F 185 18.18 36.61 -25.08
CA ALA F 185 18.20 38.06 -25.19
C ALA F 185 16.99 38.69 -24.49
N ASP F 186 15.82 38.08 -24.62
CA ASP F 186 14.67 38.55 -23.85
C ASP F 186 14.95 38.43 -22.35
N TYR F 187 15.54 37.31 -21.94
CA TYR F 187 15.78 37.07 -20.52
C TYR F 187 16.76 38.08 -19.93
N GLU F 188 17.75 38.52 -20.71
CA GLU F 188 18.75 39.44 -20.21
C GLU F 188 18.29 40.89 -20.22
N LYS F 189 17.11 41.17 -20.78
CA LYS F 189 16.55 42.52 -20.75
C LYS F 189 15.96 42.88 -19.39
N HIS F 190 15.71 41.90 -18.52
CA HIS F 190 14.98 42.14 -17.29
C HIS F 190 15.77 41.63 -16.10
N LYS F 191 15.37 42.10 -14.92
CA LYS F 191 16.09 41.83 -13.68
C LYS F 191 15.37 40.84 -12.77
N VAL F 192 14.14 41.15 -12.36
CA VAL F 192 13.43 40.38 -11.35
C VAL F 192 12.50 39.39 -12.04
N TYR F 193 12.67 38.11 -11.73
CA TYR F 193 11.79 37.04 -12.21
C TYR F 193 11.11 36.40 -11.02
N ALA F 194 9.78 36.50 -10.98
CA ALA F 194 9.01 36.01 -9.83
C ALA F 194 7.97 35.00 -10.26
N CYS F 195 7.69 34.07 -9.36
CA CYS F 195 6.63 33.09 -9.48
C CYS F 195 5.67 33.30 -8.32
N GLU F 196 4.43 33.62 -8.62
CA GLU F 196 3.41 33.89 -7.60
C GLU F 196 2.39 32.77 -7.61
N VAL F 197 2.19 32.14 -6.45
CA VAL F 197 1.37 30.95 -6.32
C VAL F 197 0.16 31.28 -5.46
N THR F 198 -1.03 30.96 -5.96
CA THR F 198 -2.27 31.07 -5.20
C THR F 198 -2.81 29.67 -4.96
N HIS F 199 -3.02 29.33 -3.68
CA HIS F 199 -3.57 28.02 -3.35
C HIS F 199 -4.37 28.12 -2.06
N GLN F 200 -5.34 27.21 -1.94
CA GLN F 200 -6.23 27.20 -0.79
C GLN F 200 -5.46 27.05 0.51
N GLY F 201 -4.38 26.28 0.49
CA GLY F 201 -3.58 26.07 1.69
C GLY F 201 -2.78 27.28 2.14
N LEU F 202 -2.62 28.28 1.28
CA LEU F 202 -1.80 29.45 1.59
C LEU F 202 -2.68 30.58 2.09
N SER F 203 -2.28 31.19 3.22
CA SER F 203 -3.00 32.35 3.72
C SER F 203 -2.92 33.50 2.73
N SER F 204 -1.75 33.75 2.18
CA SER F 204 -1.51 34.78 1.18
C SER F 204 -0.75 34.16 0.02
N PRO F 205 -0.82 34.75 -1.17
CA PRO F 205 -0.02 34.25 -2.29
C PRO F 205 1.46 34.27 -1.95
N VAL F 206 2.15 33.18 -2.31
CA VAL F 206 3.57 33.03 -2.06
C VAL F 206 4.31 33.41 -3.34
N THR F 207 5.27 34.31 -3.21
CA THR F 207 6.04 34.74 -4.36
C THR F 207 7.49 34.33 -4.14
N LYS F 208 8.02 33.49 -5.01
CA LYS F 208 9.44 33.20 -5.05
C LYS F 208 10.04 33.96 -6.23
N SER F 209 11.18 34.60 -6.00
CA SER F 209 11.77 35.43 -7.04
C SER F 209 13.29 35.44 -6.88
N PHE F 210 13.96 35.88 -7.95
CA PHE F 210 15.40 36.05 -7.97
C PHE F 210 15.72 37.23 -8.88
N ASN F 211 16.99 37.65 -8.84
CA ASN F 211 17.49 38.72 -9.68
C ASN F 211 18.50 38.18 -10.67
N ARG F 212 18.58 38.86 -11.82
CA ARG F 212 19.47 38.59 -12.97
C ARG F 212 18.74 37.74 -14.03
C1 NAG G . 38.25 -2.63 23.27
C2 NAG G . 37.92 -4.03 22.76
C3 NAG G . 36.67 -3.99 21.89
C4 NAG G . 35.52 -3.34 22.64
C5 NAG G . 35.94 -1.97 23.17
C6 NAG G . 34.88 -1.30 24.02
C7 NAG G . 40.07 -5.22 22.61
C8 NAG G . 41.13 -5.75 21.70
N2 NAG G . 39.03 -4.60 22.02
O3 NAG G . 36.32 -5.31 21.50
O4 NAG G . 34.38 -3.19 21.79
O5 NAG G . 37.11 -2.09 23.98
O6 NAG G . 34.74 -1.97 25.28
O7 NAG G . 40.14 -5.33 23.83
C1 NAG G . 33.36 -4.17 22.10
C2 NAG G . 32.50 -4.39 20.86
C3 NAG G . 31.45 -5.47 21.13
C4 NAG G . 32.11 -6.74 21.64
C5 NAG G . 32.97 -6.42 22.87
C6 NAG G . 33.76 -7.61 23.37
C7 NAG G . 32.44 -2.30 19.58
C8 NAG G . 31.63 -1.08 19.25
N2 NAG G . 31.87 -3.16 20.43
O3 NAG G . 30.75 -5.76 19.93
O4 NAG G . 31.12 -7.70 22.00
O5 NAG G . 33.94 -5.41 22.54
O6 NAG G . 33.02 -8.81 23.26
O7 NAG G . 33.55 -2.49 19.09
C1 NAG H . 25.24 47.37 39.66
C2 NAG H . 24.18 48.03 38.77
C3 NAG H . 24.83 48.98 37.77
C4 NAG H . 25.75 49.96 38.47
C5 NAG H . 26.77 49.21 39.31
C6 NAG H . 27.70 50.11 40.09
C7 NAG H . 22.24 47.27 37.44
C8 NAG H . 21.57 46.09 36.80
N2 NAG H . 23.38 47.01 38.09
O3 NAG H . 23.82 49.70 37.06
O4 NAG H . 26.42 50.79 37.53
O5 NAG H . 26.08 48.38 40.26
O6 NAG H . 26.97 51.08 40.83
O7 NAG H . 21.76 48.40 37.38
C ACT I . 9.79 14.45 47.72
O ACT I . 9.27 13.86 46.73
OXT ACT I . 10.22 15.63 47.80
CH3 ACT I . 9.98 13.61 49.02
C1 NAG J . 0.11 -25.35 -39.02
C2 NAG J . 1.51 -24.74 -38.91
C3 NAG J . 1.65 -23.98 -37.59
C4 NAG J . 0.53 -22.96 -37.44
C5 NAG J . -0.83 -23.64 -37.62
C6 NAG J . -1.99 -22.67 -37.60
C7 NAG J . 3.05 -26.17 -40.18
C8 NAG J . 4.10 -27.23 -40.11
N2 NAG J . 2.54 -25.77 -39.02
O3 NAG J . 2.91 -23.33 -37.55
O4 NAG J . 0.59 -22.35 -36.15
O5 NAG J . -0.87 -24.32 -38.88
O6 NAG J . -2.04 -21.91 -38.80
O7 NAG J . 2.67 -25.70 -41.26
C ACT K . -30.39 0.97 -39.48
O ACT K . -31.26 0.11 -39.13
OXT ACT K . -30.35 1.63 -40.54
CH3 ACT K . -29.22 1.24 -38.48
#